data_7AZK
#
_entry.id   7AZK
#
_cell.length_a   79.815
_cell.length_b   135.827
_cell.length_c   87.541
_cell.angle_alpha   90.000
_cell.angle_beta   106.150
_cell.angle_gamma   90.000
#
_symmetry.space_group_name_H-M   'P 1 21 1'
#
loop_
_entity.id
_entity.type
_entity.pdbx_description
1 polymer 'Beta sliding clamp'
2 polymer 'Peptide 35'
3 non-polymer GLYCEROL
4 non-polymer 'POTASSIUM ION'
5 non-polymer 'PENTAETHYLENE GLYCOL'
6 non-polymer 'CHLORIDE ION'
7 non-polymer DI(HYDROXYETHYL)ETHER
8 water water
#
loop_
_entity_poly.entity_id
_entity_poly.type
_entity_poly.pdbx_seq_one_letter_code
_entity_poly.pdbx_strand_id
1 'polypeptide(L)'
;MGSSHHHHHHSSGLVPRGSHMKFTVEREHLLKPLQQVSGPLGGRPTLPILGNLLLQVADGTLSLTGTDLEMEMVARVALV
QPHEPGATTVPARKFFDICRGLPEGAEIAVQLEGERMLVRSGRSRFSLSTLPAADFPNLDDWQSEVEFTLPQATMKRLIE
ATQFSMAHQDVRYYLNGMLFETEGEELRTVATDGHRLAVCSMPIGQSLPSHSVIVPRKGVIELMRMLDGGDNPLRVQIGS
NNIRAHVGDFIFTSKLVDGRFPDYRRVLPKNPDKHLEAGCDLLKQAFARAAILSNEKFRGVRLYVSENQLKITANNPEQE
EAEEILDVTYSGAEMEIGFNVSYVLDVLNALKCENVRMMLTDSVSSVQIEDAASQSAAYVVMPMRL
;
A,B,C,D
2 'polypeptide(L)' (ACE)Q(ALC)(SOQ)L(ZCL) H,I,J,K
#
loop_
_chem_comp.id
_chem_comp.type
_chem_comp.name
_chem_comp.formula
1PE non-polymer 'PENTAETHYLENE GLYCOL' 'C10 H22 O6'
ACE non-polymer 'ACETYL GROUP' 'C2 H4 O'
CL non-polymer 'CHLORIDE ION' 'Cl -1'
GOL non-polymer GLYCEROL 'C3 H8 O3'
K non-polymer 'POTASSIUM ION' 'K 1'
PEG non-polymer DI(HYDROXYETHYL)ETHER 'C4 H10 O3'
SOQ non-polymer 'N-methyl-L-aspartic acid' 'C5 H9 N O4'
#
# COMPACT_ATOMS: atom_id res chain seq x y z
N SER A 19 26.62 -25.29 -33.47
CA SER A 19 26.00 -26.49 -32.86
C SER A 19 27.05 -27.44 -32.29
N HIS A 20 28.32 -27.04 -32.37
CA HIS A 20 29.42 -27.89 -31.92
C HIS A 20 30.28 -27.21 -30.85
N MET A 21 29.70 -26.23 -30.16
CA MET A 21 30.41 -25.53 -29.09
C MET A 21 30.95 -26.52 -28.07
N LYS A 22 32.19 -26.31 -27.65
CA LYS A 22 32.81 -27.14 -26.63
CA LYS A 22 32.81 -27.14 -26.63
C LYS A 22 33.75 -26.29 -25.81
N PHE A 23 33.76 -26.50 -24.49
CA PHE A 23 34.73 -25.83 -23.63
C PHE A 23 34.81 -26.60 -22.32
N THR A 24 35.99 -26.52 -21.68
CA THR A 24 36.22 -27.08 -20.36
C THR A 24 36.82 -25.97 -19.51
N VAL A 25 36.16 -25.65 -18.39
CA VAL A 25 36.59 -24.57 -17.52
C VAL A 25 36.61 -25.08 -16.08
N GLU A 26 37.58 -24.62 -15.30
CA GLU A 26 37.64 -24.96 -13.89
C GLU A 26 36.52 -24.25 -13.15
N ARG A 27 35.94 -24.95 -12.17
CA ARG A 27 34.73 -24.48 -11.52
C ARG A 27 34.85 -23.04 -11.03
N GLU A 28 35.94 -22.73 -10.32
CA GLU A 28 36.03 -21.42 -9.69
C GLU A 28 36.25 -20.30 -10.69
N HIS A 29 36.65 -20.60 -11.92
CA HIS A 29 36.70 -19.57 -12.96
C HIS A 29 35.35 -19.35 -13.62
N LEU A 30 34.38 -20.24 -13.38
CA LEU A 30 33.06 -20.16 -13.98
C LEU A 30 31.99 -19.69 -13.00
N LEU A 31 32.23 -19.83 -11.70
CA LEU A 31 31.18 -19.66 -10.70
C LEU A 31 30.69 -18.22 -10.63
N LYS A 32 31.59 -17.29 -10.34
CA LYS A 32 31.17 -15.89 -10.23
C LYS A 32 30.57 -15.36 -11.53
N PRO A 33 31.14 -15.62 -12.71
CA PRO A 33 30.44 -15.22 -13.95
C PRO A 33 29.01 -15.72 -14.01
N LEU A 34 28.79 -17.02 -13.77
CA LEU A 34 27.43 -17.55 -13.82
C LEU A 34 26.54 -16.88 -12.79
N GLN A 35 27.05 -16.69 -11.57
CA GLN A 35 26.24 -16.05 -10.53
C GLN A 35 25.85 -14.64 -10.94
N GLN A 36 26.79 -13.88 -11.50
CA GLN A 36 26.51 -12.49 -11.84
C GLN A 36 25.52 -12.38 -13.00
N VAL A 37 25.71 -13.17 -14.05
CA VAL A 37 24.82 -13.02 -15.20
C VAL A 37 23.46 -13.70 -14.96
N SER A 38 23.41 -14.74 -14.14
CA SER A 38 22.16 -15.47 -13.94
C SER A 38 21.29 -14.90 -12.82
N GLY A 39 21.86 -14.15 -11.89
CA GLY A 39 21.13 -13.67 -10.74
C GLY A 39 19.87 -12.92 -11.11
N PRO A 40 20.00 -11.92 -11.99
CA PRO A 40 18.84 -11.08 -12.35
C PRO A 40 17.80 -11.78 -13.21
N LEU A 41 18.01 -13.02 -13.63
CA LEU A 41 17.12 -13.64 -14.59
C LEU A 41 16.00 -14.39 -13.89
N GLY A 42 14.97 -14.75 -14.67
CA GLY A 42 13.82 -15.45 -14.16
C GLY A 42 12.60 -14.60 -13.88
N GLY A 43 12.66 -13.31 -14.18
CA GLY A 43 11.56 -12.41 -13.95
C GLY A 43 10.57 -12.27 -15.08
N ARG A 44 10.79 -12.94 -16.21
CA ARG A 44 9.91 -12.87 -17.36
C ARG A 44 9.48 -14.28 -17.75
N PRO A 45 8.59 -14.91 -16.96
CA PRO A 45 8.26 -16.32 -17.20
C PRO A 45 7.49 -16.57 -18.49
N THR A 46 6.83 -15.57 -19.06
CA THR A 46 6.10 -15.76 -20.32
C THR A 46 7.04 -15.72 -21.52
N LEU A 47 8.29 -15.29 -21.33
CA LEU A 47 9.30 -15.20 -22.38
C LEU A 47 10.42 -16.16 -22.00
N PRO A 48 10.29 -17.44 -22.36
CA PRO A 48 11.24 -18.46 -21.85
C PRO A 48 12.71 -18.16 -22.09
N ILE A 49 13.08 -17.65 -23.27
CA ILE A 49 14.49 -17.52 -23.56
C ILE A 49 15.17 -16.47 -22.68
N LEU A 50 14.41 -15.55 -22.08
CA LEU A 50 15.02 -14.60 -21.16
C LEU A 50 15.44 -15.24 -19.85
N GLY A 51 14.96 -16.45 -19.56
CA GLY A 51 15.44 -17.22 -18.43
C GLY A 51 16.70 -18.00 -18.71
N ASN A 52 17.20 -17.94 -19.95
CA ASN A 52 18.40 -18.64 -20.35
C ASN A 52 19.58 -17.68 -20.45
N LEU A 53 20.78 -18.24 -20.35
CA LEU A 53 22.01 -17.52 -20.62
C LEU A 53 22.46 -17.81 -22.03
N LEU A 54 22.94 -16.79 -22.72
CA LEU A 54 23.56 -16.95 -24.03
C LEU A 54 25.03 -17.28 -23.83
N LEU A 55 25.45 -18.45 -24.32
CA LEU A 55 26.84 -18.87 -24.27
C LEU A 55 27.43 -18.77 -25.67
N GLN A 56 28.59 -18.12 -25.77
CA GLN A 56 29.28 -17.95 -27.05
C GLN A 56 30.76 -18.26 -26.85
N VAL A 57 31.30 -19.18 -27.64
CA VAL A 57 32.72 -19.46 -27.68
C VAL A 57 33.25 -18.91 -28.99
N ALA A 58 34.14 -17.93 -28.90
CA ALA A 58 34.80 -17.35 -30.06
C ALA A 58 36.22 -17.02 -29.67
N ASP A 59 37.17 -17.31 -30.57
CA ASP A 59 38.61 -17.14 -30.31
C ASP A 59 38.91 -17.87 -29.00
N GLY A 60 39.54 -17.23 -28.02
CA GLY A 60 39.80 -17.87 -26.75
C GLY A 60 38.94 -17.34 -25.62
N THR A 61 37.69 -16.98 -25.92
CA THR A 61 36.80 -16.39 -24.92
C THR A 61 35.44 -17.05 -24.92
N LEU A 62 34.94 -17.33 -23.71
CA LEU A 62 33.56 -17.72 -23.49
C LEU A 62 32.83 -16.49 -22.96
N SER A 63 31.78 -16.07 -23.66
CA SER A 63 30.95 -14.95 -23.24
C SER A 63 29.64 -15.47 -22.71
N LEU A 64 29.19 -14.92 -21.58
CA LEU A 64 27.95 -15.31 -20.94
C LEU A 64 27.07 -14.07 -20.84
N THR A 65 25.86 -14.14 -21.40
CA THR A 65 24.98 -12.98 -21.43
C THR A 65 23.60 -13.35 -20.90
N GLY A 66 23.06 -12.51 -20.05
CA GLY A 66 21.69 -12.64 -19.60
C GLY A 66 21.02 -11.28 -19.59
N THR A 67 19.73 -11.29 -19.88
CA THR A 67 18.99 -10.04 -19.99
C THR A 67 17.52 -10.26 -19.65
N ASP A 68 16.86 -9.17 -19.26
CA ASP A 68 15.41 -9.11 -19.14
C ASP A 68 14.84 -8.05 -20.07
N LEU A 69 15.63 -7.65 -21.08
CA LEU A 69 15.27 -6.64 -22.08
C LEU A 69 15.40 -5.23 -21.54
N GLU A 70 15.29 -5.05 -20.22
CA GLU A 70 15.54 -3.74 -19.63
C GLU A 70 17.02 -3.53 -19.30
N MET A 71 17.68 -4.56 -18.80
CA MET A 71 19.10 -4.49 -18.50
C MET A 71 19.76 -5.81 -18.87
N GLU A 72 21.09 -5.79 -18.92
CA GLU A 72 21.86 -6.91 -19.43
C GLU A 72 23.18 -7.02 -18.69
N MET A 73 23.62 -8.25 -18.47
CA MET A 73 24.87 -8.56 -17.79
C MET A 73 25.68 -9.49 -18.68
N VAL A 74 26.93 -9.14 -18.92
CA VAL A 74 27.83 -9.91 -19.77
C VAL A 74 29.08 -10.23 -18.96
N ALA A 75 29.52 -11.48 -19.04
CA ALA A 75 30.75 -11.92 -18.39
C ALA A 75 31.62 -12.61 -19.41
N ARG A 76 32.93 -12.34 -19.35
CA ARG A 76 33.90 -12.94 -20.23
C ARG A 76 34.73 -13.92 -19.41
N VAL A 77 34.94 -15.12 -19.96
CA VAL A 77 35.75 -16.15 -19.33
C VAL A 77 36.83 -16.57 -20.30
N ALA A 78 38.09 -16.51 -19.85
CA ALA A 78 39.19 -16.94 -20.69
C ALA A 78 39.19 -18.45 -20.81
N LEU A 79 39.36 -18.94 -22.03
CA LEU A 79 39.33 -20.39 -22.28
C LEU A 79 40.79 -20.81 -22.47
N VAL A 80 41.39 -21.31 -21.40
CA VAL A 80 42.77 -21.75 -21.43
C VAL A 80 42.90 -23.17 -21.95
N GLN A 81 41.89 -23.99 -21.71
CA GLN A 81 41.87 -25.36 -22.17
C GLN A 81 41.28 -25.45 -23.56
N PRO A 82 41.53 -26.53 -24.27
CA PRO A 82 41.03 -26.64 -25.65
C PRO A 82 39.53 -26.38 -25.72
N HIS A 83 39.10 -25.75 -26.80
CA HIS A 83 37.71 -25.35 -26.96
C HIS A 83 37.38 -25.33 -28.44
N GLU A 84 36.08 -25.30 -28.74
CA GLU A 84 35.60 -25.21 -30.11
C GLU A 84 34.51 -24.15 -30.18
N PRO A 85 34.48 -23.36 -31.24
CA PRO A 85 33.56 -22.22 -31.30
C PRO A 85 32.12 -22.67 -31.49
N GLY A 86 31.21 -21.81 -31.07
CA GLY A 86 29.79 -22.09 -31.19
C GLY A 86 29.00 -21.23 -30.21
N ALA A 87 27.68 -21.43 -30.24
CA ALA A 87 26.82 -20.66 -29.36
C ALA A 87 25.51 -21.41 -29.13
N THR A 88 24.93 -21.18 -27.95
CA THR A 88 23.61 -21.69 -27.59
C THR A 88 23.10 -20.88 -26.40
N THR A 89 21.90 -21.22 -25.93
CA THR A 89 21.35 -20.65 -24.72
C THR A 89 20.83 -21.80 -23.85
N VAL A 90 21.01 -21.66 -22.54
CA VAL A 90 20.62 -22.70 -21.58
C VAL A 90 19.99 -22.04 -20.37
N PRO A 91 19.14 -22.80 -19.65
CA PRO A 91 18.54 -22.25 -18.41
C PRO A 91 19.62 -21.75 -17.45
N ALA A 92 19.53 -20.48 -17.09
CA ALA A 92 20.61 -19.82 -16.36
C ALA A 92 20.80 -20.42 -14.96
N ARG A 93 19.74 -20.39 -14.15
CA ARG A 93 19.85 -20.80 -12.76
C ARG A 93 20.25 -22.28 -12.63
N LYS A 94 19.66 -23.16 -13.44
CA LYS A 94 20.03 -24.57 -13.38
C LYS A 94 21.51 -24.76 -13.68
N PHE A 95 22.01 -24.09 -14.72
CA PHE A 95 23.42 -24.22 -15.05
C PHE A 95 24.30 -23.69 -13.93
N PHE A 96 23.89 -22.58 -13.29
CA PHE A 96 24.64 -22.07 -12.16
C PHE A 96 24.60 -23.06 -10.99
N ASP A 97 23.43 -23.60 -10.69
CA ASP A 97 23.29 -24.52 -9.57
C ASP A 97 24.16 -25.76 -9.78
N ILE A 98 24.21 -26.27 -11.01
CA ILE A 98 25.03 -27.44 -11.30
C ILE A 98 26.49 -27.16 -10.98
N CYS A 99 27.02 -26.07 -11.54
CA CYS A 99 28.44 -25.74 -11.31
C CYS A 99 28.71 -25.50 -9.83
N ARG A 100 27.81 -24.80 -9.14
CA ARG A 100 28.01 -24.53 -7.72
C ARG A 100 27.85 -25.81 -6.89
N GLY A 101 27.06 -26.76 -7.37
CA GLY A 101 26.91 -28.02 -6.64
C GLY A 101 28.07 -28.98 -6.80
N LEU A 102 28.90 -28.78 -7.83
CA LEU A 102 30.06 -29.64 -8.02
C LEU A 102 31.13 -29.32 -6.98
N PRO A 103 32.02 -30.26 -6.71
CA PRO A 103 33.03 -30.04 -5.66
C PRO A 103 34.07 -29.02 -6.07
N GLU A 104 34.71 -28.43 -5.04
CA GLU A 104 35.79 -27.49 -5.28
C GLU A 104 36.89 -28.13 -6.13
N GLY A 105 37.35 -27.40 -7.12
CA GLY A 105 38.38 -27.89 -8.02
C GLY A 105 37.85 -28.66 -9.22
N ALA A 106 36.54 -28.83 -9.34
CA ALA A 106 35.99 -29.64 -10.41
C ALA A 106 36.29 -29.05 -11.77
N GLU A 107 36.57 -29.92 -12.74
CA GLU A 107 36.69 -29.52 -14.13
C GLU A 107 35.34 -29.72 -14.80
N ILE A 108 34.82 -28.68 -15.44
CA ILE A 108 33.48 -28.69 -15.99
C ILE A 108 33.61 -28.72 -17.50
N ALA A 109 33.30 -29.86 -18.11
CA ALA A 109 33.36 -30.04 -19.55
C ALA A 109 31.97 -29.84 -20.12
N VAL A 110 31.84 -28.92 -21.06
CA VAL A 110 30.56 -28.60 -21.69
C VAL A 110 30.70 -28.83 -23.20
N GLN A 111 29.69 -29.46 -23.78
CA GLN A 111 29.66 -29.62 -25.23
C GLN A 111 28.21 -29.70 -25.66
N LEU A 112 27.95 -29.19 -26.86
CA LEU A 112 26.61 -29.15 -27.42
C LEU A 112 26.42 -30.38 -28.29
N GLU A 113 25.28 -31.04 -28.15
CA GLU A 113 24.97 -32.24 -28.94
C GLU A 113 23.53 -32.07 -29.41
N GLY A 114 23.39 -31.44 -30.57
CA GLY A 114 22.08 -31.14 -31.10
C GLY A 114 21.50 -29.98 -30.32
N GLU A 115 20.28 -30.16 -29.80
CA GLU A 115 19.61 -29.16 -28.98
C GLU A 115 19.72 -29.44 -27.48
N ARG A 116 20.66 -30.30 -27.08
CA ARG A 116 20.93 -30.53 -25.68
C ARG A 116 22.34 -30.03 -25.40
N MET A 117 22.55 -29.41 -24.24
CA MET A 117 23.89 -29.05 -23.80
C MET A 117 24.29 -30.05 -22.72
N LEU A 118 25.41 -30.71 -22.92
CA LEU A 118 25.88 -31.75 -22.01
C LEU A 118 26.94 -31.16 -21.10
N VAL A 119 26.80 -31.39 -19.80
CA VAL A 119 27.74 -30.91 -18.79
C VAL A 119 28.28 -32.13 -18.06
N ARG A 120 29.59 -32.30 -18.08
CA ARG A 120 30.23 -33.46 -17.47
C ARG A 120 31.30 -33.00 -16.50
N SER A 121 31.40 -33.69 -15.37
CA SER A 121 32.44 -33.41 -14.38
C SER A 121 32.55 -34.61 -13.47
N GLY A 122 33.75 -35.17 -13.36
CA GLY A 122 33.89 -36.40 -12.58
C GLY A 122 32.96 -37.44 -13.18
N ARG A 123 32.11 -38.02 -12.33
CA ARG A 123 31.05 -38.90 -12.79
C ARG A 123 29.68 -38.28 -12.55
N SER A 124 29.58 -36.96 -12.75
CA SER A 124 28.33 -36.24 -12.76
C SER A 124 28.06 -35.81 -14.19
N ARG A 125 26.89 -36.17 -14.71
CA ARG A 125 26.51 -35.87 -16.08
C ARG A 125 25.16 -35.18 -16.07
N PHE A 126 25.05 -34.09 -16.84
CA PHE A 126 23.81 -33.33 -16.90
C PHE A 126 23.49 -32.97 -18.34
N SER A 127 22.21 -33.04 -18.68
CA SER A 127 21.72 -32.73 -20.02
C SER A 127 20.68 -31.62 -19.90
N LEU A 128 21.02 -30.44 -20.42
CA LEU A 128 20.15 -29.28 -20.32
C LEU A 128 19.47 -28.99 -21.66
N SER A 129 18.25 -28.46 -21.57
CA SER A 129 17.50 -28.05 -22.74
C SER A 129 17.98 -26.68 -23.21
N THR A 130 17.98 -26.48 -24.54
CA THR A 130 18.48 -25.25 -25.12
C THR A 130 17.41 -24.56 -25.96
N LEU A 131 17.66 -23.28 -26.23
CA LEU A 131 16.96 -22.52 -27.27
C LEU A 131 18.01 -21.88 -28.16
N PRO A 132 17.73 -21.72 -29.45
CA PRO A 132 18.78 -21.30 -30.38
C PRO A 132 19.35 -19.93 -30.02
N ALA A 133 20.67 -19.80 -30.17
CA ALA A 133 21.32 -18.52 -29.92
C ALA A 133 20.78 -17.45 -30.86
N ALA A 134 20.36 -17.85 -32.07
CA ALA A 134 19.81 -16.89 -33.01
C ALA A 134 18.55 -16.21 -32.49
N ASP A 135 17.85 -16.84 -31.56
CA ASP A 135 16.62 -16.27 -31.00
C ASP A 135 16.86 -15.36 -29.81
N PHE A 136 18.10 -15.25 -29.32
CA PHE A 136 18.38 -14.46 -28.14
C PHE A 136 18.27 -12.98 -28.50
N PRO A 137 17.58 -12.16 -27.70
CA PRO A 137 17.42 -10.75 -28.08
C PRO A 137 18.75 -10.08 -28.36
N ASN A 138 18.92 -9.61 -29.59
CA ASN A 138 20.18 -9.02 -30.02
C ASN A 138 20.36 -7.64 -29.39
N LEU A 139 21.58 -7.36 -28.95
CA LEU A 139 21.83 -6.26 -28.03
C LEU A 139 21.33 -4.93 -28.59
N ASP A 140 20.90 -4.06 -27.68
CA ASP A 140 20.61 -2.68 -28.03
C ASP A 140 21.87 -2.02 -28.60
N ASP A 141 21.77 -1.49 -29.81
CA ASP A 141 22.89 -0.84 -30.47
C ASP A 141 22.86 0.63 -30.09
N TRP A 142 23.89 1.10 -29.39
CA TRP A 142 23.93 2.49 -28.96
C TRP A 142 25.37 2.95 -28.82
N GLN A 143 25.55 4.28 -28.81
CA GLN A 143 26.85 4.93 -28.77
C GLN A 143 27.04 5.66 -27.45
N SER A 144 28.25 5.60 -26.93
CA SER A 144 28.58 6.30 -25.69
C SER A 144 28.74 7.79 -25.93
N GLU A 145 28.16 8.59 -25.03
CA GLU A 145 28.31 10.05 -25.06
C GLU A 145 29.23 10.60 -23.99
N VAL A 146 29.34 9.92 -22.85
CA VAL A 146 30.20 10.35 -21.75
C VAL A 146 30.86 9.13 -21.15
N GLU A 147 32.13 9.27 -20.78
CA GLU A 147 32.91 8.16 -20.24
C GLU A 147 33.80 8.66 -19.12
N PHE A 148 33.96 7.82 -18.09
CA PHE A 148 34.84 8.16 -16.99
C PHE A 148 35.12 6.91 -16.19
N THR A 149 36.20 6.96 -15.41
CA THR A 149 36.62 5.89 -14.53
C THR A 149 36.64 6.39 -13.10
N LEU A 150 36.35 5.50 -12.16
CA LEU A 150 36.38 5.85 -10.75
C LEU A 150 36.52 4.56 -9.94
N PRO A 151 37.00 4.65 -8.70
CA PRO A 151 37.10 3.45 -7.85
C PRO A 151 35.72 2.88 -7.55
N GLN A 152 35.68 1.56 -7.38
CA GLN A 152 34.41 0.92 -7.03
C GLN A 152 33.86 1.47 -5.72
N ALA A 153 34.73 1.74 -4.75
CA ALA A 153 34.27 2.24 -3.47
C ALA A 153 33.57 3.58 -3.60
N THR A 154 33.99 4.42 -4.55
CA THR A 154 33.35 5.72 -4.72
C THR A 154 31.93 5.55 -5.24
N MET A 155 31.73 4.67 -6.22
CA MET A 155 30.38 4.38 -6.69
C MET A 155 29.57 3.71 -5.59
N LYS A 156 30.22 2.86 -4.79
CA LYS A 156 29.56 2.24 -3.65
C LYS A 156 29.00 3.30 -2.71
N ARG A 157 29.82 4.30 -2.39
CA ARG A 157 29.40 5.37 -1.48
C ARG A 157 28.30 6.23 -2.08
N LEU A 158 28.43 6.60 -3.36
CA LEU A 158 27.41 7.45 -3.98
C LEU A 158 26.04 6.80 -3.93
N ILE A 159 25.95 5.49 -4.15
CA ILE A 159 24.65 4.82 -4.19
C ILE A 159 24.10 4.62 -2.79
N GLU A 160 24.92 4.11 -1.87
CA GLU A 160 24.43 3.86 -0.51
C GLU A 160 23.95 5.14 0.15
N ALA A 161 24.58 6.27 -0.16
CA ALA A 161 24.24 7.53 0.51
C ALA A 161 22.85 8.04 0.12
N THR A 162 22.31 7.61 -1.01
CA THR A 162 21.05 8.14 -1.51
C THR A 162 20.01 7.09 -1.84
N GLN A 163 20.39 5.82 -1.99
CA GLN A 163 19.47 4.80 -2.49
C GLN A 163 18.16 4.80 -1.72
N PHE A 164 18.22 4.95 -0.40
CA PHE A 164 17.02 4.79 0.42
C PHE A 164 15.98 5.87 0.16
N SER A 165 16.36 6.99 -0.45
CA SER A 165 15.41 8.07 -0.69
C SER A 165 14.70 7.96 -2.04
N MET A 166 15.02 6.95 -2.83
CA MET A 166 14.30 6.74 -4.09
C MET A 166 12.84 6.42 -3.81
N ALA A 167 11.98 6.84 -4.73
CA ALA A 167 10.56 6.50 -4.60
C ALA A 167 10.35 5.02 -4.88
N HIS A 168 9.32 4.47 -4.26
CA HIS A 168 8.93 3.07 -4.44
C HIS A 168 7.58 3.04 -5.16
N GLN A 169 7.58 2.63 -6.42
CA GLN A 169 6.35 2.41 -7.17
C GLN A 169 5.50 3.68 -7.19
N ASP A 170 6.16 4.83 -7.28
CA ASP A 170 5.44 6.09 -7.41
C ASP A 170 4.80 6.19 -8.80
N VAL A 171 3.60 6.77 -8.84
CA VAL A 171 2.93 6.97 -10.12
C VAL A 171 3.76 7.86 -11.02
N ARG A 172 4.61 8.70 -10.44
CA ARG A 172 5.57 9.52 -11.17
C ARG A 172 6.80 8.68 -11.47
N TYR A 173 6.80 8.04 -12.64
CA TYR A 173 7.82 7.05 -12.95
C TYR A 173 9.23 7.62 -12.85
N TYR A 174 9.40 8.92 -13.13
CA TYR A 174 10.72 9.52 -13.13
C TYR A 174 11.35 9.62 -11.74
N LEU A 175 10.60 9.31 -10.69
CA LEU A 175 11.14 9.28 -9.33
C LEU A 175 11.54 7.89 -8.88
N ASN A 176 11.14 6.85 -9.62
CA ASN A 176 11.49 5.47 -9.26
C ASN A 176 12.87 5.10 -9.79
N GLY A 177 13.85 5.92 -9.42
CA GLY A 177 15.20 5.73 -9.88
C GLY A 177 16.14 6.68 -9.18
N MET A 178 17.38 6.73 -9.66
CA MET A 178 18.42 7.54 -9.08
C MET A 178 19.03 8.43 -10.16
N LEU A 179 19.08 9.73 -9.89
CA LEU A 179 19.76 10.66 -10.79
C LEU A 179 21.26 10.50 -10.67
N PHE A 180 21.93 10.36 -11.81
CA PHE A 180 23.38 10.40 -11.89
C PHE A 180 23.77 11.66 -12.65
N GLU A 181 24.56 12.52 -12.02
CA GLU A 181 24.87 13.84 -12.55
C GLU A 181 26.38 13.99 -12.63
N THR A 182 26.89 14.30 -13.82
CA THR A 182 28.28 14.63 -14.04
C THR A 182 28.44 16.10 -14.38
N GLU A 183 29.43 16.76 -13.76
CA GLU A 183 29.72 18.14 -14.15
C GLU A 183 31.11 18.49 -13.63
N GLY A 184 31.99 18.92 -14.53
CA GLY A 184 33.36 19.22 -14.12
C GLY A 184 34.04 17.99 -13.56
N GLU A 185 34.64 18.14 -12.39
CA GLU A 185 35.35 17.05 -11.73
C GLU A 185 34.50 16.33 -10.69
N GLU A 186 33.17 16.42 -10.80
CA GLU A 186 32.27 15.88 -9.78
C GLU A 186 31.29 14.90 -10.40
N LEU A 187 31.06 13.80 -9.68
CA LEU A 187 29.95 12.89 -9.95
C LEU A 187 28.98 12.97 -8.77
N ARG A 188 27.69 13.09 -9.06
CA ARG A 188 26.68 13.30 -8.04
C ARG A 188 25.48 12.38 -8.26
N THR A 189 24.96 11.84 -7.17
CA THR A 189 23.74 11.06 -7.17
C THR A 189 22.66 11.79 -6.38
N VAL A 190 21.42 11.68 -6.85
CA VAL A 190 20.26 12.29 -6.19
C VAL A 190 19.09 11.31 -6.24
N ALA A 191 18.34 11.24 -5.14
CA ALA A 191 17.15 10.41 -5.06
C ALA A 191 16.12 11.13 -4.21
N THR A 192 14.85 11.07 -4.62
CA THR A 192 13.79 11.69 -3.87
C THR A 192 12.47 10.98 -4.13
N ASP A 193 11.54 11.12 -3.17
CA ASP A 193 10.18 10.62 -3.33
C ASP A 193 9.15 11.73 -3.14
N GLY A 194 9.58 12.99 -3.19
CA GLY A 194 8.71 14.11 -3.00
C GLY A 194 8.55 14.57 -1.56
N HIS A 195 8.80 13.68 -0.59
CA HIS A 195 8.75 14.04 0.82
C HIS A 195 10.13 14.25 1.41
N ARG A 196 11.13 13.53 0.92
CA ARG A 196 12.48 13.57 1.43
C ARG A 196 13.44 13.45 0.25
N LEU A 197 14.65 13.96 0.42
CA LEU A 197 15.62 13.99 -0.66
C LEU A 197 17.01 13.69 -0.11
N ALA A 198 17.81 13.02 -0.93
CA ALA A 198 19.20 12.70 -0.62
C ALA A 198 20.08 13.08 -1.81
N VAL A 199 21.20 13.73 -1.52
CA VAL A 199 22.16 14.14 -2.54
C VAL A 199 23.56 13.84 -2.02
N CYS A 200 24.40 13.28 -2.89
CA CYS A 200 25.78 12.95 -2.54
C CYS A 200 26.68 13.26 -3.72
N SER A 201 27.81 13.92 -3.44
CA SER A 201 28.76 14.31 -4.47
C SER A 201 30.15 13.79 -4.11
N MET A 202 30.88 13.32 -5.13
CA MET A 202 32.23 12.81 -5.00
C MET A 202 33.11 13.32 -6.13
N PRO A 203 34.37 13.66 -5.85
CA PRO A 203 35.28 14.05 -6.93
C PRO A 203 35.86 12.81 -7.61
N ILE A 204 36.06 12.93 -8.93
CA ILE A 204 36.58 11.79 -9.68
C ILE A 204 37.83 12.11 -10.49
N GLY A 205 38.19 13.39 -10.58
CA GLY A 205 39.46 13.72 -11.20
C GLY A 205 39.50 13.79 -12.70
N GLN A 206 38.36 13.85 -13.37
CA GLN A 206 38.30 14.02 -14.82
C GLN A 206 37.34 15.16 -15.12
N SER A 207 37.71 16.00 -16.09
CA SER A 207 36.79 17.05 -16.52
C SER A 207 35.71 16.43 -17.38
N LEU A 208 34.46 16.48 -16.89
CA LEU A 208 33.37 15.85 -17.61
C LEU A 208 32.37 16.90 -18.08
N PRO A 209 31.70 16.65 -19.19
CA PRO A 209 30.60 17.53 -19.60
C PRO A 209 29.40 17.38 -18.69
N SER A 210 28.57 18.42 -18.66
CA SER A 210 27.37 18.41 -17.84
C SER A 210 26.36 17.43 -18.42
N HIS A 211 25.92 16.47 -17.60
N HIS A 211 25.94 16.45 -17.61
CA HIS A 211 25.03 15.41 -18.05
CA HIS A 211 24.95 15.49 -18.06
C HIS A 211 24.22 14.91 -16.85
C HIS A 211 24.20 14.94 -16.86
N SER A 212 22.94 14.64 -17.08
CA SER A 212 22.04 14.14 -16.05
C SER A 212 21.22 12.99 -16.63
N VAL A 213 21.24 11.85 -15.95
CA VAL A 213 20.47 10.69 -16.38
C VAL A 213 19.87 10.03 -15.15
N ILE A 214 18.77 9.31 -15.37
CA ILE A 214 18.06 8.58 -14.32
C ILE A 214 18.27 7.09 -14.57
N VAL A 215 18.84 6.41 -13.58
CA VAL A 215 19.03 4.96 -13.64
C VAL A 215 17.86 4.31 -12.93
N PRO A 216 17.17 3.35 -13.54
CA PRO A 216 16.02 2.74 -12.88
C PRO A 216 16.41 2.03 -11.60
N ARG A 217 15.45 1.92 -10.69
CA ARG A 217 15.67 1.27 -9.40
C ARG A 217 16.38 -0.07 -9.57
N LYS A 218 15.80 -0.97 -10.37
CA LYS A 218 16.44 -2.27 -10.54
C LYS A 218 17.87 -2.12 -11.04
N GLY A 219 18.10 -1.19 -11.95
CA GLY A 219 19.46 -0.95 -12.43
C GLY A 219 20.40 -0.51 -11.33
N VAL A 220 19.92 0.36 -10.44
CA VAL A 220 20.76 0.79 -9.32
C VAL A 220 21.16 -0.41 -8.48
N ILE A 221 20.19 -1.26 -8.13
CA ILE A 221 20.48 -2.42 -7.30
C ILE A 221 21.50 -3.33 -7.99
N GLU A 222 21.29 -3.60 -9.28
CA GLU A 222 22.22 -4.47 -9.99
C GLU A 222 23.61 -3.84 -10.09
N LEU A 223 23.67 -2.54 -10.37
CA LEU A 223 24.95 -1.86 -10.37
C LEU A 223 25.60 -1.96 -9.01
N MET A 224 24.80 -1.83 -7.96
CA MET A 224 25.30 -1.96 -6.60
C MET A 224 25.91 -3.34 -6.35
N ARG A 225 25.22 -4.39 -6.79
CA ARG A 225 25.61 -5.75 -6.42
C ARG A 225 26.78 -6.29 -7.22
N MET A 226 27.17 -5.65 -8.32
CA MET A 226 28.32 -6.12 -9.08
C MET A 226 29.63 -5.54 -8.57
N LEU A 227 29.58 -4.59 -7.63
CA LEU A 227 30.77 -3.96 -7.09
C LEU A 227 31.30 -4.79 -5.94
N ASP A 228 32.58 -5.16 -6.01
CA ASP A 228 33.22 -5.99 -5.00
C ASP A 228 34.21 -5.18 -4.16
N GLY A 229 34.28 -3.87 -4.39
CA GLY A 229 35.17 -3.00 -3.64
C GLY A 229 36.64 -3.15 -3.95
N GLY A 230 37.00 -4.28 -4.56
CA GLY A 230 38.34 -4.59 -5.00
C GLY A 230 39.12 -3.50 -5.71
N ASP A 231 40.29 -3.87 -6.21
CA ASP A 231 41.19 -2.92 -6.85
C ASP A 231 40.86 -2.68 -8.32
N ASN A 232 40.00 -3.48 -8.93
CA ASN A 232 39.60 -3.21 -10.30
C ASN A 232 38.88 -1.86 -10.35
N PRO A 233 39.23 -0.98 -11.29
CA PRO A 233 38.49 0.27 -11.42
C PRO A 233 37.16 0.02 -12.09
N LEU A 234 36.25 0.97 -11.93
CA LEU A 234 34.97 0.94 -12.62
C LEU A 234 35.00 1.94 -13.77
N ARG A 235 34.56 1.51 -14.94
CA ARG A 235 34.48 2.35 -16.13
C ARG A 235 33.02 2.48 -16.53
N VAL A 236 32.57 3.73 -16.61
CA VAL A 236 31.18 4.04 -16.87
C VAL A 236 31.09 4.69 -18.25
N GLN A 237 30.13 4.24 -19.04
CA GLN A 237 29.79 4.85 -20.32
C GLN A 237 28.32 5.20 -20.29
N ILE A 238 28.00 6.47 -20.55
CA ILE A 238 26.63 6.93 -20.56
C ILE A 238 26.28 7.33 -21.99
N GLY A 239 25.23 6.71 -22.53
CA GLY A 239 24.66 7.12 -23.79
C GLY A 239 23.41 7.95 -23.60
N SER A 240 22.68 8.14 -24.69
CA SER A 240 21.45 8.91 -24.60
C SER A 240 20.34 8.13 -23.89
N ASN A 241 20.32 6.80 -24.02
CA ASN A 241 19.27 6.00 -23.42
C ASN A 241 19.80 4.80 -22.64
N ASN A 242 21.10 4.68 -22.45
CA ASN A 242 21.65 3.54 -21.73
C ASN A 242 22.85 3.98 -20.90
N ILE A 243 23.15 3.17 -19.88
CA ILE A 243 24.34 3.33 -19.06
C ILE A 243 25.03 1.98 -18.98
N ARG A 244 26.36 1.98 -18.98
CA ARG A 244 27.14 0.76 -18.93
C ARG A 244 28.21 0.88 -17.86
N ALA A 245 28.43 -0.22 -17.15
CA ALA A 245 29.43 -0.30 -16.09
C ALA A 245 30.30 -1.51 -16.36
N HIS A 246 31.60 -1.30 -16.51
CA HIS A 246 32.56 -2.36 -16.77
C HIS A 246 33.48 -2.49 -15.57
N VAL A 247 33.46 -3.66 -14.93
CA VAL A 247 34.33 -3.97 -13.80
C VAL A 247 34.93 -5.34 -14.05
N GLY A 248 36.25 -5.40 -14.15
CA GLY A 248 36.92 -6.67 -14.41
C GLY A 248 36.39 -7.32 -15.68
N ASP A 249 35.87 -8.54 -15.55
CA ASP A 249 35.37 -9.28 -16.69
C ASP A 249 33.85 -9.21 -16.81
N PHE A 250 33.22 -8.23 -16.17
CA PHE A 250 31.78 -8.09 -16.18
C PHE A 250 31.39 -6.76 -16.80
N ILE A 251 30.36 -6.78 -17.63
CA ILE A 251 29.80 -5.59 -18.24
C ILE A 251 28.31 -5.59 -17.97
N PHE A 252 27.83 -4.56 -17.28
CA PHE A 252 26.42 -4.39 -16.99
C PHE A 252 25.89 -3.19 -17.77
N THR A 253 24.77 -3.39 -18.44
CA THR A 253 24.12 -2.33 -19.21
C THR A 253 22.68 -2.23 -18.79
N SER A 254 22.19 -1.00 -18.64
CA SER A 254 20.80 -0.77 -18.27
C SER A 254 20.21 0.33 -19.13
N LYS A 255 18.94 0.20 -19.45
CA LYS A 255 18.21 1.31 -20.02
C LYS A 255 18.10 2.43 -18.99
N LEU A 256 18.01 3.65 -19.48
CA LEU A 256 17.78 4.81 -18.61
C LEU A 256 16.29 5.08 -18.56
N VAL A 257 15.85 5.71 -17.47
CA VAL A 257 14.46 6.14 -17.39
C VAL A 257 14.29 7.34 -18.31
N ASP A 258 13.38 7.21 -19.29
CA ASP A 258 13.16 8.27 -20.26
C ASP A 258 12.21 9.28 -19.63
N GLY A 259 12.79 10.18 -18.84
CA GLY A 259 12.01 11.19 -18.16
C GLY A 259 12.93 12.27 -17.63
N ARG A 260 12.32 13.27 -17.01
CA ARG A 260 13.03 14.41 -16.47
C ARG A 260 12.96 14.39 -14.95
N PHE A 261 14.12 14.35 -14.30
CA PHE A 261 14.17 14.40 -12.85
C PHE A 261 13.79 15.80 -12.39
N PRO A 262 13.12 15.92 -11.24
CA PRO A 262 12.79 17.27 -10.76
C PRO A 262 14.05 18.11 -10.59
N ASP A 263 13.89 19.42 -10.73
CA ASP A 263 15.01 20.34 -10.54
C ASP A 263 15.20 20.46 -9.02
N TYR A 264 16.01 19.55 -8.48
CA TYR A 264 16.14 19.43 -7.03
C TYR A 264 16.84 20.62 -6.40
N ARG A 265 17.67 21.34 -7.15
CA ARG A 265 18.35 22.50 -6.57
C ARG A 265 17.35 23.54 -6.08
N ARG A 266 16.16 23.61 -6.70
CA ARG A 266 15.20 24.63 -6.30
C ARG A 266 14.64 24.38 -4.91
N VAL A 267 14.62 23.12 -4.45
CA VAL A 267 14.02 22.79 -3.16
C VAL A 267 15.04 22.67 -2.03
N LEU A 268 16.34 22.69 -2.34
CA LEU A 268 17.34 22.71 -1.28
C LEU A 268 17.10 23.93 -0.40
N PRO A 269 17.01 23.79 0.92
CA PRO A 269 16.73 24.96 1.76
C PRO A 269 17.65 26.12 1.44
N LYS A 270 17.04 27.28 1.19
CA LYS A 270 17.79 28.43 0.70
C LYS A 270 18.63 29.05 1.81
N ASN A 271 17.98 29.47 2.90
CA ASN A 271 18.64 30.18 3.99
C ASN A 271 18.21 29.60 5.33
N PRO A 272 18.71 28.42 5.68
CA PRO A 272 18.44 27.89 7.03
C PRO A 272 19.31 28.62 8.06
N ASP A 273 18.66 29.42 8.89
CA ASP A 273 19.36 30.25 9.88
C ASP A 273 19.54 29.57 11.23
N LYS A 274 18.87 28.46 11.47
CA LYS A 274 18.93 27.77 12.76
C LYS A 274 19.69 26.46 12.56
N HIS A 275 20.81 26.32 13.27
N HIS A 275 20.82 26.31 13.25
CA HIS A 275 21.68 25.15 13.16
CA HIS A 275 21.65 25.12 13.11
C HIS A 275 21.68 24.43 14.50
C HIS A 275 21.77 24.42 14.46
N LEU A 276 21.50 23.11 14.46
CA LEU A 276 21.55 22.26 15.64
C LEU A 276 22.59 21.18 15.40
N GLU A 277 23.37 20.86 16.43
CA GLU A 277 24.36 19.81 16.36
C GLU A 277 24.16 18.85 17.52
N ALA A 278 24.27 17.55 17.24
CA ALA A 278 24.07 16.53 18.25
C ALA A 278 24.79 15.26 17.84
N GLY A 279 25.06 14.42 18.83
CA GLY A 279 25.66 13.13 18.58
C GLY A 279 24.74 12.25 17.74
N CYS A 280 25.29 11.65 16.68
CA CYS A 280 24.46 10.90 15.76
C CYS A 280 23.78 9.71 16.45
N ASP A 281 24.53 8.96 17.25
CA ASP A 281 23.98 7.75 17.84
C ASP A 281 22.93 8.08 18.89
N LEU A 282 23.24 8.99 19.82
CA LEU A 282 22.26 9.37 20.84
C LEU A 282 20.99 9.89 20.19
N LEU A 283 21.12 10.71 19.16
CA LEU A 283 19.94 11.20 18.46
C LEU A 283 19.15 10.06 17.82
N LYS A 284 19.86 9.13 17.18
CA LYS A 284 19.19 8.01 16.54
C LYS A 284 18.51 7.09 17.54
N GLN A 285 19.19 6.77 18.64
N GLN A 285 19.21 6.75 18.63
CA GLN A 285 18.59 5.88 19.64
CA GLN A 285 18.62 5.90 19.67
C GLN A 285 17.40 6.55 20.33
C GLN A 285 17.38 6.55 20.28
N ALA A 286 17.37 7.88 20.39
CA ALA A 286 16.24 8.57 20.99
C ALA A 286 15.04 8.59 20.03
N PHE A 287 15.28 8.89 18.75
CA PHE A 287 14.19 8.82 17.77
C PHE A 287 13.65 7.41 17.65
N ALA A 288 14.54 6.41 17.71
CA ALA A 288 14.10 5.03 17.55
C ALA A 288 13.21 4.59 18.71
N ARG A 289 13.53 5.03 19.94
CA ARG A 289 12.67 4.70 21.07
C ARG A 289 11.33 5.42 20.97
N ALA A 290 11.37 6.72 20.65
CA ALA A 290 10.12 7.48 20.52
C ALA A 290 9.23 6.92 19.43
N ALA A 291 9.84 6.38 18.35
CA ALA A 291 9.06 5.82 17.26
C ALA A 291 8.17 4.67 17.71
N ILE A 292 8.51 4.01 18.81
CA ILE A 292 7.75 2.84 19.24
C ILE A 292 6.30 3.22 19.51
N LEU A 293 6.07 4.42 20.06
CA LEU A 293 4.73 4.87 20.41
C LEU A 293 4.21 5.93 19.43
N SER A 294 4.76 5.98 18.22
CA SER A 294 4.22 6.83 17.18
C SER A 294 3.14 6.10 16.40
N ASN A 295 2.30 6.88 15.71
CA ASN A 295 1.26 6.30 14.87
C ASN A 295 1.89 5.31 13.89
N GLU A 296 1.38 4.08 13.85
CA GLU A 296 2.05 3.04 13.09
C GLU A 296 2.02 3.29 11.59
N LYS A 297 1.04 4.03 11.07
CA LYS A 297 0.94 4.37 9.66
C LYS A 297 1.54 5.72 9.32
N PHE A 298 1.33 6.74 10.15
CA PHE A 298 1.82 8.07 9.82
C PHE A 298 3.11 8.44 10.53
N ARG A 299 3.47 7.74 11.61
CA ARG A 299 4.83 7.76 12.17
C ARG A 299 5.25 9.17 12.61
N GLY A 300 4.30 10.00 13.04
CA GLY A 300 4.62 11.37 13.39
C GLY A 300 5.24 11.48 14.77
N VAL A 301 6.31 12.26 14.87
CA VAL A 301 6.90 12.66 16.15
C VAL A 301 7.06 14.17 16.14
N ARG A 302 7.17 14.75 17.33
CA ARG A 302 7.31 16.19 17.50
C ARG A 302 8.70 16.49 18.01
N LEU A 303 9.32 17.54 17.47
CA LEU A 303 10.61 18.03 17.92
C LEU A 303 10.44 19.40 18.53
N TYR A 304 10.87 19.56 19.79
CA TYR A 304 10.90 20.86 20.44
C TYR A 304 12.36 21.24 20.67
N VAL A 305 12.80 22.30 20.00
CA VAL A 305 14.19 22.77 20.10
C VAL A 305 14.21 24.03 20.96
N SER A 306 15.11 24.05 21.94
CA SER A 306 15.33 25.21 22.79
C SER A 306 16.83 25.26 23.07
N GLU A 307 17.24 26.17 23.96
CA GLU A 307 18.66 26.37 24.21
C GLU A 307 19.37 25.07 24.56
N ASN A 308 20.15 24.55 23.61
CA ASN A 308 20.99 23.38 23.85
C ASN A 308 20.19 22.19 24.33
N GLN A 309 18.90 22.12 23.95
CA GLN A 309 18.05 21.02 24.36
C GLN A 309 17.11 20.65 23.21
N LEU A 310 16.97 19.34 22.98
CA LEU A 310 15.99 18.81 22.05
C LEU A 310 15.05 17.89 22.81
N LYS A 311 13.75 18.10 22.64
CA LYS A 311 12.71 17.25 23.21
C LYS A 311 11.96 16.55 22.08
N ILE A 312 11.86 15.23 22.15
CA ILE A 312 11.14 14.44 21.17
C ILE A 312 9.95 13.79 21.87
N THR A 313 8.76 13.93 21.28
CA THR A 313 7.57 13.29 21.80
C THR A 313 6.88 12.53 20.68
N ALA A 314 6.09 11.52 21.07
CA ALA A 314 5.34 10.72 20.13
C ALA A 314 4.04 10.30 20.78
N ASN A 315 2.97 10.27 19.98
CA ASN A 315 1.67 9.81 20.46
C ASN A 315 1.00 8.98 19.38
N ASN A 316 0.13 8.07 19.80
CA ASN A 316 -0.58 7.17 18.91
C ASN A 316 -2.06 7.16 19.25
N PRO A 317 -2.88 6.53 18.40
CA PRO A 317 -4.33 6.51 18.69
C PRO A 317 -4.68 5.87 20.02
N GLU A 318 -3.87 4.95 20.52
CA GLU A 318 -4.09 4.36 21.82
C GLU A 318 -3.78 5.32 22.97
N GLN A 319 -3.37 6.55 22.66
CA GLN A 319 -3.07 7.59 23.64
C GLN A 319 -1.84 7.26 24.47
N GLU A 320 -0.99 6.36 23.99
CA GLU A 320 0.32 6.13 24.60
C GLU A 320 1.26 7.22 24.16
N GLU A 321 2.27 7.50 25.00
CA GLU A 321 3.16 8.62 24.74
C GLU A 321 4.59 8.29 25.12
N ALA A 322 5.54 8.77 24.30
CA ALA A 322 6.96 8.70 24.58
C ALA A 322 7.54 10.11 24.63
N GLU A 323 8.55 10.30 25.47
CA GLU A 323 9.26 11.57 25.55
C GLU A 323 10.74 11.32 25.73
N GLU A 324 11.55 12.00 24.92
CA GLU A 324 13.01 11.94 24.99
C GLU A 324 13.54 13.37 25.08
N ILE A 325 14.46 13.60 26.01
CA ILE A 325 15.13 14.89 26.15
C ILE A 325 16.62 14.64 25.94
N LEU A 326 17.23 15.45 25.06
CA LEU A 326 18.63 15.28 24.72
C LEU A 326 19.37 16.60 24.91
N ASP A 327 20.64 16.50 25.28
CA ASP A 327 21.53 17.65 25.27
C ASP A 327 22.05 17.82 23.84
N VAL A 328 21.83 19.00 23.26
CA VAL A 328 22.30 19.33 21.92
C VAL A 328 22.98 20.69 21.98
N THR A 329 23.55 21.10 20.85
CA THR A 329 24.10 22.44 20.70
C THR A 329 23.15 23.25 19.84
N TYR A 330 22.40 24.16 20.47
CA TYR A 330 21.44 24.98 19.73
C TYR A 330 21.29 26.30 20.47
N SER A 331 21.48 27.41 19.74
CA SER A 331 21.34 28.76 20.28
C SER A 331 20.50 29.60 19.32
N GLY A 332 19.26 29.16 19.10
CA GLY A 332 18.37 29.86 18.20
C GLY A 332 16.97 29.96 18.77
N ALA A 333 16.04 30.47 17.98
CA ALA A 333 14.68 30.66 18.50
C ALA A 333 14.04 29.33 18.82
N GLU A 334 13.26 29.30 19.90
CA GLU A 334 12.52 28.11 20.25
C GLU A 334 11.58 27.74 19.12
N MET A 335 11.39 26.44 18.90
CA MET A 335 10.57 26.03 17.78
C MET A 335 10.07 24.61 17.99
N GLU A 336 8.94 24.32 17.35
CA GLU A 336 8.34 22.99 17.32
C GLU A 336 8.17 22.60 15.87
N ILE A 337 8.44 21.34 15.54
CA ILE A 337 8.37 20.87 14.16
C ILE A 337 8.12 19.37 14.19
N GLY A 338 7.24 18.92 13.31
CA GLY A 338 6.86 17.52 13.24
C GLY A 338 7.51 16.83 12.05
N PHE A 339 7.82 15.55 12.23
CA PHE A 339 8.45 14.75 11.19
C PHE A 339 7.95 13.33 11.22
N ASN A 340 7.96 12.69 10.06
CA ASN A 340 7.85 11.24 9.95
C ASN A 340 9.14 10.64 10.50
N VAL A 341 9.04 9.92 11.63
CA VAL A 341 10.25 9.48 12.31
C VAL A 341 11.03 8.50 11.45
N SER A 342 10.36 7.79 10.55
CA SER A 342 11.08 6.88 9.65
C SER A 342 12.01 7.64 8.73
N TYR A 343 11.55 8.76 8.18
CA TYR A 343 12.40 9.56 7.31
C TYR A 343 13.63 10.05 8.06
N VAL A 344 13.46 10.47 9.31
CA VAL A 344 14.58 10.96 10.11
C VAL A 344 15.55 9.82 10.41
N LEU A 345 15.03 8.66 10.81
CA LEU A 345 15.90 7.54 11.17
C LEU A 345 16.67 7.04 9.96
N ASP A 346 16.05 7.05 8.78
CA ASP A 346 16.76 6.62 7.57
C ASP A 346 17.99 7.48 7.33
N VAL A 347 17.86 8.79 7.54
CA VAL A 347 19.00 9.69 7.33
C VAL A 347 20.10 9.38 8.34
N LEU A 348 19.73 9.28 9.62
CA LEU A 348 20.74 9.02 10.65
C LEU A 348 21.40 7.67 10.45
N ASN A 349 20.66 6.68 9.95
CA ASN A 349 21.28 5.39 9.64
C ASN A 349 22.22 5.50 8.44
N ALA A 350 21.88 6.35 7.46
CA ALA A 350 22.75 6.52 6.30
C ALA A 350 24.02 7.28 6.65
N LEU A 351 23.96 8.15 7.66
CA LEU A 351 25.15 8.87 8.12
C LEU A 351 25.96 7.98 9.06
N LYS A 352 27.18 7.64 8.64
CA LYS A 352 28.05 6.79 9.46
C LYS A 352 29.11 7.64 10.15
N CYS A 353 28.65 8.60 10.97
CA CYS A 353 29.53 9.63 11.49
C CYS A 353 29.27 9.82 12.98
N GLU A 354 30.04 10.72 13.59
CA GLU A 354 30.00 10.94 15.03
C GLU A 354 28.93 11.97 15.41
N ASN A 355 28.94 13.11 14.73
CA ASN A 355 28.03 14.21 15.01
C ASN A 355 27.30 14.62 13.74
N VAL A 356 26.06 15.06 13.91
CA VAL A 356 25.23 15.50 12.80
C VAL A 356 24.84 16.96 13.03
N ARG A 357 24.63 17.67 11.92
CA ARG A 357 24.17 19.05 11.93
C ARG A 357 22.82 19.11 11.23
N MET A 358 21.85 19.70 11.89
CA MET A 358 20.51 19.94 11.34
C MET A 358 20.34 21.43 11.12
N MET A 359 19.86 21.80 9.94
CA MET A 359 19.67 23.20 9.57
C MET A 359 18.19 23.44 9.30
N LEU A 360 17.60 24.31 10.11
CA LEU A 360 16.16 24.51 10.10
C LEU A 360 15.82 25.95 9.73
N THR A 361 14.57 26.15 9.33
CA THR A 361 14.04 27.48 9.01
C THR A 361 12.81 27.77 9.87
N ASP A 362 11.73 27.03 9.69
CA ASP A 362 10.53 27.17 10.51
C ASP A 362 9.79 25.85 10.51
N SER A 363 8.64 25.83 11.19
CA SER A 363 7.92 24.58 11.42
C SER A 363 7.26 24.03 10.17
N VAL A 364 7.16 24.80 9.09
CA VAL A 364 6.48 24.35 7.88
C VAL A 364 7.45 24.22 6.71
N SER A 365 8.75 24.35 6.96
CA SER A 365 9.76 24.28 5.92
C SER A 365 10.64 23.06 6.15
N SER A 366 11.29 22.61 5.08
CA SER A 366 12.15 21.43 5.14
C SER A 366 13.32 21.69 6.07
N VAL A 367 13.96 20.60 6.49
CA VAL A 367 15.19 20.63 7.29
C VAL A 367 16.28 19.95 6.48
N GLN A 368 17.50 20.48 6.59
CA GLN A 368 18.66 19.88 5.96
C GLN A 368 19.53 19.23 7.04
N ILE A 369 19.93 17.99 6.80
CA ILE A 369 20.71 17.21 7.74
C ILE A 369 21.98 16.76 7.04
N GLU A 370 23.10 16.80 7.78
CA GLU A 370 24.37 16.38 7.23
C GLU A 370 25.30 15.91 8.35
N ASP A 371 26.35 15.20 7.94
CA ASP A 371 27.47 14.94 8.84
C ASP A 371 28.07 16.27 9.24
N ALA A 372 28.28 16.46 10.55
CA ALA A 372 28.83 17.74 11.01
C ALA A 372 30.20 18.01 10.41
N ALA A 373 30.93 16.95 10.05
CA ALA A 373 32.30 17.06 9.58
C ALA A 373 32.44 16.94 8.07
N SER A 374 31.34 16.86 7.33
CA SER A 374 31.44 16.66 5.88
C SER A 374 30.23 17.22 5.17
N GLN A 375 30.49 17.88 4.03
CA GLN A 375 29.46 18.36 3.14
C GLN A 375 29.21 17.40 1.98
N SER A 376 29.85 16.24 1.99
CA SER A 376 29.74 15.30 0.88
C SER A 376 28.30 14.89 0.63
N ALA A 377 27.55 14.58 1.69
CA ALA A 377 26.17 14.15 1.58
C ALA A 377 25.27 15.11 2.35
N ALA A 378 24.09 15.37 1.80
CA ALA A 378 23.10 16.23 2.43
C ALA A 378 21.73 15.61 2.24
N TYR A 379 20.87 15.77 3.25
CA TYR A 379 19.54 15.18 3.26
C TYR A 379 18.53 16.25 3.60
N VAL A 380 17.45 16.30 2.81
CA VAL A 380 16.39 17.28 2.99
C VAL A 380 15.11 16.52 3.26
N VAL A 381 14.48 16.79 4.40
CA VAL A 381 13.26 16.10 4.82
C VAL A 381 12.18 17.15 5.06
N MET A 382 11.02 16.95 4.47
CA MET A 382 9.89 17.86 4.64
C MET A 382 9.12 17.50 5.90
N PRO A 383 8.75 18.50 6.72
CA PRO A 383 8.08 18.17 8.00
C PRO A 383 6.63 17.72 7.83
N MET A 384 6.00 17.37 8.95
CA MET A 384 4.58 17.02 8.98
C MET A 384 3.81 18.09 9.76
N ARG A 385 2.54 18.24 9.42
CA ARG A 385 1.64 19.13 10.15
C ARG A 385 1.00 18.34 11.30
N LEU A 386 1.68 18.32 12.44
CA LEU A 386 1.15 17.68 13.64
C LEU A 386 0.53 18.72 14.58
C ACE B 1 1.37 15.70 6.93
O ACE B 1 1.89 16.75 7.13
CH3 ACE B 1 0.08 15.35 7.62
N GLN B 2 1.87 14.77 6.12
CA GLN B 2 3.12 15.00 5.38
C GLN B 2 2.92 16.14 4.38
N ALC B 3 4.02 17.06 4.38
CA ALC B 3 4.04 18.19 3.43
C ALC B 3 4.96 17.74 2.29
O ALC B 3 5.83 16.92 2.41
CB ALC B 3 4.56 19.49 4.05
CG ALC B 3 3.69 20.03 5.19
CD2 ALC B 3 4.49 20.98 6.09
CE2 ALC B 3 3.64 21.54 7.22
CZ ALC B 3 2.41 22.25 6.68
CE1 ALC B 3 1.60 21.32 5.80
CD1 ALC B 3 2.45 20.75 4.67
CA SOQ B 4 5.49 17.93 0.11
CB SOQ B 4 4.66 17.71 -1.16
CG SOQ B 4 4.08 16.33 -1.24
N SOQ B 4 4.64 18.54 1.14
C SOQ B 4 6.74 18.74 -0.19
O SOQ B 4 6.63 19.98 0.18
OD1 SOQ B 4 2.84 16.30 -1.65
OD2 SOQ B 4 4.71 15.33 -0.94
C1 SOQ B 4 3.70 19.54 0.64
N LEU B 5 7.99 18.50 -0.84
CA LEU B 5 9.14 19.30 -1.24
C LEU B 5 8.77 20.25 -2.38
N ZCL B 6 7.51 20.38 -3.06
O ZCL B 6 5.34 19.31 -4.60
CLZ ZCL B 6 9.32 14.92 -6.57
CE2 ZCL B 6 7.76 17.11 -6.60
CE1 ZCL B 6 9.91 17.39 -5.60
CLE1 ZCL B 6 11.47 16.77 -5.14
CD2 ZCL B 6 7.47 18.44 -6.33
CD1 ZCL B 6 9.63 18.71 -5.33
CB ZCL B 6 8.10 20.70 -5.44
C ZCL B 6 5.66 20.47 -4.69
CZ ZCL B 6 8.99 16.59 -6.24
CG ZCL B 6 8.39 19.25 -5.70
CA ZCL B 6 7.08 21.00 -4.34
OXT ZCL B 6 4.86 21.44 -5.03
N SER C 19 -3.69 -0.02 40.72
CA SER C 19 -2.83 -1.01 41.43
C SER C 19 -1.55 -0.35 41.94
N HIS C 20 -0.92 -0.96 42.94
CA HIS C 20 0.27 -0.37 43.54
C HIS C 20 1.57 -0.88 42.93
N MET C 21 1.52 -1.54 41.77
CA MET C 21 2.73 -2.14 41.21
C MET C 21 3.82 -1.10 40.99
N LYS C 22 5.00 -1.36 41.54
CA LYS C 22 6.19 -0.56 41.32
C LYS C 22 7.39 -1.48 41.28
N PHE C 23 8.29 -1.26 40.32
CA PHE C 23 9.57 -1.95 40.37
C PHE C 23 10.60 -1.18 39.55
N THR C 24 11.85 -1.28 39.97
CA THR C 24 12.99 -0.72 39.26
C THR C 24 13.99 -1.85 39.06
N VAL C 25 14.28 -2.18 37.80
CA VAL C 25 15.15 -3.31 37.48
CA VAL C 25 15.15 -3.31 37.48
C VAL C 25 16.13 -2.88 36.40
N GLU C 26 17.34 -3.41 36.48
CA GLU C 26 18.39 -3.11 35.51
C GLU C 26 18.04 -3.70 34.15
N ARG C 27 18.37 -2.96 33.10
CA ARG C 27 17.91 -3.30 31.75
C ARG C 27 18.21 -4.74 31.39
N GLU C 28 19.45 -5.18 31.60
CA GLU C 28 19.84 -6.52 31.15
C GLU C 28 19.23 -7.64 31.97
N HIS C 29 18.65 -7.35 33.13
CA HIS C 29 17.94 -8.37 33.88
C HIS C 29 16.54 -8.62 33.34
N LEU C 30 16.05 -7.76 32.44
CA LEU C 30 14.71 -7.88 31.89
C LEU C 30 14.67 -8.39 30.47
N LEU C 31 15.76 -8.25 29.72
CA LEU C 31 15.71 -8.47 28.27
C LEU C 31 15.43 -9.93 27.94
N LYS C 32 16.28 -10.84 28.41
CA LYS C 32 16.05 -12.25 28.08
C LYS C 32 14.71 -12.73 28.62
N PRO C 33 14.30 -12.40 29.85
CA PRO C 33 12.92 -12.73 30.27
C PRO C 33 11.86 -12.21 29.31
N LEU C 34 11.92 -10.93 28.95
CA LEU C 34 10.93 -10.37 28.02
C LEU C 34 10.94 -11.11 26.70
N GLN C 35 12.14 -11.39 26.16
CA GLN C 35 12.25 -12.08 24.88
C GLN C 35 11.63 -13.48 24.96
N GLN C 36 11.88 -14.21 26.05
CA GLN C 36 11.38 -15.57 26.15
C GLN C 36 9.85 -15.61 26.29
N VAL C 37 9.29 -14.74 27.15
CA VAL C 37 7.85 -14.76 27.37
C VAL C 37 7.10 -14.25 26.15
N SER C 38 7.77 -13.53 25.26
CA SER C 38 7.12 -13.02 24.06
C SER C 38 7.01 -14.08 22.97
N GLY C 39 7.75 -15.18 23.09
CA GLY C 39 7.80 -16.20 22.07
C GLY C 39 6.43 -16.68 21.62
N PRO C 40 5.56 -17.05 22.56
CA PRO C 40 4.25 -17.59 22.16
C PRO C 40 3.34 -16.58 21.48
N LEU C 41 3.72 -15.31 21.39
CA LEU C 41 2.89 -14.30 20.78
C LEU C 41 3.25 -14.12 19.31
N GLY C 42 2.22 -13.95 18.48
CA GLY C 42 2.43 -13.70 17.07
C GLY C 42 1.83 -12.38 16.64
N GLY C 43 2.26 -11.87 15.49
CA GLY C 43 1.77 -10.60 15.00
C GLY C 43 0.26 -10.56 14.83
N ARG C 44 -0.39 -9.59 15.46
CA ARG C 44 -1.82 -9.40 15.35
C ARG C 44 -2.57 -10.58 15.97
N PRO C 45 -2.67 -10.63 17.29
CA PRO C 45 -3.47 -11.69 17.94
C PRO C 45 -4.95 -11.50 17.68
N THR C 46 -5.72 -12.55 17.99
CA THR C 46 -7.16 -12.50 17.80
C THR C 46 -7.88 -11.78 18.93
N LEU C 47 -7.31 -11.77 20.13
CA LEU C 47 -7.89 -11.10 21.29
C LEU C 47 -6.89 -10.09 21.84
N PRO C 48 -7.27 -8.81 22.00
CA PRO C 48 -6.26 -7.80 22.36
C PRO C 48 -5.37 -8.18 23.53
N ILE C 49 -5.92 -8.78 24.59
CA ILE C 49 -5.10 -9.04 25.77
C ILE C 49 -4.04 -10.08 25.49
N LEU C 50 -4.21 -10.89 24.44
CA LEU C 50 -3.19 -11.87 24.09
C LEU C 50 -1.93 -11.23 23.52
N GLY C 51 -1.99 -9.97 23.13
CA GLY C 51 -0.81 -9.24 22.74
C GLY C 51 -0.06 -8.60 23.89
N ASN C 52 -0.55 -8.75 25.11
CA ASN C 52 0.07 -8.18 26.29
C ASN C 52 0.77 -9.25 27.11
N LEU C 53 1.73 -8.79 27.92
CA LEU C 53 2.38 -9.61 28.92
C LEU C 53 1.76 -9.30 30.28
N LEU C 54 1.55 -10.34 31.09
CA LEU C 54 1.09 -10.18 32.45
C LEU C 54 2.28 -9.92 33.37
N LEU C 55 2.26 -8.78 34.06
CA LEU C 55 3.31 -8.41 35.01
C LEU C 55 2.75 -8.56 36.43
N GLN C 56 3.48 -9.27 37.29
CA GLN C 56 3.06 -9.46 38.67
C GLN C 56 4.26 -9.25 39.59
N VAL C 57 4.11 -8.36 40.57
CA VAL C 57 5.10 -8.16 41.61
C VAL C 57 4.53 -8.70 42.92
N ALA C 58 5.22 -9.69 43.49
CA ALA C 58 4.87 -10.24 44.79
C ALA C 58 6.16 -10.59 45.51
N ASP C 59 6.24 -10.25 46.80
CA ASP C 59 7.44 -10.47 47.61
C ASP C 59 8.61 -9.84 46.87
N GLY C 60 9.70 -10.57 46.62
CA GLY C 60 10.83 -10.04 45.89
C GLY C 60 10.96 -10.60 44.49
N THR C 61 9.85 -10.88 43.83
CA THR C 61 9.88 -11.47 42.49
C THR C 61 8.94 -10.71 41.55
N LEU C 62 9.44 -10.43 40.35
CA LEU C 62 8.63 -9.94 39.25
C LEU C 62 8.37 -11.11 38.30
N SER C 63 7.11 -11.42 38.07
CA SER C 63 6.71 -12.49 37.16
C SER C 63 6.16 -11.90 35.87
N LEU C 64 6.59 -12.47 34.75
CA LEU C 64 6.18 -12.06 33.40
C LEU C 64 5.60 -13.26 32.67
N THR C 65 4.38 -13.10 32.14
CA THR C 65 3.69 -14.19 31.46
C THR C 65 3.12 -13.75 30.13
N GLY C 66 3.31 -14.57 29.12
CA GLY C 66 2.68 -14.37 27.83
C GLY C 66 2.12 -15.69 27.32
N THR C 67 1.02 -15.60 26.58
CA THR C 67 0.33 -16.81 26.14
C THR C 67 -0.42 -16.56 24.84
N ASP C 68 -0.68 -17.66 24.13
CA ASP C 68 -1.59 -17.67 22.99
C ASP C 68 -2.77 -18.61 23.23
N LEU C 69 -3.05 -18.93 24.50
CA LEU C 69 -4.13 -19.81 24.93
C LEU C 69 -3.80 -21.27 24.70
N GLU C 70 -2.94 -21.58 23.74
CA GLU C 70 -2.49 -22.96 23.55
C GLU C 70 -1.27 -23.26 24.40
N MET C 71 -0.35 -22.30 24.54
CA MET C 71 0.82 -22.46 25.39
C MET C 71 1.09 -21.16 26.12
N GLU C 72 1.97 -21.21 27.12
CA GLU C 72 2.23 -20.08 27.99
C GLU C 72 3.68 -20.15 28.45
N MET C 73 4.30 -18.98 28.56
CA MET C 73 5.70 -18.87 28.98
C MET C 73 5.77 -17.93 30.17
N VAL C 74 6.42 -18.36 31.24
CA VAL C 74 6.53 -17.60 32.47
C VAL C 74 8.00 -17.44 32.84
N ALA C 75 8.38 -16.23 33.23
CA ALA C 75 9.73 -15.94 33.70
C ALA C 75 9.67 -15.23 35.04
N ARG C 76 10.61 -15.56 35.92
CA ARG C 76 10.72 -14.96 37.24
C ARG C 76 11.98 -14.11 37.30
N VAL C 77 11.86 -12.90 37.85
CA VAL C 77 12.99 -11.99 37.98
C VAL C 77 13.06 -11.50 39.43
N ALA C 78 14.22 -11.67 40.05
CA ALA C 78 14.41 -11.22 41.42
C ALA C 78 14.52 -9.70 41.46
N LEU C 79 13.84 -9.10 42.43
CA LEU C 79 13.80 -7.65 42.62
C LEU C 79 14.62 -7.28 43.84
N VAL C 80 15.85 -6.80 43.62
CA VAL C 80 16.68 -6.37 44.73
C VAL C 80 16.41 -4.90 45.10
N GLN C 81 15.97 -4.09 44.15
CA GLN C 81 15.69 -2.68 44.41
C GLN C 81 14.28 -2.50 44.93
N PRO C 82 13.98 -1.35 45.55
CA PRO C 82 12.65 -1.16 46.14
C PRO C 82 11.54 -1.42 45.14
N HIS C 83 10.44 -1.98 45.65
CA HIS C 83 9.31 -2.38 44.82
C HIS C 83 8.05 -2.38 45.67
N GLU C 84 6.90 -2.40 44.99
CA GLU C 84 5.61 -2.51 45.66
C GLU C 84 4.75 -3.52 44.90
N PRO C 85 3.97 -4.32 45.61
CA PRO C 85 3.23 -5.40 44.95
C PRO C 85 2.08 -4.86 44.10
N GLY C 86 1.70 -5.68 43.13
CA GLY C 86 0.64 -5.33 42.20
C GLY C 86 0.77 -6.16 40.94
N ALA C 87 -0.16 -5.90 40.00
CA ALA C 87 -0.15 -6.63 38.75
C ALA C 87 -0.88 -5.82 37.68
N THR C 88 -0.46 -6.03 36.43
CA THR C 88 -1.12 -5.43 35.28
C THR C 88 -0.68 -6.21 34.04
N THR C 89 -1.18 -5.79 32.87
CA THR C 89 -0.78 -6.34 31.58
C THR C 89 -0.42 -5.19 30.65
N VAL C 90 0.59 -5.41 29.82
CA VAL C 90 1.09 -4.35 28.92
C VAL C 90 1.43 -4.96 27.58
N PRO C 91 1.37 -4.14 26.52
CA PRO C 91 1.73 -4.61 25.18
C PRO C 91 3.14 -5.19 25.14
N ALA C 92 3.23 -6.43 24.67
CA ALA C 92 4.50 -7.16 24.71
C ALA C 92 5.55 -6.50 23.82
N ARG C 93 5.24 -6.31 22.53
CA ARG C 93 6.22 -5.79 21.60
C ARG C 93 6.68 -4.38 21.98
N LYS C 94 5.75 -3.51 22.35
CA LYS C 94 6.13 -2.15 22.73
C LYS C 94 7.04 -2.14 23.95
N PHE C 95 6.67 -2.88 25.00
CA PHE C 95 7.46 -2.88 26.22
C PHE C 95 8.85 -3.46 25.98
N PHE C 96 8.94 -4.53 25.21
CA PHE C 96 10.26 -5.11 24.92
C PHE C 96 11.10 -4.14 24.09
N ASP C 97 10.49 -3.52 23.07
CA ASP C 97 11.22 -2.58 22.23
C ASP C 97 11.74 -1.41 23.03
N ILE C 98 10.95 -0.91 24.00
CA ILE C 98 11.40 0.19 24.84
C ILE C 98 12.64 -0.24 25.64
N CYS C 99 12.54 -1.36 26.35
CA CYS C 99 13.66 -1.80 27.18
C CYS C 99 14.89 -2.08 26.34
N ARG C 100 14.72 -2.74 25.18
CA ARG C 100 15.86 -3.05 24.34
C ARG C 100 16.41 -1.80 23.66
N GLY C 101 15.56 -0.78 23.44
CA GLY C 101 16.02 0.46 22.85
C GLY C 101 16.78 1.37 23.81
N LEU C 102 16.65 1.14 25.11
CA LEU C 102 17.35 1.93 26.10
C LEU C 102 18.83 1.54 26.09
N PRO C 103 19.71 2.43 26.58
CA PRO C 103 21.14 2.13 26.52
C PRO C 103 21.52 1.01 27.48
N GLU C 104 22.62 0.33 27.15
CA GLU C 104 23.14 -0.72 28.01
C GLU C 104 23.41 -0.14 29.40
N GLY C 105 22.97 -0.87 30.42
CA GLY C 105 23.14 -0.42 31.78
C GLY C 105 22.00 0.41 32.32
N ALA C 106 20.98 0.69 31.51
CA ALA C 106 19.91 1.57 31.94
C ALA C 106 19.12 0.96 33.10
N GLU C 107 18.71 1.81 34.03
CA GLU C 107 17.80 1.44 35.09
C GLU C 107 16.38 1.77 34.67
N ILE C 108 15.49 0.78 34.74
CA ILE C 108 14.14 0.88 34.20
C ILE C 108 13.15 0.93 35.37
N ALA C 109 12.57 2.10 35.59
CA ALA C 109 11.58 2.30 36.65
C ALA C 109 10.17 2.20 36.06
N VAL C 110 9.35 1.35 36.66
CA VAL C 110 7.98 1.13 36.21
C VAL C 110 7.01 1.42 37.34
N GLN C 111 5.94 2.14 37.03
CA GLN C 111 4.87 2.38 37.99
C GLN C 111 3.59 2.66 37.21
N LEU C 112 2.47 2.36 37.87
CA LEU C 112 1.14 2.55 37.29
C LEU C 112 0.51 3.88 37.67
N GLU C 113 -0.18 4.50 36.71
CA GLU C 113 -0.98 5.70 36.92
C GLU C 113 -2.32 5.47 36.22
N GLY C 114 -3.28 4.91 36.95
CA GLY C 114 -4.57 4.58 36.39
C GLY C 114 -4.51 3.41 35.44
N GLU C 115 -4.96 3.64 34.21
CA GLU C 115 -4.98 2.64 33.16
C GLU C 115 -3.74 2.69 32.27
N ARG C 116 -2.70 3.40 32.70
CA ARG C 116 -1.44 3.50 31.99
C ARG C 116 -0.29 2.98 32.85
N MET C 117 0.66 2.30 32.20
CA MET C 117 1.90 1.89 32.84
C MET C 117 3.03 2.79 32.39
N LEU C 118 3.76 3.37 33.34
CA LEU C 118 4.82 4.30 33.02
C LEU C 118 6.19 3.69 33.18
N VAL C 119 7.04 3.94 32.20
CA VAL C 119 8.40 3.44 32.17
C VAL C 119 9.32 4.65 32.07
N ARG C 120 10.22 4.79 33.03
CA ARG C 120 11.15 5.92 33.06
C ARG C 120 12.56 5.38 33.13
N SER C 121 13.47 6.03 32.40
CA SER C 121 14.88 5.65 32.42
C SER C 121 15.68 6.81 31.85
N GLY C 122 16.67 7.28 32.61
CA GLY C 122 17.41 8.46 32.20
C GLY C 122 16.45 9.62 32.05
N ARG C 123 16.44 10.25 30.87
CA ARG C 123 15.44 11.25 30.54
C ARG C 123 14.52 10.73 29.43
N SER C 124 14.21 9.43 29.49
CA SER C 124 13.26 8.79 28.60
C SER C 124 12.02 8.42 29.41
N ARG C 125 10.85 8.85 28.93
CA ARG C 125 9.58 8.57 29.59
C ARG C 125 8.65 7.90 28.58
N PHE C 126 7.98 6.84 29.02
CA PHE C 126 7.05 6.12 28.16
C PHE C 126 5.78 5.83 28.95
N SER C 127 4.64 6.02 28.30
CA SER C 127 3.33 5.80 28.90
C SER C 127 2.58 4.80 28.04
N LEU C 128 2.40 3.59 28.56
CA LEU C 128 1.80 2.48 27.83
C LEU C 128 0.37 2.22 28.31
N SER C 129 -0.47 1.76 27.38
CA SER C 129 -1.83 1.38 27.71
C SER C 129 -1.84 -0.02 28.32
N THR C 130 -2.72 -0.23 29.29
CA THR C 130 -2.80 -1.49 30.01
C THR C 130 -4.18 -2.10 29.84
N LEU C 131 -4.28 -3.39 30.14
CA LEU C 131 -5.53 -4.09 30.35
C LEU C 131 -5.46 -4.80 31.69
N PRO C 132 -6.59 -4.92 32.40
CA PRO C 132 -6.54 -5.44 33.77
C PRO C 132 -5.97 -6.86 33.84
N ALA C 133 -5.15 -7.10 34.87
CA ALA C 133 -4.61 -8.44 35.07
C ALA C 133 -5.71 -9.46 35.33
N ALA C 134 -6.83 -9.04 35.91
CA ALA C 134 -7.92 -9.95 36.17
C ALA C 134 -8.48 -10.57 34.88
N ASP C 135 -8.25 -9.91 33.74
CA ASP C 135 -8.73 -10.39 32.46
C ASP C 135 -7.75 -11.35 31.78
N PHE C 136 -6.56 -11.54 32.33
CA PHE C 136 -5.52 -12.32 31.67
C PHE C 136 -5.84 -13.81 31.79
N PRO C 137 -5.75 -14.58 30.69
CA PRO C 137 -6.01 -16.02 30.74
C PRO C 137 -5.17 -16.75 31.79
N ASP C 141 -5.28 -24.88 35.37
CA ASP C 141 -4.89 -25.81 36.42
C ASP C 141 -4.92 -27.27 35.95
N TRP C 142 -3.78 -27.94 36.12
CA TRP C 142 -3.64 -29.33 35.73
C TRP C 142 -2.62 -29.98 36.66
N GLN C 143 -2.63 -31.31 36.68
CA GLN C 143 -1.80 -32.09 37.58
C GLN C 143 -0.75 -32.86 36.81
N SER C 144 0.46 -32.92 37.37
CA SER C 144 1.55 -33.66 36.76
C SER C 144 1.37 -35.15 36.99
N GLU C 145 1.55 -35.94 35.94
CA GLU C 145 1.50 -37.40 36.01
C GLU C 145 2.85 -38.07 35.85
N VAL C 146 3.78 -37.44 35.12
CA VAL C 146 5.10 -38.00 34.89
C VAL C 146 6.13 -36.88 35.00
N GLU C 147 7.28 -37.20 35.60
CA GLU C 147 8.32 -36.21 35.81
C GLU C 147 9.69 -36.83 35.62
N PHE C 148 10.59 -36.06 35.03
CA PHE C 148 11.97 -36.48 34.84
C PHE C 148 12.79 -35.24 34.50
N THR C 149 14.09 -35.36 34.70
CA THR C 149 15.05 -34.31 34.38
C THR C 149 16.07 -34.86 33.39
N LEU C 150 16.60 -33.98 32.55
CA LEU C 150 17.64 -34.36 31.60
C LEU C 150 18.37 -33.10 31.18
N PRO C 151 19.60 -33.24 30.67
CA PRO C 151 20.35 -32.06 30.21
C PRO C 151 19.64 -31.36 29.06
N GLN C 152 19.85 -30.04 28.98
CA GLN C 152 19.28 -29.27 27.89
C GLN C 152 19.77 -29.77 26.54
N ALA C 153 21.05 -30.15 26.46
CA ALA C 153 21.60 -30.61 25.18
C ALA C 153 20.89 -31.88 24.70
N THR C 154 20.48 -32.75 25.63
CA THR C 154 19.81 -33.98 25.22
C THR C 154 18.43 -33.70 24.63
N MET C 155 17.66 -32.81 25.26
CA MET C 155 16.37 -32.44 24.70
C MET C 155 16.54 -31.74 23.36
N LYS C 156 17.55 -30.88 23.25
CA LYS C 156 17.82 -30.18 21.99
C LYS C 156 18.06 -31.17 20.86
N ARG C 157 18.90 -32.18 21.10
CA ARG C 157 19.20 -33.16 20.06
C ARG C 157 17.96 -33.97 19.70
N LEU C 158 17.19 -34.39 20.72
CA LEU C 158 15.99 -35.17 20.47
C LEU C 158 15.04 -34.42 19.52
N ILE C 159 14.92 -33.11 19.70
CA ILE C 159 14.02 -32.32 18.88
C ILE C 159 14.62 -32.07 17.51
N GLU C 160 15.90 -31.66 17.47
CA GLU C 160 16.53 -31.37 16.18
C GLU C 160 16.55 -32.60 15.28
N ALA C 161 16.73 -33.78 15.87
CA ALA C 161 16.85 -34.99 15.07
C ALA C 161 15.56 -35.38 14.38
N THR C 162 14.41 -34.89 14.84
CA THR C 162 13.12 -35.32 14.32
C THR C 162 12.20 -34.20 13.88
N GLN C 163 12.45 -32.95 14.29
CA GLN C 163 11.52 -31.87 14.03
C GLN C 163 11.11 -31.75 12.57
N PHE C 164 12.07 -31.91 11.65
CA PHE C 164 11.79 -31.65 10.25
C PHE C 164 10.79 -32.62 9.63
N SER C 165 10.56 -33.77 10.26
CA SER C 165 9.61 -34.75 9.73
C SER C 165 8.19 -34.52 10.21
N MET C 166 7.95 -33.52 11.05
CA MET C 166 6.60 -33.21 11.48
C MET C 166 5.76 -32.73 10.29
N ALA C 167 4.47 -33.03 10.34
CA ALA C 167 3.54 -32.55 9.33
C ALA C 167 3.25 -31.07 9.53
N HIS C 168 2.90 -30.40 8.43
CA HIS C 168 2.50 -28.99 8.44
C HIS C 168 1.04 -28.90 8.05
N GLN C 169 0.18 -28.58 9.01
CA GLN C 169 -1.25 -28.35 8.76
C GLN C 169 -1.90 -29.53 8.03
N ASP C 170 -1.47 -30.74 8.38
CA ASP C 170 -2.10 -31.92 7.82
C ASP C 170 -3.51 -32.07 8.41
N VAL C 171 -4.45 -32.50 7.57
CA VAL C 171 -5.81 -32.69 8.06
C VAL C 171 -5.81 -33.70 9.19
N ARG C 172 -4.83 -34.60 9.22
CA ARG C 172 -4.63 -35.50 10.35
C ARG C 172 -3.88 -34.70 11.41
N TYR C 173 -4.66 -34.00 12.25
CA TYR C 173 -4.10 -33.04 13.19
C TYR C 173 -3.06 -33.67 14.11
N TYR C 174 -3.20 -34.95 14.42
CA TYR C 174 -2.27 -35.59 15.35
C TYR C 174 -0.87 -35.73 14.77
N LEU C 175 -0.67 -35.44 13.49
CA LEU C 175 0.65 -35.46 12.89
C LEU C 175 1.31 -34.07 12.88
N ASN C 176 0.56 -33.01 13.17
CA ASN C 176 1.12 -31.68 13.23
C ASN C 176 1.74 -31.47 14.60
N GLY C 177 2.62 -32.37 14.98
CA GLY C 177 3.24 -32.33 16.29
C GLY C 177 4.32 -33.38 16.40
N MET C 178 4.82 -33.54 17.62
CA MET C 178 5.90 -34.47 17.89
C MET C 178 5.51 -35.38 19.05
N LEU C 179 5.63 -36.69 18.84
CA LEU C 179 5.40 -37.64 19.92
C LEU C 179 6.57 -37.58 20.90
N PHE C 180 6.26 -37.48 22.18
CA PHE C 180 7.24 -37.62 23.25
C PHE C 180 6.90 -38.89 24.00
N GLU C 181 7.83 -39.86 24.00
CA GLU C 181 7.56 -41.18 24.53
C GLU C 181 8.60 -41.56 25.58
N THR C 182 8.11 -41.97 26.74
CA THR C 182 8.96 -42.51 27.80
C THR C 182 8.78 -44.03 27.84
N GLU C 183 9.90 -44.74 27.98
CA GLU C 183 9.87 -46.21 28.04
C GLU C 183 11.12 -46.68 28.76
N GLY C 184 10.93 -47.41 29.86
CA GLY C 184 12.05 -47.86 30.65
C GLY C 184 12.90 -46.72 31.15
N GLU C 185 14.06 -46.52 30.54
CA GLU C 185 15.00 -45.47 30.92
CA GLU C 185 14.99 -45.45 30.93
C GLU C 185 15.26 -44.50 29.77
N GLU C 186 14.56 -44.65 28.66
CA GLU C 186 14.80 -43.85 27.47
C GLU C 186 13.68 -42.83 27.26
N LEU C 187 14.06 -41.66 26.76
CA LEU C 187 13.12 -40.67 26.24
C LEU C 187 13.26 -40.66 24.72
N ARG C 188 12.12 -40.69 24.03
CA ARG C 188 12.10 -40.86 22.58
C ARG C 188 11.17 -39.83 21.96
N THR C 189 11.59 -39.27 20.84
CA THR C 189 10.76 -38.39 20.02
C THR C 189 10.49 -39.06 18.68
N VAL C 190 9.29 -38.86 18.16
CA VAL C 190 8.89 -39.39 16.87
C VAL C 190 8.12 -38.31 16.13
N ALA C 191 8.39 -38.17 14.84
CA ALA C 191 7.70 -37.23 13.99
C ALA C 191 7.52 -37.84 12.60
N THR C 192 6.35 -37.64 12.02
CA THR C 192 6.06 -38.16 10.69
C THR C 192 4.98 -37.30 10.06
N ASP C 193 4.96 -37.32 8.72
CA ASP C 193 3.92 -36.66 7.93
C ASP C 193 3.22 -37.65 7.01
N GLY C 194 3.35 -38.95 7.29
CA GLY C 194 2.78 -39.98 6.48
C GLY C 194 3.65 -40.47 5.34
N HIS C 195 4.58 -39.65 4.88
CA HIS C 195 5.53 -40.04 3.84
C HIS C 195 6.91 -40.38 4.37
N ARG C 196 7.31 -39.76 5.47
CA ARG C 196 8.63 -39.95 6.06
C ARG C 196 8.49 -39.92 7.58
N LEU C 197 9.43 -40.56 8.26
CA LEU C 197 9.39 -40.66 9.71
C LEU C 197 10.79 -40.49 10.29
N ALA C 198 10.84 -39.87 11.45
CA ALA C 198 12.08 -39.68 12.21
C ALA C 198 11.85 -40.09 13.66
N VAL C 199 12.76 -40.87 14.21
CA VAL C 199 12.68 -41.31 15.59
C VAL C 199 14.07 -41.19 16.21
N CYS C 200 14.13 -40.69 17.45
CA CYS C 200 15.38 -40.53 18.16
C CYS C 200 15.16 -40.91 19.62
N SER C 201 16.08 -41.71 20.16
CA SER C 201 16.00 -42.18 21.54
C SER C 201 17.28 -41.83 22.28
N MET C 202 17.15 -41.42 23.53
CA MET C 202 18.27 -41.06 24.38
C MET C 202 18.04 -41.61 25.79
N PRO C 203 19.08 -42.10 26.45
CA PRO C 203 18.92 -42.53 27.85
C PRO C 203 18.99 -41.33 28.78
N ILE C 204 18.18 -41.38 29.84
CA ILE C 204 18.17 -40.26 30.79
C ILE C 204 18.40 -40.72 32.22
N GLY C 205 18.79 -41.97 32.41
CA GLY C 205 19.19 -42.42 33.73
C GLY C 205 18.12 -42.50 34.79
N GLN C 206 16.84 -42.47 34.40
CA GLN C 206 15.76 -42.62 35.37
C GLN C 206 14.80 -43.72 34.92
N SER C 207 14.30 -44.49 35.88
CA SER C 207 13.27 -45.48 35.59
C SER C 207 11.94 -44.76 35.35
N LEU C 208 11.40 -44.90 34.14
CA LEU C 208 10.20 -44.17 33.76
C LEU C 208 9.02 -45.11 33.50
N PRO C 209 7.79 -44.64 33.75
CA PRO C 209 6.62 -45.38 33.25
C PRO C 209 6.48 -45.20 31.76
N SER C 210 5.87 -46.20 31.12
CA SER C 210 5.63 -46.14 29.67
C SER C 210 4.51 -45.14 29.39
N HIS C 211 4.83 -44.05 28.70
CA HIS C 211 3.84 -43.01 28.44
C HIS C 211 4.13 -42.38 27.07
N SER C 212 3.10 -41.73 26.53
CA SER C 212 3.17 -41.17 25.18
C SER C 212 2.22 -39.97 25.08
N VAL C 213 2.75 -38.84 24.63
CA VAL C 213 1.95 -37.63 24.42
C VAL C 213 2.43 -36.96 23.13
N ILE C 214 1.53 -36.17 22.54
CA ILE C 214 1.79 -35.45 21.31
C ILE C 214 1.88 -33.97 21.65
N VAL C 215 3.02 -33.36 21.38
CA VAL C 215 3.24 -31.93 21.61
C VAL C 215 2.99 -31.20 20.30
N PRO C 216 2.17 -30.15 20.29
CA PRO C 216 1.92 -29.43 19.04
C PRO C 216 3.20 -28.80 18.49
N ARG C 217 3.22 -28.63 17.16
CA ARG C 217 4.39 -28.10 16.47
C ARG C 217 5.01 -26.92 17.21
N LYS C 218 4.22 -25.87 17.42
CA LYS C 218 4.75 -24.63 17.95
C LYS C 218 5.31 -24.83 19.36
N GLY C 219 4.64 -25.66 20.15
CA GLY C 219 5.18 -25.98 21.46
C GLY C 219 6.55 -26.63 21.36
N VAL C 220 6.72 -27.53 20.39
CA VAL C 220 8.03 -28.13 20.15
C VAL C 220 9.03 -27.03 19.83
N ILE C 221 8.65 -26.15 18.89
CA ILE C 221 9.54 -25.05 18.50
C ILE C 221 9.85 -24.16 19.69
N GLU C 222 8.81 -23.81 20.47
CA GLU C 222 9.02 -22.94 21.62
C GLU C 222 9.90 -23.62 22.67
N LEU C 223 9.65 -24.89 22.94
CA LEU C 223 10.52 -25.63 23.86
C LEU C 223 11.94 -25.68 23.33
N MET C 224 12.08 -25.80 22.01
N MET C 224 12.10 -25.76 22.02
CA MET C 224 13.39 -25.82 21.37
CA MET C 224 13.42 -25.83 21.42
C MET C 224 14.15 -24.53 21.61
C MET C 224 14.18 -24.51 21.60
N ARG C 225 13.46 -23.40 21.55
CA ARG C 225 14.11 -22.10 21.64
CA ARG C 225 14.09 -22.09 21.64
C ARG C 225 14.49 -21.71 23.05
N MET C 226 13.87 -22.33 24.06
CA MET C 226 14.21 -21.98 25.44
C MET C 226 15.45 -22.71 25.93
N LEU C 227 15.97 -23.66 25.16
CA LEU C 227 17.15 -24.41 25.55
C LEU C 227 18.42 -23.71 25.07
N ASP C 228 19.34 -23.45 26.01
CA ASP C 228 20.60 -22.79 25.69
C ASP C 228 21.81 -23.69 25.91
N GLY C 229 21.59 -24.98 26.16
CA GLY C 229 22.68 -25.92 26.38
C GLY C 229 23.61 -25.55 27.51
N GLY C 230 23.16 -24.70 28.42
CA GLY C 230 23.92 -24.33 29.59
C GLY C 230 24.03 -25.51 30.55
N ASP C 231 24.56 -25.21 31.74
CA ASP C 231 24.74 -26.25 32.74
C ASP C 231 23.48 -26.51 33.55
N ASN C 232 22.48 -25.64 33.45
CA ASN C 232 21.20 -25.88 34.12
C ASN C 232 20.52 -27.11 33.53
N PRO C 233 20.01 -28.02 34.35
CA PRO C 233 19.23 -29.15 33.81
C PRO C 233 17.83 -28.68 33.43
N LEU C 234 17.17 -29.50 32.61
CA LEU C 234 15.77 -29.28 32.26
C LEU C 234 14.92 -30.27 33.03
N ARG C 235 13.79 -29.77 33.55
CA ARG C 235 12.85 -30.55 34.36
C ARG C 235 11.53 -30.58 33.61
N VAL C 236 11.04 -31.78 33.31
CA VAL C 236 9.84 -31.94 32.50
C VAL C 236 8.73 -32.54 33.36
N GLN C 237 7.53 -31.98 33.23
CA GLN C 237 6.33 -32.52 33.86
C GLN C 237 5.31 -32.77 32.76
N ILE C 238 4.80 -34.00 32.69
CA ILE C 238 3.81 -34.38 31.70
C ILE C 238 2.51 -34.71 32.43
N GLY C 239 1.44 -34.02 32.07
CA GLY C 239 0.11 -34.35 32.54
C GLY C 239 -0.69 -35.10 31.50
N SER C 240 -1.99 -35.24 31.77
CA SER C 240 -2.86 -35.91 30.82
C SER C 240 -3.13 -35.05 29.59
N ASN C 241 -3.15 -33.71 29.77
CA ASN C 241 -3.47 -32.81 28.68
C ASN C 241 -2.47 -31.67 28.52
N ASN C 242 -1.37 -31.68 29.29
CA ASN C 242 -0.40 -30.60 29.21
C ASN C 242 1.01 -31.15 29.42
N ILE C 243 2.00 -30.38 28.98
CA ILE C 243 3.41 -30.65 29.24
C ILE C 243 4.05 -29.36 29.72
N ARG C 244 4.94 -29.47 30.70
CA ARG C 244 5.62 -28.31 31.29
C ARG C 244 7.11 -28.57 31.37
N ALA C 245 7.89 -27.52 31.08
CA ALA C 245 9.34 -27.60 31.11
C ALA C 245 9.90 -26.44 31.94
N HIS C 246 10.68 -26.77 32.96
CA HIS C 246 11.34 -25.77 33.80
CA HIS C 246 11.34 -25.77 33.79
C HIS C 246 12.81 -25.68 33.39
N VAL C 247 13.26 -24.48 33.05
CA VAL C 247 14.67 -24.22 32.79
C VAL C 247 15.06 -22.95 33.51
N GLY C 248 15.94 -23.05 34.49
CA GLY C 248 16.33 -21.87 35.23
C GLY C 248 15.13 -21.13 35.77
N ASP C 249 14.99 -19.87 35.38
CA ASP C 249 13.89 -19.02 35.82
C ASP C 249 12.77 -18.93 34.79
N PHE C 250 12.70 -19.89 33.87
CA PHE C 250 11.66 -19.94 32.86
C PHE C 250 10.81 -21.20 33.04
N ILE C 251 9.50 -21.04 32.86
CA ILE C 251 8.56 -22.15 32.91
C ILE C 251 7.73 -22.09 31.63
N PHE C 252 7.80 -23.15 30.82
CA PHE C 252 7.03 -23.25 29.60
C PHE C 252 5.98 -24.34 29.76
N THR C 253 4.73 -24.01 29.43
CA THR C 253 3.62 -24.96 29.49
C THR C 253 2.89 -24.94 28.15
N SER C 254 2.54 -26.14 27.68
CA SER C 254 1.79 -26.28 26.43
C SER C 254 0.69 -27.32 26.61
N LYS C 255 -0.44 -27.07 25.97
CA LYS C 255 -1.47 -28.09 25.83
C LYS C 255 -0.97 -29.20 24.90
N LEU C 256 -1.52 -30.39 25.09
CA LEU C 256 -1.19 -31.53 24.24
C LEU C 256 -2.23 -31.67 23.13
N VAL C 257 -1.79 -32.29 22.04
CA VAL C 257 -2.70 -32.61 20.93
C VAL C 257 -3.53 -33.82 21.32
N ASP C 258 -4.85 -33.65 21.31
CA ASP C 258 -5.77 -34.72 21.72
C ASP C 258 -6.02 -35.64 20.52
N GLY C 259 -5.15 -36.63 20.36
CA GLY C 259 -5.27 -37.58 19.27
C GLY C 259 -4.42 -38.79 19.53
N ARG C 260 -4.49 -39.74 18.60
CA ARG C 260 -3.75 -41.00 18.69
C ARG C 260 -2.66 -41.02 17.63
N PHE C 261 -1.41 -41.07 18.08
CA PHE C 261 -0.27 -41.12 17.16
C PHE C 261 -0.17 -42.51 16.53
N PRO C 262 0.19 -42.60 15.24
CA PRO C 262 0.33 -43.91 14.62
C PRO C 262 1.39 -44.76 15.31
N ASP C 263 1.22 -46.08 15.21
CA ASP C 263 2.18 -47.03 15.78
C ASP C 263 3.39 -47.08 14.86
N TYR C 264 4.40 -46.27 15.20
CA TYR C 264 5.57 -46.14 14.34
C TYR C 264 6.40 -47.42 14.30
N ARG C 265 6.29 -48.28 15.32
CA ARG C 265 7.05 -49.53 15.29
C ARG C 265 6.68 -50.38 14.08
N ARG C 266 5.44 -50.24 13.61
CA ARG C 266 4.97 -51.04 12.48
C ARG C 266 5.65 -50.67 11.16
N VAL C 267 6.20 -49.46 11.04
CA VAL C 267 6.78 -49.04 9.77
C VAL C 267 8.27 -49.28 9.63
N LEU C 268 8.97 -49.59 10.71
CA LEU C 268 10.37 -49.94 10.57
C LEU C 268 10.47 -51.19 9.69
N PRO C 269 11.26 -51.17 8.63
CA PRO C 269 11.38 -52.37 7.78
C PRO C 269 11.67 -53.60 8.63
N LYS C 270 10.87 -54.65 8.43
CA LYS C 270 10.93 -55.80 9.32
C LYS C 270 12.24 -56.56 9.12
N ASN C 271 12.50 -57.00 7.89
CA ASN C 271 13.67 -57.81 7.58
C ASN C 271 14.30 -57.25 6.31
N PRO C 272 15.00 -56.12 6.41
CA PRO C 272 15.69 -55.58 5.22
C PRO C 272 16.93 -56.38 4.86
N ASP C 273 16.90 -57.03 3.71
CA ASP C 273 17.99 -57.88 3.26
C ASP C 273 19.02 -57.12 2.44
N LYS C 274 18.73 -55.87 2.06
CA LYS C 274 19.63 -55.05 1.24
C LYS C 274 20.17 -53.93 2.10
N HIS C 275 21.48 -53.91 2.30
CA HIS C 275 22.15 -52.91 3.12
C HIS C 275 23.15 -52.15 2.26
N LEU C 276 23.13 -50.82 2.36
CA LEU C 276 24.02 -49.95 1.61
C LEU C 276 24.69 -48.97 2.57
N GLU C 277 25.98 -48.75 2.38
CA GLU C 277 26.73 -47.78 3.16
C GLU C 277 27.51 -46.87 2.23
N ALA C 278 27.50 -45.57 2.53
CA ALA C 278 28.16 -44.60 1.67
C ALA C 278 28.52 -43.38 2.50
N GLY C 279 29.48 -42.61 1.99
CA GLY C 279 29.84 -41.36 2.62
C GLY C 279 28.68 -40.39 2.64
N CYS C 280 28.40 -39.81 3.80
CA CYS C 280 27.23 -38.94 3.93
C CYS C 280 27.33 -37.72 3.04
N ASP C 281 28.50 -37.06 3.04
CA ASP C 281 28.64 -35.82 2.30
C ASP C 281 28.61 -36.07 0.80
N LEU C 282 29.38 -37.05 0.31
CA LEU C 282 29.34 -37.38 -1.10
C LEU C 282 27.93 -37.75 -1.54
N LEU C 283 27.24 -38.55 -0.72
CA LEU C 283 25.84 -38.89 -1.02
C LEU C 283 24.98 -37.64 -1.02
N LYS C 284 25.18 -36.74 -0.06
CA LYS C 284 24.38 -35.53 0.02
C LYS C 284 24.58 -34.66 -1.21
N GLN C 285 25.84 -34.41 -1.58
CA GLN C 285 26.09 -33.53 -2.72
C GLN C 285 25.61 -34.13 -4.03
N ALA C 286 25.64 -35.47 -4.15
CA ALA C 286 25.17 -36.11 -5.36
C ALA C 286 23.66 -35.94 -5.52
N PHE C 287 22.90 -36.16 -4.43
CA PHE C 287 21.46 -35.95 -4.49
C PHE C 287 21.14 -34.49 -4.75
N ALA C 288 21.91 -33.57 -4.17
CA ALA C 288 21.61 -32.15 -4.34
C ALA C 288 21.78 -31.72 -5.79
N ARG C 289 22.81 -32.22 -6.47
CA ARG C 289 23.00 -31.89 -7.88
C ARG C 289 21.92 -32.52 -8.74
N ALA C 290 21.62 -33.80 -8.51
CA ALA C 290 20.58 -34.46 -9.29
C ALA C 290 19.23 -33.79 -9.08
N ALA C 291 18.97 -33.27 -7.88
CA ALA C 291 17.70 -32.62 -7.61
C ALA C 291 17.46 -31.44 -8.54
N ILE C 292 18.52 -30.84 -9.06
CA ILE C 292 18.37 -29.64 -9.88
C ILE C 292 17.53 -29.93 -11.11
N LEU C 293 17.63 -31.14 -11.66
CA LEU C 293 16.89 -31.51 -12.85
C LEU C 293 15.74 -32.46 -12.54
N SER C 294 15.28 -32.49 -11.29
CA SER C 294 14.07 -33.24 -10.93
C SER C 294 12.85 -32.34 -11.11
N ASN C 295 11.69 -32.97 -11.20
CA ASN C 295 10.44 -32.23 -11.29
C ASN C 295 10.32 -31.24 -10.13
N GLU C 296 10.08 -29.98 -10.47
CA GLU C 296 10.07 -28.93 -9.45
C GLU C 296 8.95 -29.10 -8.44
N LYS C 297 7.87 -29.79 -8.81
CA LYS C 297 6.75 -30.02 -7.91
C LYS C 297 6.85 -31.37 -7.19
N PHE C 298 7.28 -32.42 -7.89
CA PHE C 298 7.29 -33.76 -7.30
C PHE C 298 8.67 -34.23 -6.87
N ARG C 299 9.74 -33.64 -7.39
CA ARG C 299 11.08 -33.80 -6.84
C ARG C 299 11.54 -35.25 -6.84
N GLY C 300 11.07 -36.04 -7.80
CA GLY C 300 11.41 -37.45 -7.82
C GLY C 300 12.79 -37.70 -8.42
N VAL C 301 13.56 -38.57 -7.74
CA VAL C 301 14.81 -39.08 -8.26
C VAL C 301 14.80 -40.60 -8.16
N ARG C 302 15.66 -41.23 -8.94
CA ARG C 302 15.80 -42.67 -8.99
C ARG C 302 17.14 -43.11 -8.44
N LEU C 303 17.13 -44.22 -7.70
CA LEU C 303 18.34 -44.87 -7.23
C LEU C 303 18.44 -46.22 -7.94
N TYR C 304 19.56 -46.45 -8.62
CA TYR C 304 19.89 -47.76 -9.18
C TYR C 304 21.04 -48.27 -8.33
N VAL C 305 20.78 -49.31 -7.54
CA VAL C 305 21.77 -49.88 -6.63
C VAL C 305 22.22 -51.21 -7.21
N SER C 306 23.53 -51.40 -7.31
CA SER C 306 24.14 -52.63 -7.76
C SER C 306 25.41 -52.84 -6.93
N GLU C 307 26.18 -53.87 -7.27
CA GLU C 307 27.32 -54.26 -6.45
C GLU C 307 28.29 -53.09 -6.27
N ASN C 308 28.31 -52.54 -5.04
CA ASN C 308 29.25 -51.47 -4.65
C ASN C 308 29.14 -50.26 -5.57
N GLN C 309 27.96 -50.03 -6.13
CA GLN C 309 27.73 -48.88 -6.99
C GLN C 309 26.31 -48.35 -6.76
N LEU C 310 26.21 -47.03 -6.65
CA LEU C 310 24.93 -46.34 -6.62
C LEU C 310 24.87 -45.36 -7.79
N LYS C 311 23.80 -45.45 -8.58
CA LYS C 311 23.54 -44.51 -9.66
C LYS C 311 22.26 -43.77 -9.36
N ILE C 312 22.34 -42.44 -9.39
CA ILE C 312 21.20 -41.57 -9.13
C ILE C 312 20.88 -40.82 -10.42
N THR C 313 19.61 -40.86 -10.82
CA THR C 313 19.16 -40.15 -12.01
C THR C 313 17.94 -39.30 -11.68
N ALA C 314 17.76 -38.25 -12.49
CA ALA C 314 16.62 -37.34 -12.35
C ALA C 314 16.29 -36.78 -13.72
N ASN C 315 15.00 -36.59 -13.98
CA ASN C 315 14.54 -35.91 -15.19
C ASN C 315 13.30 -35.08 -14.85
N ASN C 316 13.03 -34.09 -15.67
CA ASN C 316 11.94 -33.14 -15.47
C ASN C 316 11.11 -33.06 -16.74
N PRO C 317 9.97 -32.35 -16.70
CA PRO C 317 9.11 -32.29 -17.89
C PRO C 317 9.81 -31.77 -19.14
N GLU C 318 10.84 -30.93 -18.99
CA GLU C 318 11.59 -30.49 -20.16
C GLU C 318 12.49 -31.58 -20.72
N GLN C 319 12.49 -32.78 -20.14
CA GLN C 319 13.30 -33.90 -20.59
C GLN C 319 14.79 -33.67 -20.34
N GLU C 320 15.14 -32.77 -19.42
CA GLU C 320 16.52 -32.64 -18.99
C GLU C 320 16.83 -33.78 -18.03
N GLU C 321 18.11 -34.16 -17.96
CA GLU C 321 18.49 -35.35 -17.20
C GLU C 321 19.79 -35.14 -16.44
N ALA C 322 19.82 -35.69 -15.23
CA ALA C 322 21.01 -35.73 -14.40
C ALA C 322 21.36 -37.18 -14.07
N GLU C 323 22.66 -37.46 -13.96
CA GLU C 323 23.13 -38.76 -13.53
C GLU C 323 24.34 -38.58 -12.62
N GLU C 324 24.32 -39.26 -11.48
CA GLU C 324 25.42 -39.27 -10.53
C GLU C 324 25.77 -40.72 -10.25
N ILE C 325 27.05 -41.04 -10.28
CA ILE C 325 27.54 -42.38 -9.98
C ILE C 325 28.46 -42.33 -8.78
N LEU C 326 28.20 -43.18 -7.79
CA LEU C 326 28.95 -43.20 -6.54
C LEU C 326 29.45 -44.60 -6.24
N ASP C 327 30.66 -44.67 -5.66
CA ASP C 327 31.16 -45.91 -5.07
C ASP C 327 30.58 -46.05 -3.67
N VAL C 328 29.90 -47.16 -3.41
CA VAL C 328 29.32 -47.47 -2.12
C VAL C 328 29.67 -48.92 -1.78
N THR C 329 29.27 -49.35 -0.59
CA THR C 329 29.38 -50.74 -0.17
C THR C 329 27.98 -51.36 -0.22
N TYR C 330 27.76 -52.21 -1.22
CA TYR C 330 26.47 -52.86 -1.41
C TYR C 330 26.67 -54.22 -2.05
N SER C 331 26.03 -55.25 -1.50
CA SER C 331 26.13 -56.60 -2.05
C SER C 331 24.78 -57.27 -2.26
N GLY C 332 23.68 -56.64 -1.91
CA GLY C 332 22.38 -57.23 -2.12
C GLY C 332 21.99 -57.27 -3.59
N ALA C 333 20.76 -57.73 -3.83
CA ALA C 333 20.26 -57.85 -5.19
C ALA C 333 20.08 -56.47 -5.82
N GLU C 334 20.34 -56.40 -7.12
CA GLU C 334 20.14 -55.16 -7.86
C GLU C 334 18.68 -54.72 -7.80
N MET C 335 18.46 -53.42 -7.71
CA MET C 335 17.11 -52.89 -7.64
C MET C 335 17.09 -51.42 -8.01
N GLU C 336 15.90 -50.95 -8.37
CA GLU C 336 15.61 -49.56 -8.71
C GLU C 336 14.52 -49.05 -7.79
N ILE C 337 14.66 -47.82 -7.31
CA ILE C 337 13.71 -47.26 -6.36
C ILE C 337 13.73 -45.74 -6.46
N GLY C 338 12.53 -45.15 -6.41
CA GLY C 338 12.36 -43.71 -6.55
C GLY C 338 12.06 -43.03 -5.24
N PHE C 339 12.53 -41.80 -5.09
CA PHE C 339 12.33 -41.03 -3.87
C PHE C 339 12.12 -39.56 -4.16
N ASN C 340 11.38 -38.90 -3.28
CA ASN C 340 11.38 -37.44 -3.21
C ASN C 340 12.73 -36.99 -2.67
N VAL C 341 13.51 -36.31 -3.51
CA VAL C 341 14.89 -36.01 -3.12
C VAL C 341 14.92 -35.06 -1.93
N SER C 342 13.89 -34.24 -1.73
CA SER C 342 13.85 -33.37 -0.57
C SER C 342 13.81 -34.17 0.72
N TYR C 343 13.01 -35.25 0.75
CA TYR C 343 12.96 -36.09 1.93
C TYR C 343 14.32 -36.72 2.21
N VAL C 344 15.02 -37.17 1.17
CA VAL C 344 16.32 -37.79 1.35
C VAL C 344 17.33 -36.77 1.86
N LEU C 345 17.35 -35.58 1.26
CA LEU C 345 18.32 -34.57 1.67
C LEU C 345 18.07 -34.12 3.10
N ASP C 346 16.80 -34.05 3.52
CA ASP C 346 16.50 -33.69 4.89
C ASP C 346 17.14 -34.66 5.87
N VAL C 347 17.09 -35.96 5.56
CA VAL C 347 17.69 -36.97 6.44
C VAL C 347 19.20 -36.80 6.48
N LEU C 348 19.83 -36.69 5.31
CA LEU C 348 21.29 -36.59 5.26
C LEU C 348 21.78 -35.31 5.93
N ASN C 349 21.01 -34.22 5.83
CA ASN C 349 21.37 -33.01 6.55
C ASN C 349 21.20 -33.17 8.05
N ALA C 350 20.20 -33.93 8.49
CA ALA C 350 20.00 -34.15 9.92
C ALA C 350 21.08 -35.05 10.50
N LEU C 351 21.61 -35.97 9.70
CA LEU C 351 22.72 -36.82 10.12
C LEU C 351 24.00 -36.02 9.96
N LYS C 352 24.64 -35.67 11.08
CA LYS C 352 25.87 -34.88 11.05
C LYS C 352 27.08 -35.79 11.26
N CYS C 353 27.21 -36.75 10.35
CA CYS C 353 28.14 -37.86 10.52
C CYS C 353 28.93 -38.10 9.23
N GLU C 354 29.83 -39.07 9.29
CA GLU C 354 30.75 -39.37 8.20
C GLU C 354 30.13 -40.34 7.19
N ASN C 355 29.56 -41.45 7.66
CA ASN C 355 29.02 -42.50 6.80
C ASN C 355 27.58 -42.78 7.18
N VAL C 356 26.77 -43.16 6.19
CA VAL C 356 25.36 -43.47 6.40
C VAL C 356 25.12 -44.91 5.98
N ARG C 357 24.14 -45.54 6.63
CA ARG C 357 23.71 -46.89 6.27
C ARG C 357 22.25 -46.85 5.82
N MET C 358 21.96 -47.41 4.63
CA MET C 358 20.60 -47.54 4.14
C MET C 358 20.17 -48.99 4.13
N MET C 359 18.97 -49.25 4.61
CA MET C 359 18.40 -50.59 4.69
C MET C 359 17.15 -50.64 3.83
N LEU C 360 17.18 -51.51 2.81
CA LEU C 360 16.15 -51.59 1.80
C LEU C 360 15.49 -52.96 1.79
N THR C 361 14.30 -53.01 1.20
CA THR C 361 13.56 -54.26 1.00
C THR C 361 13.21 -54.45 -0.46
N ASP C 362 12.38 -53.60 -1.04
CA ASP C 362 12.05 -53.67 -2.45
C ASP C 362 11.64 -52.27 -2.91
N SER C 363 11.27 -52.16 -4.19
CA SER C 363 11.04 -50.86 -4.79
C SER C 363 9.78 -50.16 -4.29
N VAL C 364 8.89 -50.88 -3.61
CA VAL C 364 7.64 -50.30 -3.16
C VAL C 364 7.53 -50.25 -1.64
N SER C 365 8.62 -50.53 -0.93
CA SER C 365 8.64 -50.55 0.53
C SER C 365 9.52 -49.43 1.06
N SER C 366 9.27 -49.06 2.31
CA SER C 366 10.01 -47.97 2.93
C SER C 366 11.48 -48.33 3.02
N VAL C 367 12.31 -47.31 3.21
CA VAL C 367 13.74 -47.46 3.43
C VAL C 367 14.08 -46.85 4.78
N GLN C 368 15.01 -47.47 5.49
CA GLN C 368 15.51 -46.97 6.76
C GLN C 368 16.91 -46.41 6.56
N ILE C 369 17.14 -45.19 7.05
CA ILE C 369 18.42 -44.52 6.92
C ILE C 369 18.87 -44.09 8.32
N GLU C 370 20.15 -44.28 8.60
CA GLU C 370 20.71 -43.87 9.89
C GLU C 370 22.22 -43.72 9.76
N ASP C 371 22.80 -43.05 10.76
CA ASP C 371 24.25 -42.99 10.88
C ASP C 371 24.81 -44.41 11.00
N ALA C 372 25.83 -44.70 10.19
CA ALA C 372 26.43 -46.04 10.22
C ALA C 372 27.00 -46.37 11.59
N ALA C 373 27.38 -45.36 12.36
CA ALA C 373 28.04 -45.58 13.64
C ALA C 373 27.12 -45.42 14.85
N SER C 374 25.83 -45.18 14.62
CA SER C 374 24.93 -44.99 15.76
C SER C 374 23.50 -45.33 15.34
N GLN C 375 22.81 -46.05 16.23
CA GLN C 375 21.38 -46.30 16.09
C GLN C 375 20.54 -45.35 16.93
N SER C 376 21.15 -44.32 17.52
CA SER C 376 20.41 -43.39 18.37
C SER C 376 19.23 -42.80 17.60
N ALA C 377 19.45 -42.43 16.34
CA ALA C 377 18.42 -41.86 15.49
C ALA C 377 18.25 -42.75 14.26
N ALA C 378 16.99 -42.89 13.81
CA ALA C 378 16.67 -43.66 12.62
C ALA C 378 15.62 -42.90 11.82
N TYR C 379 15.73 -42.99 10.49
CA TYR C 379 14.84 -42.26 9.59
C TYR C 379 14.26 -43.23 8.57
N VAL C 380 12.95 -43.18 8.38
CA VAL C 380 12.24 -44.05 7.45
C VAL C 380 11.55 -43.19 6.41
N VAL C 381 11.86 -43.45 5.14
CA VAL C 381 11.33 -42.67 4.02
C VAL C 381 10.59 -43.62 3.10
N MET C 382 9.35 -43.26 2.74
CA MET C 382 8.56 -44.06 1.82
C MET C 382 8.91 -43.67 0.38
N PRO C 383 9.12 -44.65 -0.51
CA PRO C 383 9.54 -44.31 -1.87
C PRO C 383 8.42 -43.69 -2.71
N MET C 384 8.75 -43.32 -3.95
CA MET C 384 7.79 -42.79 -4.90
C MET C 384 7.57 -43.81 -6.01
N ARG C 385 6.47 -43.61 -6.74
CA ARG C 385 6.17 -44.47 -7.87
C ARG C 385 7.13 -44.16 -9.02
N LEU C 386 7.88 -45.17 -9.45
CA LEU C 386 8.78 -45.00 -10.59
C LEU C 386 7.99 -44.64 -11.85
C ACE D 1 4.02 -41.21 -5.70
O ACE D 1 4.39 -42.33 -5.49
CH3 ACE D 1 3.58 -40.79 -7.06
N GLN D 2 3.97 -40.28 -4.75
CA GLN D 2 4.35 -40.56 -3.37
C GLN D 2 3.39 -41.57 -2.76
N ALC D 3 4.21 -42.53 -2.07
CA ALC D 3 3.43 -43.56 -1.37
C ALC D 3 3.34 -43.15 0.10
O ALC D 3 4.15 -42.45 0.66
CB ALC D 3 4.08 -44.95 -1.46
CG ALC D 3 4.16 -45.52 -2.87
CD2 ALC D 3 5.23 -46.61 -2.97
CE2 ALC D 3 5.30 -47.21 -4.36
CZ ALC D 3 3.96 -47.76 -4.81
CE1 ALC D 3 2.90 -46.68 -4.74
CD1 ALC D 3 2.82 -46.07 -3.34
CA SOQ D 4 2.24 -43.49 2.23
CB SOQ D 4 0.80 -43.08 2.60
CG SOQ D 4 0.62 -41.58 2.61
N SOQ D 4 2.29 -43.83 0.80
C SOQ D 4 2.70 -44.63 3.11
O SOQ D 4 2.70 -45.79 2.51
OD1 SOQ D 4 0.56 -40.92 1.60
OD2 SOQ D 4 0.55 -41.08 3.82
C1 SOQ D 4 1.10 -44.55 0.36
N LEU D 5 3.20 -44.13 4.36
CA LEU D 5 3.69 -45.05 5.39
C LEU D 5 2.53 -45.87 5.96
N ZCL D 6 1.12 -45.67 5.88
O ZCL D 6 -1.22 -46.47 4.04
CLZ ZCL D 6 3.74 -44.43 11.42
CE2 ZCL D 6 1.89 -45.96 10.21
CE1 ZCL D 6 1.95 -43.69 9.50
CLE1 ZCL D 6 2.62 -42.09 9.58
CD2 ZCL D 6 0.88 -46.21 9.31
CD1 ZCL D 6 0.94 -43.93 8.60
CB ZCL D 6 -0.73 -45.47 7.51
C ZCL D 6 -1.22 -45.63 5.04
CZ ZCL D 6 2.44 -44.70 10.30
CG ZCL D 6 0.38 -45.21 8.49
CA ZCL D 6 -0.27 -46.07 6.18
OXT ZCL D 6 -1.90 -44.61 5.07
N SER E 19 8.85 40.28 -29.45
CA SER E 19 7.66 39.82 -30.22
C SER E 19 6.45 40.69 -29.93
N HIS E 20 5.49 40.68 -30.86
CA HIS E 20 4.32 41.55 -30.81
C HIS E 20 3.03 40.74 -30.92
N MET E 21 3.06 39.49 -30.48
CA MET E 21 1.91 38.59 -30.59
C MET E 21 0.64 39.26 -30.09
N LYS E 22 -0.36 39.31 -30.96
CA LYS E 22 -1.69 39.81 -30.60
C LYS E 22 -2.74 38.86 -31.16
N PHE E 23 -3.84 38.71 -30.42
CA PHE E 23 -5.03 38.10 -30.99
C PHE E 23 -6.23 38.46 -30.12
N THR E 24 -7.39 38.51 -30.76
CA THR E 24 -8.66 38.72 -30.07
C THR E 24 -9.61 37.61 -30.51
N VAL E 25 -10.10 36.84 -29.55
CA VAL E 25 -10.92 35.67 -29.84
C VAL E 25 -12.14 35.69 -28.94
N GLU E 26 -13.28 35.27 -29.50
CA GLU E 26 -14.49 35.16 -28.71
C GLU E 26 -14.34 34.05 -27.69
N ARG E 27 -14.86 34.28 -26.48
CA ARG E 27 -14.58 33.40 -25.35
C ARG E 27 -14.87 31.94 -25.68
N GLU E 28 -16.04 31.65 -26.23
CA GLU E 28 -16.45 30.27 -26.41
C GLU E 28 -15.66 29.55 -27.50
N HIS E 29 -14.96 30.30 -28.36
CA HIS E 29 -14.05 29.68 -29.31
C HIS E 29 -12.71 29.32 -28.68
N LEU E 30 -12.44 29.82 -27.47
CA LEU E 30 -11.16 29.60 -26.82
C LEU E 30 -11.20 28.60 -25.68
N LEU E 31 -12.36 28.39 -25.06
CA LEU E 31 -12.40 27.64 -23.80
C LEU E 31 -12.04 26.16 -24.01
N LYS E 32 -12.79 25.47 -24.86
CA LYS E 32 -12.55 24.04 -25.01
C LYS E 32 -11.12 23.73 -25.45
N PRO E 33 -10.52 24.44 -26.41
CA PRO E 33 -9.08 24.27 -26.65
C PRO E 33 -8.24 24.44 -25.39
N LEU E 34 -8.45 25.54 -24.65
CA LEU E 34 -7.67 25.77 -23.43
C LEU E 34 -7.86 24.64 -22.43
N GLN E 35 -9.10 24.18 -22.25
CA GLN E 35 -9.35 23.13 -21.27
C GLN E 35 -8.55 21.87 -21.58
N GLN E 36 -8.52 21.49 -22.86
CA GLN E 36 -7.92 20.21 -23.22
C GLN E 36 -6.40 20.26 -23.07
N VAL E 37 -5.77 21.34 -23.55
CA VAL E 37 -4.32 21.41 -23.48
C VAL E 37 -3.83 21.76 -22.08
N SER E 38 -4.60 22.50 -21.30
CA SER E 38 -4.16 22.92 -19.98
C SER E 38 -4.47 21.93 -18.87
N GLY E 39 -5.45 21.05 -19.06
CA GLY E 39 -5.87 20.13 -18.03
C GLY E 39 -4.75 19.30 -17.44
N PRO E 40 -3.99 18.61 -18.29
CA PRO E 40 -2.94 17.71 -17.79
C PRO E 40 -1.73 18.41 -17.19
N LEU E 41 -1.68 19.74 -17.17
CA LEU E 41 -0.48 20.44 -16.77
C LEU E 41 -0.49 20.79 -15.29
N GLY E 42 0.71 20.76 -14.69
CA GLY E 42 0.96 21.38 -13.39
C GLY E 42 0.78 20.57 -12.13
N GLY E 43 1.36 19.38 -11.98
CA GLY E 43 2.15 18.72 -13.01
C GLY E 43 3.59 18.45 -12.57
N ARG E 44 4.47 19.34 -12.99
CA ARG E 44 5.91 19.27 -12.72
C ARG E 44 6.30 20.60 -12.08
N PRO E 45 6.06 20.74 -10.77
CA PRO E 45 6.20 22.08 -10.16
C PRO E 45 7.61 22.62 -10.12
N THR E 46 8.63 21.76 -10.17
CA THR E 46 10.01 22.24 -10.16
C THR E 46 10.46 22.73 -11.52
N LEU E 47 9.68 22.43 -12.58
CA LEU E 47 9.99 22.82 -13.96
C LEU E 47 8.90 23.80 -14.40
N PRO E 48 9.05 25.09 -14.05
CA PRO E 48 7.95 26.05 -14.28
C PRO E 48 7.39 26.09 -15.68
N ILE E 49 8.23 26.02 -16.72
CA ILE E 49 7.70 26.21 -18.06
C ILE E 49 6.76 25.09 -18.48
N LEU E 50 6.84 23.93 -17.83
CA LEU E 50 5.90 22.86 -18.15
C LEU E 50 4.50 23.15 -17.62
N GLY E 51 4.37 24.12 -16.71
CA GLY E 51 3.07 24.59 -16.27
C GLY E 51 2.46 25.65 -17.14
N ASN E 52 3.16 26.07 -18.18
CA ASN E 52 2.70 27.10 -19.10
C ASN E 52 2.21 26.47 -20.39
N LEU E 53 1.36 27.22 -21.10
CA LEU E 53 0.95 26.88 -22.45
C LEU E 53 1.79 27.68 -23.44
N LEU E 54 2.20 27.03 -24.52
CA LEU E 54 2.86 27.72 -25.62
C LEU E 54 1.77 28.28 -26.54
N LEU E 55 1.75 29.59 -26.70
CA LEU E 55 0.82 30.26 -27.59
C LEU E 55 1.58 30.73 -28.83
N GLN E 56 1.06 30.39 -30.00
CA GLN E 56 1.67 30.78 -31.26
C GLN E 56 0.62 31.30 -32.21
N VAL E 57 0.83 32.50 -32.73
CA VAL E 57 0.00 33.07 -33.78
C VAL E 57 0.81 33.05 -35.06
N ALA E 58 0.31 32.32 -36.06
CA ALA E 58 0.94 32.24 -37.37
C ALA E 58 -0.16 32.24 -38.43
N ASP E 59 0.06 33.04 -39.48
CA ASP E 59 -0.91 33.29 -40.55
C ASP E 59 -2.33 32.87 -40.20
N GLY E 60 -2.96 33.65 -39.33
CA GLY E 60 -4.36 33.47 -38.97
C GLY E 60 -4.71 32.20 -38.23
N THR E 61 -3.78 31.62 -37.48
CA THR E 61 -4.06 30.44 -36.68
C THR E 61 -3.41 30.64 -35.32
N LEU E 62 -4.16 30.37 -34.25
CA LEU E 62 -3.62 30.34 -32.90
C LEU E 62 -3.42 28.91 -32.47
N SER E 63 -2.18 28.55 -32.12
CA SER E 63 -1.84 27.22 -31.65
C SER E 63 -1.60 27.25 -30.15
N LEU E 64 -2.15 26.26 -29.46
CA LEU E 64 -1.99 26.08 -28.02
C LEU E 64 -1.36 24.72 -27.77
N THR E 65 -0.22 24.72 -27.08
CA THR E 65 0.52 23.49 -26.82
C THR E 65 0.86 23.39 -25.35
N GLY E 66 0.62 22.22 -24.77
CA GLY E 66 1.04 21.95 -23.41
C GLY E 66 1.65 20.56 -23.33
N THR E 67 2.59 20.41 -22.41
CA THR E 67 3.31 19.15 -22.30
C THR E 67 3.81 18.97 -20.88
N ASP E 68 4.04 17.71 -20.52
CA ASP E 68 4.77 17.35 -19.31
C ASP E 68 6.00 16.52 -19.65
N LEU E 69 6.44 16.59 -20.91
CA LEU E 69 7.59 15.86 -21.43
C LEU E 69 7.27 14.41 -21.70
N GLU E 70 6.29 13.84 -21.01
CA GLU E 70 5.84 12.49 -21.33
C GLU E 70 4.77 12.49 -22.43
N MET E 71 3.87 13.48 -22.40
CA MET E 71 2.85 13.61 -23.42
C MET E 71 2.65 15.09 -23.73
N GLU E 72 1.94 15.36 -24.82
CA GLU E 72 1.79 16.70 -25.35
C GLU E 72 0.41 16.84 -25.96
N MET E 73 -0.20 18.01 -25.77
CA MET E 73 -1.53 18.31 -26.27
C MET E 73 -1.46 19.60 -27.07
N VAL E 74 -2.00 19.58 -28.30
CA VAL E 74 -1.98 20.74 -29.19
C VAL E 74 -3.39 21.01 -29.69
N ALA E 75 -3.81 22.27 -29.64
CA ALA E 75 -5.09 22.70 -30.18
C ALA E 75 -4.89 23.91 -31.09
N ARG E 76 -5.74 24.02 -32.11
CA ARG E 76 -5.64 25.07 -33.12
CA ARG E 76 -5.64 25.07 -33.12
C ARG E 76 -6.95 25.82 -33.20
N VAL E 77 -6.87 27.15 -33.23
CA VAL E 77 -8.03 28.03 -33.28
C VAL E 77 -7.84 29.00 -34.44
N ALA E 78 -8.83 29.06 -35.32
CA ALA E 78 -8.79 30.01 -36.44
C ALA E 78 -9.01 31.43 -35.94
N LEU E 79 -8.21 32.35 -36.43
CA LEU E 79 -8.26 33.76 -36.01
C LEU E 79 -8.93 34.59 -37.10
N VAL E 80 -10.20 34.89 -36.92
CA VAL E 80 -10.92 35.73 -37.87
C VAL E 80 -10.74 37.21 -37.56
N GLN E 81 -10.49 37.57 -36.32
CA GLN E 81 -10.30 38.97 -35.92
C GLN E 81 -8.85 39.37 -36.08
N PRO E 82 -8.56 40.67 -36.14
CA PRO E 82 -7.18 41.12 -36.37
C PRO E 82 -6.20 40.50 -35.37
N HIS E 83 -4.99 40.23 -35.87
CA HIS E 83 -3.98 39.56 -35.07
C HIS E 83 -2.60 39.94 -35.58
N GLU E 84 -1.59 39.67 -34.76
CA GLU E 84 -0.19 39.87 -35.11
C GLU E 84 0.61 38.64 -34.71
N PRO E 85 1.53 38.19 -35.54
CA PRO E 85 2.22 36.91 -35.26
C PRO E 85 3.20 37.05 -34.11
N GLY E 86 3.46 35.91 -33.47
CA GLY E 86 4.38 35.86 -32.35
C GLY E 86 4.12 34.62 -31.53
N ALA E 87 4.91 34.50 -30.45
CA ALA E 87 4.78 33.34 -29.58
C ALA E 87 5.29 33.68 -28.20
N THR E 88 4.71 33.02 -27.21
CA THR E 88 5.13 33.14 -25.81
C THR E 88 4.58 31.95 -25.05
N THR E 89 4.88 31.90 -23.75
CA THR E 89 4.30 30.89 -22.87
C THR E 89 3.77 31.61 -21.64
N VAL E 90 2.63 31.15 -21.14
CA VAL E 90 1.97 31.75 -19.98
C VAL E 90 1.39 30.64 -19.11
N PRO E 91 1.22 30.90 -17.82
CA PRO E 91 0.64 29.87 -16.93
C PRO E 91 -0.68 29.34 -17.46
N ALA E 92 -0.73 28.02 -17.65
CA ALA E 92 -1.87 27.38 -18.30
C ALA E 92 -3.14 27.55 -17.49
N ARG E 93 -3.12 27.12 -16.22
CA ARG E 93 -4.34 27.09 -15.42
C ARG E 93 -4.87 28.50 -15.18
N LYS E 94 -3.98 29.46 -14.89
CA LYS E 94 -4.41 30.83 -14.67
C LYS E 94 -5.09 31.40 -15.90
N PHE E 95 -4.49 31.20 -17.08
CA PHE E 95 -5.08 31.73 -18.30
C PHE E 95 -6.44 31.08 -18.57
N PHE E 96 -6.56 29.78 -18.33
CA PHE E 96 -7.85 29.12 -18.53
C PHE E 96 -8.89 29.64 -17.55
N ASP E 97 -8.52 29.77 -16.27
CA ASP E 97 -9.46 30.25 -15.27
C ASP E 97 -9.93 31.67 -15.60
N ILE E 98 -9.03 32.51 -16.11
CA ILE E 98 -9.42 33.86 -16.48
C ILE E 98 -10.47 33.82 -17.59
N CYS E 99 -10.16 33.09 -18.67
CA CYS E 99 -11.09 33.02 -19.79
C CYS E 99 -12.42 32.42 -19.37
N ARG E 100 -12.38 31.37 -18.53
CA ARG E 100 -13.62 30.75 -18.08
C ARG E 100 -14.39 31.66 -17.14
N GLY E 101 -13.68 32.50 -16.39
CA GLY E 101 -14.34 33.39 -15.45
C GLY E 101 -15.02 34.59 -16.09
N LEU E 102 -14.68 34.89 -17.33
CA LEU E 102 -15.32 36.00 -18.01
C LEU E 102 -16.74 35.61 -18.41
N PRO E 103 -17.61 36.60 -18.61
CA PRO E 103 -19.02 36.29 -18.91
C PRO E 103 -19.21 35.69 -20.29
N GLU E 104 -20.34 35.01 -20.44
CA GLU E 104 -20.73 34.46 -21.73
C GLU E 104 -20.75 35.54 -22.79
N GLY E 105 -20.14 35.24 -23.94
CA GLY E 105 -20.10 36.18 -25.05
C GLY E 105 -18.93 37.14 -25.02
N ALA E 106 -18.09 37.09 -24.00
CA ALA E 106 -17.02 38.07 -23.87
C ALA E 106 -16.01 37.94 -25.01
N GLU E 107 -15.52 39.09 -25.47
CA GLU E 107 -14.41 39.13 -26.42
C GLU E 107 -13.11 39.24 -25.64
N ILE E 108 -12.18 38.33 -25.90
CA ILE E 108 -10.96 38.21 -25.11
C ILE E 108 -9.81 38.69 -25.99
N ALA E 109 -9.26 39.85 -25.65
CA ALA E 109 -8.14 40.44 -26.36
C ALA E 109 -6.85 40.10 -25.63
N VAL E 110 -5.90 39.52 -26.35
CA VAL E 110 -4.62 39.09 -25.80
C VAL E 110 -3.52 39.85 -26.53
N GLN E 111 -2.52 40.30 -25.79
CA GLN E 111 -1.38 40.98 -26.39
C GLN E 111 -0.15 40.74 -25.53
N LEU E 112 1.00 40.63 -26.19
CA LEU E 112 2.26 40.40 -25.51
C LEU E 112 2.91 41.74 -25.27
N GLU E 113 3.42 41.95 -24.06
CA GLU E 113 4.08 43.21 -23.72
C GLU E 113 5.32 42.91 -22.89
N GLY E 114 6.43 42.68 -23.56
CA GLY E 114 7.65 42.35 -22.86
C GLY E 114 7.59 40.97 -22.24
N GLU E 115 7.81 40.90 -20.93
CA GLU E 115 7.72 39.66 -20.19
C GLU E 115 6.36 39.42 -19.57
N ARG E 116 5.37 40.22 -19.94
CA ARG E 116 4.00 40.02 -19.51
C ARG E 116 3.10 39.85 -20.72
N MET E 117 2.12 38.96 -20.59
CA MET E 117 1.04 38.84 -21.56
C MET E 117 -0.23 39.40 -20.94
N LEU E 118 -0.86 40.35 -21.63
CA LEU E 118 -2.06 40.99 -21.12
C LEU E 118 -3.31 40.40 -21.77
N VAL E 119 -4.32 40.17 -20.94
CA VAL E 119 -5.62 39.66 -21.36
C VAL E 119 -6.63 40.73 -20.96
N ARG E 120 -7.37 41.24 -21.93
CA ARG E 120 -8.34 42.29 -21.71
C ARG E 120 -9.71 41.87 -22.23
N SER E 121 -10.75 42.21 -21.48
CA SER E 121 -12.12 41.93 -21.86
C SER E 121 -13.02 42.82 -21.02
N GLY E 122 -13.89 43.59 -21.67
CA GLY E 122 -14.71 44.54 -20.94
C GLY E 122 -13.81 45.49 -20.17
N ARG E 123 -14.04 45.60 -18.86
CA ARG E 123 -13.16 46.35 -17.98
C ARG E 123 -12.44 45.43 -17.01
N SER E 124 -12.02 44.27 -17.51
CA SER E 124 -11.19 43.33 -16.77
C SER E 124 -9.82 43.26 -17.45
N ARG E 125 -8.76 43.49 -16.67
CA ARG E 125 -7.40 43.43 -17.17
C ARG E 125 -6.59 42.46 -16.33
N PHE E 126 -5.80 41.61 -17.00
CA PHE E 126 -4.95 40.65 -16.33
C PHE E 126 -3.58 40.67 -16.98
N SER E 127 -2.54 40.64 -16.13
CA SER E 127 -1.16 40.65 -16.59
C SER E 127 -0.50 39.38 -16.09
N LEU E 128 -0.17 38.48 -17.01
CA LEU E 128 0.40 37.19 -16.68
C LEU E 128 1.89 37.19 -16.96
N SER E 129 2.63 36.44 -16.15
CA SER E 129 4.06 36.30 -16.33
C SER E 129 4.35 35.30 -17.44
N THR E 130 5.39 35.56 -18.22
CA THR E 130 5.72 34.73 -19.36
C THR E 130 7.11 34.12 -19.20
N LEU E 131 7.35 33.06 -19.97
CA LEU E 131 8.66 32.50 -20.21
C LEU E 131 8.84 32.38 -21.72
N PRO E 132 10.07 32.53 -22.22
CA PRO E 132 10.25 32.61 -23.67
C PRO E 132 9.78 31.34 -24.38
N ALA E 133 9.16 31.53 -25.55
CA ALA E 133 8.75 30.38 -26.36
C ALA E 133 9.96 29.56 -26.80
N ALA E 134 11.13 30.21 -26.96
CA ALA E 134 12.33 29.49 -27.36
C ALA E 134 12.75 28.44 -26.33
N ASP E 135 12.31 28.59 -25.08
CA ASP E 135 12.65 27.63 -24.02
C ASP E 135 11.67 26.48 -23.92
N PHE E 136 10.58 26.52 -24.67
CA PHE E 136 9.55 25.48 -24.55
C PHE E 136 10.04 24.21 -25.23
N PRO E 137 9.95 23.04 -24.56
CA PRO E 137 10.42 21.79 -25.18
C PRO E 137 9.71 21.49 -26.50
N ASP E 141 11.11 15.09 -33.01
CA ASP E 141 10.52 14.56 -34.24
C ASP E 141 10.62 13.04 -34.31
N TRP E 142 9.60 12.43 -34.90
CA TRP E 142 9.55 11.00 -35.09
C TRP E 142 8.66 10.68 -36.29
N GLN E 143 8.80 9.47 -36.80
CA GLN E 143 8.07 9.03 -37.98
C GLN E 143 7.06 7.96 -37.60
N SER E 144 5.87 8.03 -38.19
CA SER E 144 4.85 7.04 -37.93
C SER E 144 5.18 5.76 -38.69
N GLU E 145 4.98 4.62 -38.04
CA GLU E 145 5.19 3.33 -38.66
C GLU E 145 3.88 2.64 -39.05
N VAL E 146 2.78 2.98 -38.37
CA VAL E 146 1.46 2.46 -38.70
C VAL E 146 0.47 3.60 -38.48
N GLU E 147 -0.53 3.69 -39.35
CA GLU E 147 -1.51 4.77 -39.32
C GLU E 147 -2.86 4.19 -39.70
N PHE E 148 -3.92 4.67 -39.05
CA PHE E 148 -5.26 4.21 -39.34
C PHE E 148 -6.28 5.17 -38.72
N THR E 149 -7.51 5.09 -39.22
CA THR E 149 -8.63 5.86 -38.73
C THR E 149 -9.68 4.92 -38.17
N LEU E 150 -10.42 5.37 -37.17
CA LEU E 150 -11.49 4.56 -36.59
C LEU E 150 -12.46 5.49 -35.87
N PRO E 151 -13.70 5.04 -35.65
CA PRO E 151 -14.66 5.86 -34.89
C PRO E 151 -14.21 6.07 -33.45
N GLN E 152 -14.60 7.21 -32.90
CA GLN E 152 -14.27 7.50 -31.50
C GLN E 152 -14.86 6.44 -30.56
N ALA E 153 -16.09 6.01 -30.84
CA ALA E 153 -16.74 5.02 -29.98
C ALA E 153 -15.98 3.70 -29.97
N THR E 154 -15.36 3.34 -31.10
CA THR E 154 -14.61 2.09 -31.15
C THR E 154 -13.36 2.17 -30.28
N MET E 155 -12.64 3.29 -30.33
CA MET E 155 -11.50 3.46 -29.44
C MET E 155 -11.95 3.50 -27.98
N LYS E 156 -13.06 4.17 -27.71
CA LYS E 156 -13.61 4.21 -26.36
C LYS E 156 -13.91 2.81 -25.83
N ARG E 157 -14.57 1.98 -26.63
CA ARG E 157 -14.86 0.63 -26.17
C ARG E 157 -13.58 -0.17 -25.94
N LEU E 158 -12.63 -0.07 -26.87
CA LEU E 158 -11.38 -0.81 -26.73
C LEU E 158 -10.69 -0.49 -25.41
N ILE E 159 -10.71 0.77 -25.01
CA ILE E 159 -10.03 1.17 -23.77
C ILE E 159 -10.86 0.76 -22.56
N GLU E 160 -12.16 1.06 -22.58
CA GLU E 160 -13.01 0.70 -21.45
C GLU E 160 -13.03 -0.79 -21.20
N ALA E 161 -12.94 -1.60 -22.26
CA ALA E 161 -13.08 -3.05 -22.10
C ALA E 161 -11.91 -3.67 -21.36
N THR E 162 -10.76 -2.99 -21.30
CA THR E 162 -9.57 -3.57 -20.70
C THR E 162 -8.89 -2.68 -19.67
N GLN E 163 -9.20 -1.38 -19.63
CA GLN E 163 -8.45 -0.44 -18.79
C GLN E 163 -8.36 -0.93 -17.36
N PHE E 164 -9.45 -1.47 -16.82
CA PHE E 164 -9.48 -1.83 -15.41
C PHE E 164 -8.50 -2.94 -15.05
N SER E 165 -8.03 -3.70 -16.05
CA SER E 165 -7.10 -4.78 -15.79
C SER E 165 -5.65 -4.34 -15.82
N MET E 166 -5.38 -3.06 -16.08
CA MET E 166 -4.02 -2.56 -16.01
C MET E 166 -3.50 -2.64 -14.58
N ALA E 167 -2.19 -2.84 -14.46
CA ALA E 167 -1.56 -2.85 -13.15
C ALA E 167 -1.49 -1.43 -12.61
N HIS E 168 -1.50 -1.31 -11.29
CA HIS E 168 -1.43 -0.03 -10.60
C HIS E 168 -0.09 0.03 -9.88
N GLN E 169 0.83 0.85 -10.38
CA GLN E 169 2.10 1.10 -9.70
C GLN E 169 2.84 -0.20 -9.46
N ASP E 170 2.76 -1.13 -10.40
CA ASP E 170 3.50 -2.38 -10.28
C ASP E 170 4.99 -2.14 -10.46
N VAL E 171 5.79 -2.86 -9.68
CA VAL E 171 7.25 -2.76 -9.81
C VAL E 171 7.69 -3.15 -11.21
N ARG E 172 6.92 -4.00 -11.89
CA ARG E 172 7.14 -4.37 -13.28
C ARG E 172 6.55 -3.29 -14.18
N TYR E 173 7.39 -2.32 -14.55
CA TYR E 173 6.88 -1.13 -15.22
C TYR E 173 6.09 -1.48 -16.47
N TYR E 174 6.45 -2.56 -17.15
CA TYR E 174 5.80 -2.91 -18.41
C TYR E 174 4.35 -3.34 -18.23
N LEU E 175 3.88 -3.51 -17.00
CA LEU E 175 2.47 -3.83 -16.76
C LEU E 175 1.62 -2.59 -16.44
N ASN E 176 2.26 -1.45 -16.17
CA ASN E 176 1.54 -0.22 -15.86
C ASN E 176 1.14 0.53 -17.14
N GLY E 177 0.43 -0.18 -17.99
CA GLY E 177 0.02 0.38 -19.25
C GLY E 177 -0.91 -0.55 -19.98
N MET E 178 -1.21 -0.20 -21.22
CA MET E 178 -2.13 -0.95 -22.05
C MET E 178 -1.44 -1.30 -23.36
N LEU E 179 -1.44 -2.58 -23.70
CA LEU E 179 -0.91 -3.02 -24.99
C LEU E 179 -1.90 -2.66 -26.10
N PHE E 180 -1.38 -2.05 -27.17
CA PHE E 180 -2.14 -1.82 -28.39
C PHE E 180 -1.52 -2.67 -29.49
N GLU E 181 -2.32 -3.54 -30.07
CA GLU E 181 -1.86 -4.50 -31.08
C GLU E 181 -2.65 -4.32 -32.35
N THR E 182 -1.96 -4.13 -33.46
CA THR E 182 -2.55 -4.13 -34.79
C THR E 182 -2.17 -5.43 -35.48
N GLU E 183 -3.15 -6.07 -36.12
CA GLU E 183 -2.90 -7.32 -36.83
C GLU E 183 -4.01 -7.50 -37.86
N GLY E 184 -3.64 -7.66 -39.11
CA GLY E 184 -4.63 -7.78 -40.17
C GLY E 184 -5.49 -6.54 -40.22
N GLU E 185 -6.78 -6.71 -40.01
CA GLU E 185 -7.73 -5.59 -40.01
C GLU E 185 -8.29 -5.33 -38.62
N GLU E 186 -7.57 -5.72 -37.57
CA GLU E 186 -8.04 -5.62 -36.21
C GLU E 186 -7.13 -4.74 -35.36
N LEU E 187 -7.74 -3.97 -34.46
CA LEU E 187 -7.03 -3.29 -33.39
C LEU E 187 -7.42 -3.95 -32.07
N ARG E 188 -6.42 -4.21 -31.23
CA ARG E 188 -6.61 -4.96 -30.00
C ARG E 188 -5.96 -4.24 -28.84
N THR E 189 -6.63 -4.22 -27.71
CA THR E 189 -6.07 -3.74 -26.46
C THR E 189 -5.96 -4.90 -25.49
N VAL E 190 -4.89 -4.91 -24.70
CA VAL E 190 -4.67 -5.93 -23.68
C VAL E 190 -4.13 -5.26 -22.44
N ALA E 191 -4.60 -5.72 -21.27
CA ALA E 191 -4.15 -5.20 -19.99
C ALA E 191 -4.13 -6.35 -18.99
N THR E 192 -3.10 -6.37 -18.15
CA THR E 192 -2.98 -7.41 -17.14
C THR E 192 -2.18 -6.87 -15.95
N ASP E 193 -2.42 -7.47 -14.79
CA ASP E 193 -1.64 -7.17 -13.57
C ASP E 193 -1.04 -8.44 -12.98
N GLY E 194 -0.96 -9.51 -13.76
CA GLY E 194 -0.44 -10.77 -13.28
C GLY E 194 -1.45 -11.67 -12.63
N HIS E 195 -2.56 -11.11 -12.13
CA HIS E 195 -3.63 -11.89 -11.54
C HIS E 195 -4.80 -12.06 -12.48
N ARG E 196 -5.05 -11.08 -13.34
CA ARG E 196 -6.19 -11.07 -14.24
C ARG E 196 -5.76 -10.44 -15.55
N LEU E 197 -6.50 -10.76 -16.61
CA LEU E 197 -6.18 -10.30 -17.95
C LEU E 197 -7.45 -9.87 -18.66
N ALA E 198 -7.33 -8.83 -19.48
CA ALA E 198 -8.41 -8.34 -20.32
C ALA E 198 -7.89 -8.14 -21.73
N VAL E 199 -8.64 -8.64 -22.70
CA VAL E 199 -8.28 -8.50 -24.11
C VAL E 199 -9.54 -8.17 -24.89
N CYS E 200 -9.45 -7.18 -25.78
CA CYS E 200 -10.58 -6.76 -26.59
C CYS E 200 -10.07 -6.46 -27.99
N SER E 201 -10.79 -6.95 -29.00
CA SER E 201 -10.41 -6.79 -30.39
C SER E 201 -11.57 -6.18 -31.16
N MET E 202 -11.25 -5.27 -32.08
CA MET E 202 -12.26 -4.64 -32.91
C MET E 202 -11.75 -4.52 -34.34
N PRO E 203 -12.60 -4.75 -35.34
CA PRO E 203 -12.19 -4.53 -36.73
C PRO E 203 -12.29 -3.07 -37.11
N ILE E 204 -11.39 -2.63 -37.98
CA ILE E 204 -11.38 -1.23 -38.41
C ILE E 204 -11.49 -1.08 -39.92
N GLY E 205 -11.41 -2.16 -40.69
CA GLY E 205 -11.64 -2.10 -42.12
C GLY E 205 -10.45 -1.75 -42.98
N GLN E 206 -9.25 -1.70 -42.43
CA GLN E 206 -8.03 -1.50 -43.20
C GLN E 206 -7.00 -2.54 -42.76
N SER E 207 -6.27 -3.06 -43.74
CA SER E 207 -5.22 -4.04 -43.46
C SER E 207 -4.00 -3.33 -42.88
N LEU E 208 -3.60 -3.75 -41.68
CA LEU E 208 -2.52 -3.12 -40.95
C LEU E 208 -1.34 -4.08 -40.84
N PRO E 209 -0.11 -3.56 -40.78
CA PRO E 209 1.02 -4.42 -40.44
C PRO E 209 0.97 -4.80 -38.97
N SER E 210 1.60 -5.93 -38.65
CA SER E 210 1.61 -6.41 -37.28
C SER E 210 2.49 -5.50 -36.42
N HIS E 211 1.89 -4.88 -35.42
CA HIS E 211 2.59 -3.96 -34.54
CA HIS E 211 2.59 -3.96 -34.54
C HIS E 211 2.03 -4.10 -33.12
N SER E 212 2.91 -3.92 -32.14
CA SER E 212 2.55 -4.08 -30.74
C SER E 212 3.29 -3.02 -29.93
N VAL E 213 2.54 -2.19 -29.19
CA VAL E 213 3.12 -1.16 -28.35
C VAL E 213 2.35 -1.03 -27.05
N ILE E 214 3.02 -0.49 -26.04
CA ILE E 214 2.42 -0.27 -24.71
C ILE E 214 2.22 1.23 -24.52
N VAL E 215 0.99 1.63 -24.29
CA VAL E 215 0.65 3.03 -24.01
C VAL E 215 0.64 3.20 -22.49
N PRO E 216 1.34 4.18 -21.94
CA PRO E 216 1.34 4.35 -20.48
C PRO E 216 -0.04 4.69 -19.95
N ARG E 217 -0.27 4.31 -18.69
CA ARG E 217 -1.55 4.57 -18.03
C ARG E 217 -2.02 6.00 -18.26
N LYS E 218 -1.20 6.98 -17.87
CA LYS E 218 -1.56 8.38 -18.08
C LYS E 218 -1.92 8.67 -19.52
N GLY E 219 -1.19 8.08 -20.48
CA GLY E 219 -1.55 8.26 -21.87
C GLY E 219 -2.91 7.70 -22.20
N VAL E 220 -3.22 6.51 -21.67
CA VAL E 220 -4.53 5.91 -21.89
C VAL E 220 -5.62 6.81 -21.34
N ILE E 221 -5.46 7.28 -20.10
CA ILE E 221 -6.46 8.14 -19.49
C ILE E 221 -6.68 9.38 -20.33
N GLU E 222 -5.60 10.03 -20.76
CA GLU E 222 -5.72 11.22 -21.59
C GLU E 222 -6.35 10.88 -22.93
N LEU E 223 -5.95 9.76 -23.53
CA LEU E 223 -6.54 9.34 -24.80
C LEU E 223 -8.04 9.13 -24.66
N MET E 224 -8.48 8.58 -23.54
CA MET E 224 -9.92 8.44 -23.29
C MET E 224 -10.56 9.81 -23.10
N ARG E 225 -9.92 10.67 -22.31
CA ARG E 225 -10.49 11.96 -21.96
C ARG E 225 -10.70 12.86 -23.16
N MET E 226 -9.95 12.65 -24.24
CA MET E 226 -10.09 13.48 -25.43
C MET E 226 -11.18 13.00 -26.37
N LEU E 227 -11.78 11.83 -26.12
CA LEU E 227 -12.84 11.32 -26.96
C LEU E 227 -14.17 11.89 -26.47
N ASP E 228 -14.89 12.55 -27.37
CA ASP E 228 -16.13 13.22 -27.04
C ASP E 228 -17.31 12.58 -27.74
N GLY E 229 -18.51 13.03 -27.38
CA GLY E 229 -19.71 12.51 -27.98
C GLY E 229 -19.97 13.14 -29.34
N GLY E 230 -19.08 12.91 -30.30
CA GLY E 230 -19.27 13.38 -31.66
C GLY E 230 -18.96 12.33 -32.69
N ASP E 231 -19.25 12.68 -33.94
CA ASP E 231 -19.08 11.81 -35.09
C ASP E 231 -17.77 11.99 -35.84
N ASN E 232 -16.99 13.01 -35.51
CA ASN E 232 -15.70 13.17 -36.18
C ASN E 232 -14.85 11.92 -35.95
N PRO E 233 -14.15 11.42 -36.96
CA PRO E 233 -13.35 10.22 -36.78
C PRO E 233 -12.09 10.51 -35.97
N LEU E 234 -11.51 9.43 -35.45
CA LEU E 234 -10.21 9.48 -34.80
C LEU E 234 -9.17 8.89 -35.73
N ARG E 235 -8.02 9.56 -35.83
CA ARG E 235 -6.91 9.15 -36.68
C ARG E 235 -5.71 8.89 -35.78
N VAL E 236 -5.17 7.68 -35.84
CA VAL E 236 -4.09 7.25 -34.95
C VAL E 236 -2.82 7.03 -35.76
N GLN E 237 -1.70 7.53 -35.24
CA GLN E 237 -0.38 7.29 -35.78
C GLN E 237 0.48 6.70 -34.67
N ILE E 238 1.08 5.53 -34.94
CA ILE E 238 1.94 4.85 -33.97
C ILE E 238 3.35 4.84 -34.54
N GLY E 239 4.30 5.38 -33.79
CA GLY E 239 5.71 5.32 -34.14
C GLY E 239 6.44 4.25 -33.35
N SER E 240 7.77 4.32 -33.41
CA SER E 240 8.57 3.36 -32.67
C SER E 240 8.53 3.62 -31.17
N ASN E 241 8.41 4.89 -30.76
CA ASN E 241 8.40 5.25 -29.36
C ASN E 241 7.29 6.23 -29.00
N ASN E 242 6.37 6.53 -29.92
CA ASN E 242 5.31 7.47 -29.65
C ASN E 242 4.02 7.02 -30.31
N ILE E 243 2.90 7.53 -29.79
CA ILE E 243 1.58 7.35 -30.36
C ILE E 243 0.90 8.71 -30.43
N ARG E 244 0.17 8.96 -31.51
CA ARG E 244 -0.49 10.24 -31.74
C ARG E 244 -1.93 10.01 -32.17
N ALA E 245 -2.82 10.85 -31.66
CA ALA E 245 -4.24 10.77 -31.96
C ALA E 245 -4.75 12.12 -32.41
N HIS E 246 -5.42 12.16 -33.56
CA HIS E 246 -6.03 13.37 -34.09
C HIS E 246 -7.54 13.23 -34.00
N VAL E 247 -8.19 14.21 -33.37
CA VAL E 247 -9.65 14.34 -33.42
C VAL E 247 -9.98 15.81 -33.57
N GLY E 248 -10.64 16.16 -34.67
CA GLY E 248 -10.96 17.54 -34.94
C GLY E 248 -9.71 18.42 -34.97
N ASP E 249 -9.71 19.46 -34.14
CA ASP E 249 -8.60 20.40 -34.08
C ASP E 249 -7.69 20.16 -32.89
N PHE E 250 -7.70 18.96 -32.33
CA PHE E 250 -6.87 18.58 -31.19
C PHE E 250 -5.94 17.45 -31.59
N ILE E 251 -4.68 17.54 -31.17
CA ILE E 251 -3.69 16.50 -31.42
C ILE E 251 -3.04 16.12 -30.09
N PHE E 252 -3.14 14.86 -29.72
CA PHE E 252 -2.52 14.32 -28.52
C PHE E 252 -1.39 13.37 -28.90
N THR E 253 -0.23 13.55 -28.28
CA THR E 253 0.92 12.70 -28.49
C THR E 253 1.42 12.19 -27.15
N SER E 254 1.79 10.92 -27.11
CA SER E 254 2.29 10.30 -25.89
C SER E 254 3.51 9.46 -26.19
N LYS E 255 4.45 9.45 -25.25
CA LYS E 255 5.53 8.47 -25.29
C LYS E 255 4.97 7.08 -25.06
N LEU E 256 5.65 6.09 -25.63
CA LEU E 256 5.32 4.69 -25.40
C LEU E 256 6.19 4.16 -24.27
N VAL E 257 5.70 3.13 -23.60
CA VAL E 257 6.49 2.45 -22.57
C VAL E 257 7.53 1.60 -23.29
N ASP E 258 8.82 1.86 -23.02
CA ASP E 258 9.90 1.13 -23.67
C ASP E 258 10.10 -0.16 -22.88
N GLY E 259 9.29 -1.16 -23.22
CA GLY E 259 9.35 -2.44 -22.54
C GLY E 259 8.65 -3.50 -23.35
N ARG E 260 8.68 -4.72 -22.81
CA ARG E 260 8.09 -5.88 -23.46
C ARG E 260 6.89 -6.36 -22.66
N PHE E 261 5.73 -6.37 -23.30
CA PHE E 261 4.52 -6.88 -22.67
C PHE E 261 4.62 -8.40 -22.60
N PRO E 262 4.12 -9.02 -21.53
CA PRO E 262 4.18 -10.48 -21.45
C PRO E 262 3.49 -11.12 -22.64
N ASP E 263 3.93 -12.33 -22.99
CA ASP E 263 3.32 -13.08 -24.08
C ASP E 263 2.01 -13.60 -23.53
N TYR E 264 0.96 -12.76 -23.63
CA TYR E 264 -0.32 -13.06 -22.99
C TYR E 264 -1.04 -14.24 -23.62
N ARG E 265 -0.76 -14.54 -24.90
CA ARG E 265 -1.42 -15.67 -25.52
C ARG E 265 -1.12 -16.98 -24.78
N ARG E 266 0.05 -17.05 -24.14
CA ARG E 266 0.44 -18.26 -23.42
C ARG E 266 -0.42 -18.53 -22.19
N VAL E 267 -1.09 -17.51 -21.64
CA VAL E 267 -1.84 -17.68 -20.40
C VAL E 267 -3.33 -17.91 -20.66
N LEU E 268 -3.80 -17.72 -21.88
CA LEU E 268 -5.19 -18.01 -22.20
C LEU E 268 -5.48 -19.49 -21.95
N PRO E 269 -6.51 -19.83 -21.18
CA PRO E 269 -6.78 -21.24 -20.88
C PRO E 269 -6.86 -22.10 -22.14
N LYS E 270 -6.09 -23.18 -22.13
CA LYS E 270 -5.93 -24.00 -23.33
C LYS E 270 -7.15 -24.86 -23.63
N ASN E 271 -7.55 -25.70 -22.68
CA ASN E 271 -8.59 -26.71 -22.92
C ASN E 271 -9.59 -26.71 -21.78
N PRO E 272 -10.50 -25.74 -21.76
CA PRO E 272 -11.57 -25.72 -20.73
C PRO E 272 -12.64 -26.76 -21.02
N ASP E 273 -12.78 -27.74 -20.12
CA ASP E 273 -13.77 -28.79 -20.28
C ASP E 273 -15.10 -28.46 -19.61
N LYS E 274 -15.17 -27.39 -18.82
CA LYS E 274 -16.38 -26.98 -18.12
C LYS E 274 -16.88 -25.65 -18.67
N HIS E 275 -18.20 -25.51 -18.78
CA HIS E 275 -18.82 -24.31 -19.34
C HIS E 275 -20.03 -23.91 -18.52
N LEU E 276 -20.11 -22.62 -18.17
CA LEU E 276 -21.22 -22.07 -17.42
C LEU E 276 -21.77 -20.85 -18.13
N GLU E 277 -23.10 -20.74 -18.19
CA GLU E 277 -23.77 -19.58 -18.75
C GLU E 277 -24.85 -19.11 -17.80
N ALA E 278 -24.93 -17.80 -17.61
CA ALA E 278 -25.89 -17.21 -16.68
C ALA E 278 -26.12 -15.76 -17.05
N GLY E 279 -27.25 -15.21 -16.59
CA GLY E 279 -27.54 -13.81 -16.80
C GLY E 279 -26.51 -12.90 -16.16
N CYS E 280 -26.04 -11.90 -16.90
CA CYS E 280 -24.97 -11.05 -16.40
C CYS E 280 -25.40 -10.28 -15.16
N ASP E 281 -26.60 -9.69 -15.19
CA ASP E 281 -27.03 -8.83 -14.09
C ASP E 281 -27.27 -9.65 -12.82
N LEU E 282 -28.02 -10.75 -12.93
CA LEU E 282 -28.24 -11.60 -11.76
C LEU E 282 -26.92 -12.10 -11.20
N LEU E 283 -26.01 -12.52 -12.07
CA LEU E 283 -24.69 -12.96 -11.62
C LEU E 283 -23.94 -11.82 -10.94
N LYS E 284 -24.01 -10.63 -11.51
CA LYS E 284 -23.35 -9.47 -10.91
C LYS E 284 -23.92 -9.16 -9.54
N GLN E 285 -25.24 -9.01 -9.46
CA GLN E 285 -25.85 -8.63 -8.18
C GLN E 285 -25.62 -9.67 -7.12
N ALA E 286 -25.52 -10.95 -7.49
CA ALA E 286 -25.25 -11.99 -6.51
C ALA E 286 -23.84 -11.88 -5.96
N PHE E 287 -22.84 -11.66 -6.84
CA PHE E 287 -21.48 -11.49 -6.37
C PHE E 287 -21.34 -10.23 -5.52
N ALA E 288 -22.05 -9.15 -5.91
CA ALA E 288 -21.92 -7.89 -5.17
C ALA E 288 -22.44 -8.02 -3.75
N ARG E 289 -23.55 -8.74 -3.57
CA ARG E 289 -24.08 -8.95 -2.22
C ARG E 289 -23.16 -9.84 -1.41
N ALA E 290 -22.70 -10.95 -2.00
CA ALA E 290 -21.80 -11.85 -1.30
C ALA E 290 -20.50 -11.16 -0.91
N ALA E 291 -20.04 -10.22 -1.74
CA ALA E 291 -18.80 -9.51 -1.44
C ALA E 291 -18.88 -8.75 -0.13
N ILE E 292 -20.09 -8.39 0.32
CA ILE E 292 -20.24 -7.58 1.53
C ILE E 292 -19.64 -8.30 2.73
N LEU E 293 -19.77 -9.62 2.78
CA LEU E 293 -19.29 -10.41 3.92
C LEU E 293 -18.02 -11.17 3.60
N SER E 294 -17.28 -10.74 2.59
CA SER E 294 -15.96 -11.31 2.31
C SER E 294 -14.89 -10.56 3.11
N ASN E 295 -13.73 -11.18 3.24
CA ASN E 295 -12.60 -10.54 3.89
C ASN E 295 -12.32 -9.20 3.21
N GLU E 296 -12.28 -8.13 4.02
CA GLU E 296 -12.17 -6.79 3.46
C GLU E 296 -10.85 -6.57 2.73
N LYS E 297 -9.81 -7.32 3.08
CA LYS E 297 -8.50 -7.17 2.45
C LYS E 297 -8.27 -8.18 1.33
N PHE E 298 -8.70 -9.43 1.49
CA PHE E 298 -8.44 -10.47 0.50
C PHE E 298 -9.63 -10.79 -0.39
N ARG E 299 -10.84 -10.44 0.04
CA ARG E 299 -12.01 -10.41 -0.84
C ARG E 299 -12.32 -11.78 -1.44
N GLY E 300 -12.02 -12.86 -0.73
CA GLY E 300 -12.21 -14.19 -1.27
C GLY E 300 -13.65 -14.64 -1.18
N VAL E 301 -14.16 -15.22 -2.27
CA VAL E 301 -15.46 -15.88 -2.30
C VAL E 301 -15.26 -17.25 -2.93
N ARG E 302 -16.22 -18.14 -2.65
CA ARG E 302 -16.21 -19.50 -3.16
C ARG E 302 -17.34 -19.70 -4.17
N LEU E 303 -17.03 -20.41 -5.26
CA LEU E 303 -18.00 -20.77 -6.28
C LEU E 303 -18.18 -22.28 -6.28
N TYR E 304 -19.42 -22.75 -6.11
CA TYR E 304 -19.77 -24.15 -6.24
C TYR E 304 -20.65 -24.31 -7.48
N VAL E 305 -20.13 -25.00 -8.49
CA VAL E 305 -20.86 -25.22 -9.74
C VAL E 305 -21.32 -26.67 -9.79
N SER E 306 -22.61 -26.86 -10.03
CA SER E 306 -23.18 -28.18 -10.21
C SER E 306 -24.32 -28.06 -11.22
N GLU E 307 -25.05 -29.16 -11.43
CA GLU E 307 -26.12 -29.19 -12.41
C GLU E 307 -27.13 -28.08 -12.19
N ASN E 308 -27.17 -27.12 -13.11
CA ASN E 308 -28.12 -26.02 -13.10
C ASN E 308 -28.02 -25.17 -11.84
N GLN E 309 -26.85 -25.15 -11.20
CA GLN E 309 -26.71 -24.37 -9.99
C GLN E 309 -25.33 -23.75 -9.85
N LEU E 310 -25.31 -22.48 -9.46
CA LEU E 310 -24.12 -21.81 -8.98
C LEU E 310 -24.43 -21.36 -7.56
N LYS E 311 -23.57 -21.74 -6.62
CA LYS E 311 -23.70 -21.29 -5.24
C LYS E 311 -22.46 -20.50 -4.89
N ILE E 312 -22.67 -19.27 -4.40
CA ILE E 312 -21.61 -18.37 -4.02
C ILE E 312 -21.67 -18.18 -2.51
N THR E 313 -20.54 -18.36 -1.83
CA THR E 313 -20.45 -18.14 -0.41
C THR E 313 -19.31 -17.18 -0.13
N ALA E 314 -19.40 -16.52 1.02
CA ALA E 314 -18.38 -15.59 1.46
C ALA E 314 -18.29 -15.68 2.98
N ASN E 315 -17.07 -15.60 3.50
CA ASN E 315 -16.84 -15.57 4.93
C ASN E 315 -15.75 -14.57 5.23
N ASN E 316 -15.79 -14.00 6.43
CA ASN E 316 -14.85 -13.00 6.89
C ASN E 316 -14.37 -13.38 8.28
N PRO E 317 -13.35 -12.68 8.79
CA PRO E 317 -12.83 -13.01 10.13
C PRO E 317 -13.88 -12.91 11.23
N GLU E 318 -14.91 -12.08 11.05
CA GLU E 318 -15.98 -11.99 12.04
C GLU E 318 -16.92 -13.19 12.05
N GLN E 319 -16.66 -14.20 11.22
CA GLN E 319 -17.48 -15.41 11.13
C GLN E 319 -18.87 -15.14 10.56
N GLU E 320 -19.04 -14.01 9.88
CA GLU E 320 -20.26 -13.74 9.13
C GLU E 320 -20.22 -14.48 7.79
N GLU E 321 -21.39 -14.79 7.26
CA GLU E 321 -21.48 -15.59 6.05
C GLU E 321 -22.58 -15.09 5.14
N ALA E 322 -22.31 -15.11 3.83
CA ALA E 322 -23.29 -14.84 2.79
C ALA E 322 -23.39 -16.06 1.89
N GLU E 323 -24.59 -16.30 1.36
CA GLU E 323 -24.79 -17.39 0.41
C GLU E 323 -25.76 -16.93 -0.67
N GLU E 324 -25.37 -17.14 -1.93
CA GLU E 324 -26.22 -16.85 -3.08
C GLU E 324 -26.33 -18.11 -3.93
N ILE E 325 -27.55 -18.45 -4.32
CA ILE E 325 -27.82 -19.58 -5.20
C ILE E 325 -28.51 -19.04 -6.45
N LEU E 326 -27.99 -19.43 -7.60
CA LEU E 326 -28.49 -18.99 -8.90
C LEU E 326 -28.78 -20.19 -9.79
N ASP E 327 -29.82 -20.08 -10.60
CA ASP E 327 -30.06 -21.04 -11.67
C ASP E 327 -29.19 -20.65 -12.85
N VAL E 328 -28.35 -21.58 -13.30
CA VAL E 328 -27.46 -21.35 -14.43
C VAL E 328 -27.54 -22.53 -15.38
N THR E 329 -26.86 -22.39 -16.51
CA THR E 329 -26.63 -23.46 -17.46
C THR E 329 -25.17 -23.84 -17.29
N TYR E 330 -24.92 -25.06 -16.80
CA TYR E 330 -23.57 -25.50 -16.51
C TYR E 330 -23.39 -26.95 -16.97
N SER E 331 -22.30 -27.18 -17.70
CA SER E 331 -21.98 -28.48 -18.26
C SER E 331 -20.55 -28.84 -17.86
N GLY E 332 -20.41 -29.91 -17.10
CA GLY E 332 -19.11 -30.39 -16.66
C GLY E 332 -19.17 -30.97 -15.26
N ALA E 333 -18.01 -31.41 -14.76
CA ALA E 333 -17.93 -32.02 -13.45
C ALA E 333 -18.19 -30.99 -12.34
N GLU E 334 -18.77 -31.48 -11.24
CA GLU E 334 -18.93 -30.62 -10.07
C GLU E 334 -17.58 -30.07 -9.65
N MET E 335 -17.57 -28.83 -9.17
CA MET E 335 -16.31 -28.20 -8.80
C MET E 335 -16.54 -27.05 -7.83
N GLU E 336 -15.51 -26.75 -7.06
CA GLU E 336 -15.46 -25.61 -6.16
C GLU E 336 -14.20 -24.82 -6.54
N ILE E 337 -14.31 -23.50 -6.53
CA ILE E 337 -13.20 -22.64 -6.92
C ILE E 337 -13.36 -21.30 -6.23
N GLY E 338 -12.24 -20.74 -5.78
CA GLY E 338 -12.23 -19.47 -5.07
C GLY E 338 -11.72 -18.34 -5.95
N PHE E 339 -12.28 -17.15 -5.73
CA PHE E 339 -11.92 -15.99 -6.52
C PHE E 339 -11.94 -14.73 -5.66
N ASN E 340 -11.11 -13.76 -6.04
CA ASN E 340 -11.23 -12.40 -5.56
C ASN E 340 -12.48 -11.77 -6.17
N VAL E 341 -13.48 -11.48 -5.34
CA VAL E 341 -14.78 -11.07 -5.86
C VAL E 341 -14.66 -9.74 -6.60
N SER E 342 -13.70 -8.90 -6.23
CA SER E 342 -13.51 -7.65 -6.96
C SER E 342 -13.10 -7.90 -8.40
N TYR E 343 -12.19 -8.85 -8.63
CA TYR E 343 -11.79 -9.18 -9.99
C TYR E 343 -12.97 -9.68 -10.80
N VAL E 344 -13.84 -10.49 -10.19
CA VAL E 344 -15.01 -11.01 -10.90
C VAL E 344 -15.98 -9.87 -11.21
N LEU E 345 -16.25 -9.01 -10.23
CA LEU E 345 -17.18 -7.91 -10.44
C LEU E 345 -16.66 -6.93 -11.49
N ASP E 346 -15.34 -6.71 -11.52
CA ASP E 346 -14.78 -5.83 -12.54
C ASP E 346 -15.10 -6.35 -13.94
N VAL E 347 -14.98 -7.66 -14.14
CA VAL E 347 -15.28 -8.24 -15.44
C VAL E 347 -16.76 -8.07 -15.78
N LEU E 348 -17.63 -8.44 -14.84
CA LEU E 348 -19.07 -8.38 -15.11
C LEU E 348 -19.54 -6.94 -15.33
N ASN E 349 -18.93 -5.97 -14.64
CA ASN E 349 -19.26 -4.57 -14.90
C ASN E 349 -18.77 -4.12 -16.27
N ALA E 350 -17.63 -4.65 -16.72
CA ALA E 350 -17.13 -4.29 -18.04
C ALA E 350 -17.98 -4.90 -19.15
N LEU E 351 -18.57 -6.07 -18.90
CA LEU E 351 -19.48 -6.70 -19.85
C LEU E 351 -20.86 -6.06 -19.68
N LYS E 352 -21.30 -5.31 -20.69
CA LYS E 352 -22.59 -4.63 -20.64
C LYS E 352 -23.61 -5.36 -21.52
N CYS E 353 -23.83 -6.63 -21.19
CA CYS E 353 -24.56 -7.54 -22.07
C CYS E 353 -25.56 -8.34 -21.25
N GLU E 354 -26.29 -9.22 -21.95
CA GLU E 354 -27.39 -9.96 -21.32
C GLU E 354 -26.90 -11.21 -20.61
N ASN E 355 -26.09 -12.03 -21.27
CA ASN E 355 -25.65 -13.30 -20.74
C ASN E 355 -24.14 -13.41 -20.77
N VAL E 356 -23.60 -14.13 -19.78
CA VAL E 356 -22.16 -14.33 -19.63
C VAL E 356 -21.85 -15.80 -19.79
N ARG E 357 -20.67 -16.08 -20.35
CA ARG E 357 -20.16 -17.44 -20.52
C ARG E 357 -18.87 -17.56 -19.74
N MET E 358 -18.78 -18.56 -18.87
CA MET E 358 -17.57 -18.86 -18.13
C MET E 358 -17.03 -20.21 -18.57
N MET E 359 -15.73 -20.26 -18.84
CA MET E 359 -15.04 -21.48 -19.27
C MET E 359 -14.01 -21.84 -18.22
N LEU E 360 -14.18 -23.00 -17.61
CA LEU E 360 -13.37 -23.42 -16.46
C LEU E 360 -12.63 -24.70 -16.77
N THR E 361 -11.58 -24.96 -15.98
CA THR E 361 -10.80 -26.19 -16.08
C THR E 361 -10.75 -26.92 -14.74
N ASP E 362 -10.14 -26.33 -13.71
CA ASP E 362 -10.11 -26.92 -12.38
C ASP E 362 -9.97 -25.80 -11.36
N SER E 363 -9.89 -26.20 -10.08
CA SER E 363 -9.92 -25.24 -8.99
C SER E 363 -8.65 -24.41 -8.88
N VAL E 364 -7.57 -24.78 -9.56
CA VAL E 364 -6.30 -24.08 -9.47
C VAL E 364 -5.90 -23.44 -10.79
N SER E 365 -6.79 -23.45 -11.78
CA SER E 365 -6.51 -22.90 -13.09
C SER E 365 -7.40 -21.69 -13.36
N SER E 366 -6.95 -20.84 -14.27
CA SER E 366 -7.69 -19.61 -14.57
C SER E 366 -9.04 -19.93 -15.18
N VAL E 367 -9.92 -18.93 -15.16
CA VAL E 367 -11.23 -18.99 -15.80
C VAL E 367 -11.29 -17.92 -16.86
N GLN E 368 -11.92 -18.23 -17.99
CA GLN E 368 -12.15 -17.27 -19.06
C GLN E 368 -13.62 -16.86 -19.05
N ILE E 369 -13.87 -15.57 -19.08
CA ILE E 369 -15.21 -15.01 -19.03
C ILE E 369 -15.40 -14.11 -20.24
N GLU E 370 -16.57 -14.20 -20.87
CA GLU E 370 -16.87 -13.34 -22.01
C GLU E 370 -18.38 -13.26 -22.19
N ASP E 371 -18.80 -12.29 -23.00
CA ASP E 371 -20.19 -12.19 -23.42
C ASP E 371 -20.59 -13.45 -24.18
N ALA E 372 -21.71 -14.05 -23.78
CA ALA E 372 -22.17 -15.25 -24.45
C ALA E 372 -22.45 -14.99 -25.92
N ALA E 373 -22.76 -13.75 -26.28
CA ALA E 373 -23.16 -13.39 -27.63
C ALA E 373 -22.05 -12.74 -28.44
N SER E 374 -20.84 -12.65 -27.90
CA SER E 374 -19.74 -12.02 -28.62
C SER E 374 -18.41 -12.55 -28.13
N GLN E 375 -17.51 -12.82 -29.07
CA GLN E 375 -16.13 -13.18 -28.77
C GLN E 375 -15.19 -11.97 -28.85
N SER E 376 -15.75 -10.77 -29.02
CA SER E 376 -14.92 -9.59 -29.19
C SER E 376 -13.97 -9.38 -28.01
N ALA E 377 -14.48 -9.55 -26.79
CA ALA E 377 -13.69 -9.33 -25.58
C ALA E 377 -13.62 -10.61 -24.76
N ALA E 378 -12.47 -10.85 -24.13
CA ALA E 378 -12.27 -12.01 -23.28
C ALA E 378 -11.52 -11.59 -22.03
N TYR E 379 -11.87 -12.23 -20.90
CA TYR E 379 -11.29 -11.90 -19.60
C TYR E 379 -10.83 -13.19 -18.95
N VAL E 380 -9.60 -13.19 -18.45
CA VAL E 380 -9.00 -14.34 -17.79
C VAL E 380 -8.66 -13.94 -16.37
N VAL E 381 -9.21 -14.66 -15.40
CA VAL E 381 -9.03 -14.37 -13.98
C VAL E 381 -8.44 -15.60 -13.31
N MET E 382 -7.35 -15.41 -12.56
CA MET E 382 -6.70 -16.49 -11.84
C MET E 382 -7.37 -16.68 -10.48
N PRO E 383 -7.67 -17.92 -10.06
CA PRO E 383 -8.39 -18.12 -8.79
C PRO E 383 -7.54 -17.90 -7.55
N MET E 384 -8.16 -18.06 -6.38
CA MET E 384 -7.49 -17.97 -5.09
C MET E 384 -7.47 -19.31 -4.38
N ARG E 385 -6.49 -19.48 -3.49
CA ARG E 385 -6.43 -20.62 -2.60
C ARG E 385 -7.35 -20.36 -1.41
N LEU E 386 -8.40 -21.16 -1.25
CA LEU E 386 -9.31 -21.00 -0.11
C LEU E 386 -9.56 -22.35 0.60
C ACE F 1 -4.21 -16.75 -3.01
O ACE F 1 -4.42 -17.67 -3.73
CH3 ACE F 1 -4.14 -16.94 -1.53
N GLN F 2 -4.05 -15.51 -3.47
CA GLN F 2 -4.10 -15.22 -4.90
C GLN F 2 -2.94 -15.89 -5.62
N ALC F 3 -3.41 -16.68 -6.72
CA ALC F 3 -2.48 -17.43 -7.58
C ALC F 3 -2.12 -16.46 -8.70
O ALC F 3 -2.93 -15.73 -9.24
CB ALC F 3 -3.08 -18.71 -8.16
CG ALC F 3 -3.46 -19.76 -7.10
CD2 ALC F 3 -4.49 -20.74 -7.63
CE2 ALC F 3 -4.86 -21.80 -6.59
CZ ALC F 3 -3.63 -22.55 -6.12
CE1 ALC F 3 -2.59 -21.58 -5.58
CD1 ALC F 3 -2.24 -20.52 -6.61
CA SOQ F 4 -0.55 -15.88 -10.56
CB SOQ F 4 0.90 -15.54 -10.17
CG SOQ F 4 0.98 -14.28 -9.35
N SOQ F 4 -1.09 -16.87 -9.61
C SOQ F 4 -0.62 -16.39 -11.99
O SOQ F 4 -0.79 -17.68 -12.06
OD1 SOQ F 4 0.00 -13.73 -8.89
OD2 SOQ F 4 2.20 -13.84 -9.21
C1 SOQ F 4 -0.08 -17.85 -9.24
N LEU F 5 -1.15 -15.53 -13.00
CA LEU F 5 -1.29 -16.03 -14.36
C LEU F 5 -0.01 -16.68 -14.86
N ZCL F 6 1.24 -16.26 -14.30
O ZCL F 6 4.49 -17.83 -14.06
CLZ ZCL F 6 2.18 -10.28 -15.92
CE2 ZCL F 6 3.44 -12.57 -15.26
CE1 ZCL F 6 1.54 -12.82 -16.68
CLE1 ZCL F 6 0.20 -12.15 -17.57
CD2 ZCL F 6 3.63 -13.93 -15.30
CD1 ZCL F 6 1.73 -14.19 -16.71
CB ZCL F 6 3.02 -16.24 -16.04
C ZCL F 6 3.50 -17.05 -13.72
CZ ZCL F 6 2.40 -12.00 -15.96
CG ZCL F 6 2.79 -14.76 -16.02
CA ZCL F 6 2.41 -16.97 -14.83
OXT ZCL F 6 3.45 -16.42 -12.68
N HIS G 20 -35.47 -12.81 20.49
CA HIS G 20 -36.39 -13.51 19.59
C HIS G 20 -36.94 -12.55 18.54
N MET G 21 -36.24 -11.44 18.32
CA MET G 21 -36.68 -10.45 17.34
C MET G 21 -36.87 -11.09 15.98
N LYS G 22 -37.89 -10.63 15.25
CA LYS G 22 -38.23 -11.20 13.96
C LYS G 22 -39.13 -10.22 13.22
N PHE G 23 -38.80 -9.92 11.97
CA PHE G 23 -39.64 -9.04 11.18
C PHE G 23 -39.37 -9.28 9.69
N THR G 24 -40.41 -9.04 8.89
CA THR G 24 -40.33 -9.12 7.44
C THR G 24 -40.83 -7.80 6.87
N VAL G 25 -40.02 -7.18 6.03
CA VAL G 25 -40.30 -5.81 5.57
C VAL G 25 -39.82 -5.65 4.14
N GLU G 26 -40.62 -4.96 3.34
CA GLU G 26 -40.30 -4.74 1.94
C GLU G 26 -39.10 -3.82 1.79
N ARG G 27 -38.25 -4.14 0.81
CA ARG G 27 -36.96 -3.48 0.69
C ARG G 27 -37.07 -1.96 0.70
N GLU G 28 -37.96 -1.41 -0.13
CA GLU G 28 -38.01 0.04 -0.29
C GLU G 28 -38.55 0.75 0.95
N HIS G 29 -39.17 0.02 1.88
CA HIS G 29 -39.57 0.61 3.15
C HIS G 29 -38.41 0.70 4.15
N LEU G 30 -37.28 0.04 3.88
CA LEU G 30 -36.15 0.01 4.78
C LEU G 30 -34.98 0.88 4.35
N LEU G 31 -34.86 1.18 3.06
CA LEU G 31 -33.61 1.77 2.56
C LEU G 31 -33.36 3.16 3.14
N LYS G 32 -34.27 4.09 2.90
CA LYS G 32 -34.03 5.45 3.39
C LYS G 32 -33.90 5.49 4.91
N PRO G 33 -34.72 4.75 5.67
CA PRO G 33 -34.45 4.64 7.12
C PRO G 33 -33.04 4.18 7.42
N LEU G 34 -32.60 3.08 6.81
CA LEU G 34 -31.25 2.59 7.05
C LEU G 34 -30.20 3.63 6.65
N GLN G 35 -30.39 4.27 5.50
CA GLN G 35 -29.42 5.25 5.03
C GLN G 35 -29.31 6.42 6.02
N GLN G 36 -30.44 6.89 6.54
CA GLN G 36 -30.41 8.06 7.43
C GLN G 36 -29.76 7.74 8.77
N VAL G 37 -30.07 6.58 9.36
CA VAL G 37 -29.49 6.25 10.66
C VAL G 37 -28.01 5.95 10.53
N SER G 38 -27.55 5.64 9.31
CA SER G 38 -26.15 5.34 9.07
C SER G 38 -25.30 6.60 8.96
N GLY G 39 -25.94 7.75 8.76
CA GLY G 39 -25.25 9.00 8.54
C GLY G 39 -24.17 9.32 9.56
N PRO G 40 -24.50 9.25 10.85
CA PRO G 40 -23.50 9.65 11.87
C PRO G 40 -22.31 8.72 11.96
N LEU G 41 -22.33 7.60 11.25
CA LEU G 41 -21.24 6.62 11.32
C LEU G 41 -20.21 6.84 10.23
N PRO G 45 -14.65 3.40 13.45
CA PRO G 45 -15.39 3.66 14.70
C PRO G 45 -14.46 3.68 15.91
N THR G 46 -14.87 4.35 17.00
CA THR G 46 -14.02 4.37 18.17
C THR G 46 -14.19 3.09 18.97
N LEU G 47 -15.42 2.60 19.10
CA LEU G 47 -15.73 1.33 19.74
C LEU G 47 -16.51 0.46 18.76
N PRO G 48 -16.35 -0.87 18.82
CA PRO G 48 -17.03 -1.73 17.83
C PRO G 48 -18.52 -1.50 17.74
N ILE G 49 -19.21 -1.34 18.88
CA ILE G 49 -20.67 -1.23 18.84
C ILE G 49 -21.13 0.08 18.22
N LEU G 50 -20.27 1.10 18.17
CA LEU G 50 -20.67 2.36 17.54
C LEU G 50 -20.77 2.24 16.03
N GLY G 51 -20.17 1.20 15.45
CA GLY G 51 -20.37 0.94 14.04
C GLY G 51 -21.60 0.15 13.70
N ASN G 52 -22.37 -0.27 14.70
CA ASN G 52 -23.57 -1.08 14.51
C ASN G 52 -24.83 -0.25 14.72
N LEU G 53 -25.92 -0.74 14.16
CA LEU G 53 -27.24 -0.17 14.37
C LEU G 53 -28.02 -0.96 15.41
N LEU G 54 -28.77 -0.25 16.26
CA LEU G 54 -29.69 -0.86 17.20
C LEU G 54 -31.04 -1.10 16.51
N LEU G 55 -31.47 -2.36 16.48
CA LEU G 55 -32.76 -2.74 15.93
C LEU G 55 -33.70 -3.13 17.07
N GLN G 56 -34.91 -2.57 17.06
CA GLN G 56 -35.91 -2.86 18.08
C GLN G 56 -37.26 -3.07 17.42
N VAL G 57 -37.89 -4.20 17.72
CA VAL G 57 -39.27 -4.47 17.31
C VAL G 57 -40.15 -4.36 18.55
N ALA G 58 -41.08 -3.42 18.53
CA ALA G 58 -42.03 -3.24 19.62
C ALA G 58 -43.39 -2.86 19.04
N ASP G 59 -44.43 -3.48 19.55
CA ASP G 59 -45.79 -3.29 19.03
C ASP G 59 -45.73 -3.55 17.53
N GLY G 60 -46.18 -2.63 16.68
CA GLY G 60 -46.07 -2.79 15.25
C GLY G 60 -45.06 -1.85 14.63
N THR G 61 -43.97 -1.58 15.35
CA THR G 61 -42.97 -0.62 14.89
C THR G 61 -41.58 -1.23 15.00
N LEU G 62 -40.78 -1.04 13.95
CA LEU G 62 -39.36 -1.34 13.95
C LEU G 62 -38.59 -0.03 14.08
N SER G 63 -37.74 0.07 15.11
CA SER G 63 -36.92 1.25 15.34
C SER G 63 -35.47 0.96 14.97
N LEU G 64 -34.84 1.92 14.29
CA LEU G 64 -33.45 1.80 13.85
C LEU G 64 -32.67 2.98 14.42
N THR G 65 -31.60 2.69 15.15
CA THR G 65 -30.83 3.74 15.81
C THR G 65 -29.34 3.60 15.57
N GLY G 66 -28.69 4.71 15.26
CA GLY G 66 -27.24 4.76 15.16
C GLY G 66 -26.72 6.00 15.84
N THR G 67 -25.50 5.87 16.38
CA THR G 67 -24.92 6.96 17.16
C THR G 67 -23.40 6.89 17.09
N ASP G 68 -22.77 8.05 17.37
CA ASP G 68 -21.34 8.15 17.61
C ASP G 68 -21.03 8.69 18.99
N LEU G 69 -21.99 8.60 19.92
CA LEU G 69 -21.89 9.09 21.29
C LEU G 69 -22.09 10.61 21.39
N GLU G 70 -21.78 11.34 20.33
CA GLU G 70 -22.05 12.78 20.29
C GLU G 70 -23.45 13.07 19.77
N MET G 71 -23.92 12.32 18.77
CA MET G 71 -25.26 12.49 18.24
C MET G 71 -25.84 11.12 17.93
N GLU G 72 -27.15 11.09 17.68
CA GLU G 72 -27.88 9.85 17.49
C GLU G 72 -29.02 10.09 16.52
N MET G 73 -29.28 9.09 15.68
CA MET G 73 -30.32 9.16 14.66
C MET G 73 -31.23 7.95 14.80
N VAL G 74 -32.53 8.20 14.84
CA VAL G 74 -33.53 7.16 15.03
C VAL G 74 -34.55 7.23 13.90
N ALA G 75 -34.89 6.07 13.35
CA ALA G 75 -35.92 5.95 12.33
C ALA G 75 -36.93 4.90 12.77
N ARG G 76 -38.20 5.14 12.46
CA ARG G 76 -39.29 4.26 12.86
C ARG G 76 -40.02 3.79 11.60
N VAL G 77 -40.27 2.49 11.53
CA VAL G 77 -40.88 1.85 10.37
C VAL G 77 -42.06 1.00 10.84
N ALA G 78 -43.23 1.23 10.24
CA ALA G 78 -44.41 0.44 10.57
C ALA G 78 -44.29 -0.96 9.99
N LEU G 79 -44.68 -1.96 10.79
CA LEU G 79 -44.59 -3.37 10.42
C LEU G 79 -45.99 -3.92 10.16
N VAL G 80 -46.35 -4.04 8.88
CA VAL G 80 -47.63 -4.62 8.51
C VAL G 80 -47.56 -6.14 8.40
N GLN G 81 -46.39 -6.69 8.11
CA GLN G 81 -46.23 -8.14 7.99
C GLN G 81 -45.92 -8.75 9.34
N PRO G 82 -46.12 -10.07 9.48
CA PRO G 82 -45.91 -10.69 10.80
C PRO G 82 -44.54 -10.37 11.38
N HIS G 83 -44.49 -10.26 12.71
CA HIS G 83 -43.27 -9.85 13.38
C HIS G 83 -43.26 -10.36 14.81
N GLU G 84 -42.09 -10.31 15.44
CA GLU G 84 -41.94 -10.72 16.84
C GLU G 84 -41.16 -9.65 17.59
N PRO G 85 -41.54 -9.27 18.80
CA PRO G 85 -40.77 -8.23 19.50
C PRO G 85 -39.40 -8.73 19.92
N GLY G 86 -38.49 -7.78 20.05
CA GLY G 86 -37.13 -8.08 20.41
C GLY G 86 -36.21 -6.95 20.00
N ALA G 87 -34.93 -7.15 20.26
CA ALA G 87 -33.95 -6.12 19.93
C ALA G 87 -32.58 -6.77 19.76
N THR G 88 -31.75 -6.16 18.92
CA THR G 88 -30.38 -6.59 18.72
C THR G 88 -29.60 -5.44 18.10
N THR G 89 -28.31 -5.69 17.86
CA THR G 89 -27.41 -4.73 17.22
C THR G 89 -26.65 -5.43 16.10
N VAL G 90 -26.47 -4.74 14.97
CA VAL G 90 -25.80 -5.33 13.81
C VAL G 90 -24.97 -4.26 13.11
N PRO G 91 -23.93 -4.71 12.39
CA PRO G 91 -23.09 -3.76 11.62
C PRO G 91 -23.92 -2.89 10.67
N ALA G 92 -23.72 -1.57 10.75
CA ALA G 92 -24.64 -0.66 10.08
C ALA G 92 -24.50 -0.78 8.56
N ARG G 93 -23.28 -0.54 8.01
CA ARG G 93 -23.13 -0.50 6.55
C ARG G 93 -23.38 -1.87 5.95
N LYS G 94 -22.86 -2.93 6.59
CA LYS G 94 -23.10 -4.25 6.03
C LYS G 94 -24.57 -4.53 5.88
N PHE G 95 -25.36 -4.20 6.90
CA PHE G 95 -26.80 -4.43 6.81
C PHE G 95 -27.42 -3.55 5.74
N PHE G 96 -26.99 -2.30 5.65
CA PHE G 96 -27.51 -1.39 4.62
C PHE G 96 -27.14 -1.88 3.22
N ASP G 97 -25.87 -2.27 3.03
CA ASP G 97 -25.44 -2.74 1.72
C ASP G 97 -26.20 -3.98 1.29
N ILE G 98 -26.49 -4.88 2.23
CA ILE G 98 -27.24 -6.08 1.90
C ILE G 98 -28.63 -5.72 1.38
N CYS G 99 -29.37 -4.90 2.14
CA CYS G 99 -30.72 -4.52 1.71
C CYS G 99 -30.69 -3.77 0.38
N ARG G 100 -29.74 -2.85 0.22
CA ARG G 100 -29.67 -2.09 -1.02
C ARG G 100 -29.20 -2.95 -2.19
N GLY G 101 -28.42 -4.01 -1.91
CA GLY G 101 -27.99 -4.90 -2.98
C GLY G 101 -29.05 -5.87 -3.47
N LEU G 102 -30.11 -6.07 -2.68
CA LEU G 102 -31.19 -6.95 -3.09
C LEU G 102 -32.02 -6.30 -4.20
N PRO G 103 -32.73 -7.10 -4.98
CA PRO G 103 -33.47 -6.53 -6.12
C PRO G 103 -34.65 -5.69 -5.66
N GLU G 104 -35.06 -4.78 -6.55
CA GLU G 104 -36.23 -3.96 -6.31
C GLU G 104 -37.43 -4.86 -6.02
N GLY G 105 -38.19 -4.53 -4.98
CA GLY G 105 -39.35 -5.30 -4.61
C GLY G 105 -39.09 -6.47 -3.68
N ALA G 106 -37.84 -6.71 -3.29
CA ALA G 106 -37.50 -7.86 -2.49
C ALA G 106 -38.15 -7.79 -1.11
N GLU G 107 -38.57 -8.95 -0.60
CA GLU G 107 -39.02 -9.09 0.78
C GLU G 107 -37.86 -9.55 1.64
N ILE G 108 -37.59 -8.81 2.72
CA ILE G 108 -36.42 -9.04 3.56
C ILE G 108 -36.89 -9.58 4.91
N ALA G 109 -36.62 -10.86 5.15
CA ALA G 109 -36.96 -11.52 6.40
C ALA G 109 -35.75 -11.54 7.33
N VAL G 110 -35.95 -11.04 8.56
CA VAL G 110 -34.89 -10.97 9.56
C VAL G 110 -35.33 -11.74 10.79
N GLN G 111 -34.40 -12.53 11.35
CA GLN G 111 -34.64 -13.24 12.60
C GLN G 111 -33.31 -13.54 13.27
N LEU G 112 -33.33 -13.63 14.59
CA LEU G 112 -32.14 -13.94 15.37
C LEU G 112 -32.06 -15.45 15.65
N GLU G 113 -30.86 -16.01 15.52
CA GLU G 113 -30.55 -17.39 15.91
C GLU G 113 -29.26 -17.32 16.72
N GLY G 114 -29.41 -17.13 18.04
CA GLY G 114 -28.23 -17.05 18.91
C GLY G 114 -27.59 -15.68 18.83
N GLU G 115 -26.29 -15.67 18.54
CA GLU G 115 -25.54 -14.42 18.46
C GLU G 115 -25.43 -13.90 17.03
N ARG G 116 -26.24 -14.43 16.11
CA ARG G 116 -26.23 -14.00 14.72
C ARG G 116 -27.63 -13.52 14.33
N MET G 117 -27.67 -12.49 13.49
CA MET G 117 -28.93 -12.06 12.87
C MET G 117 -28.95 -12.60 11.45
N LEU G 118 -30.01 -13.33 11.11
CA LEU G 118 -30.13 -13.98 9.82
C LEU G 118 -31.02 -13.14 8.93
N VAL G 119 -30.56 -12.90 7.71
CA VAL G 119 -31.26 -12.09 6.72
C VAL G 119 -31.52 -12.97 5.50
N ARG G 120 -32.78 -13.14 5.15
CA ARG G 120 -33.19 -13.98 4.02
C ARG G 120 -34.07 -13.22 3.07
N SER G 121 -33.84 -13.42 1.78
CA SER G 121 -34.64 -12.81 0.72
C SER G 121 -34.36 -13.59 -0.56
N GLY G 122 -35.40 -14.10 -1.20
CA GLY G 122 -35.21 -14.92 -2.37
C GLY G 122 -34.35 -16.13 -2.03
N ARG G 123 -33.27 -16.30 -2.77
CA ARG G 123 -32.27 -17.33 -2.49
C ARG G 123 -30.95 -16.70 -2.03
N SER G 124 -31.06 -15.62 -1.26
CA SER G 124 -29.93 -14.96 -0.64
C SER G 124 -30.01 -15.12 0.87
N ARG G 125 -28.91 -15.60 1.46
CA ARG G 125 -28.81 -15.78 2.90
C ARG G 125 -27.61 -14.99 3.42
N PHE G 126 -27.81 -14.27 4.52
CA PHE G 126 -26.75 -13.54 5.18
C PHE G 126 -26.86 -13.75 6.67
N SER G 127 -25.72 -14.00 7.31
CA SER G 127 -25.64 -14.22 8.76
C SER G 127 -24.69 -13.16 9.31
N LEU G 128 -25.23 -12.20 10.05
CA LEU G 128 -24.46 -11.08 10.56
C LEU G 128 -24.15 -11.27 12.05
N SER G 129 -22.99 -10.76 12.46
CA SER G 129 -22.60 -10.81 13.86
C SER G 129 -23.33 -9.71 14.62
N THR G 130 -23.68 -10.00 15.87
CA THR G 130 -24.43 -9.07 16.70
C THR G 130 -23.64 -8.73 17.95
N LEU G 131 -24.04 -7.62 18.59
CA LEU G 131 -23.65 -7.24 19.94
C LEU G 131 -24.90 -6.97 20.74
N PRO G 132 -24.87 -7.18 22.05
CA PRO G 132 -26.10 -7.08 22.84
C PRO G 132 -26.70 -5.69 22.76
N ALA G 133 -28.03 -5.63 22.64
CA ALA G 133 -28.73 -4.35 22.62
C ALA G 133 -28.54 -3.59 23.92
N ALA G 134 -28.38 -4.31 25.03
CA ALA G 134 -28.23 -3.67 26.33
C ALA G 134 -27.00 -2.77 26.40
N ASP G 135 -26.01 -2.99 25.55
CA ASP G 135 -24.80 -2.17 25.57
C ASP G 135 -24.89 -0.92 24.70
N PHE G 136 -25.96 -0.73 23.95
CA PHE G 136 -25.98 0.38 23.02
C PHE G 136 -26.22 1.69 23.78
N PRO G 137 -25.39 2.71 23.56
CA PRO G 137 -25.61 3.98 24.26
C PRO G 137 -26.96 4.60 23.92
N ASN G 138 -27.43 5.45 24.83
CA ASN G 138 -28.72 6.11 24.70
C ASN G 138 -28.54 7.60 24.95
N LEU G 139 -28.88 8.43 23.96
CA LEU G 139 -28.80 9.87 24.07
C LEU G 139 -30.17 10.52 24.22
N ASP G 140 -31.17 9.76 24.65
CA ASP G 140 -32.55 10.23 24.66
C ASP G 140 -33.09 10.59 26.05
N ASP G 141 -32.39 10.20 27.11
CA ASP G 141 -32.93 10.36 28.47
C ASP G 141 -32.70 11.78 28.96
N TRP G 142 -33.47 12.70 28.39
CA TRP G 142 -33.44 14.10 28.78
C TRP G 142 -34.78 14.72 28.42
N GLN G 143 -35.08 15.86 29.04
CA GLN G 143 -36.35 16.55 28.84
C GLN G 143 -36.11 17.88 28.14
N SER G 144 -37.01 18.23 27.23
CA SER G 144 -36.94 19.48 26.49
C SER G 144 -37.37 20.65 27.35
N GLU G 145 -36.67 21.78 27.19
CA GLU G 145 -37.02 23.00 27.90
C GLU G 145 -37.79 23.98 27.02
N VAL G 146 -37.58 23.94 25.71
CA VAL G 146 -38.32 24.77 24.77
C VAL G 146 -38.61 23.93 23.53
N GLU G 147 -39.78 24.16 22.93
CA GLU G 147 -40.25 23.37 21.80
C GLU G 147 -40.91 24.28 20.78
N PHE G 148 -40.68 23.99 19.50
CA PHE G 148 -41.31 24.77 18.44
C PHE G 148 -41.17 24.02 17.12
N THR G 149 -42.00 24.41 16.15
CA THR G 149 -41.97 23.87 14.81
C THR G 149 -41.70 24.99 13.81
N LEU G 150 -41.10 24.62 12.68
CA LEU G 150 -40.85 25.56 11.59
C LEU G 150 -40.70 24.76 10.30
N PRO G 151 -40.88 25.39 9.14
CA PRO G 151 -40.70 24.66 7.89
C PRO G 151 -39.26 24.20 7.73
N GLN G 152 -39.10 23.05 7.06
CA GLN G 152 -37.76 22.55 6.78
C GLN G 152 -36.96 23.54 5.95
N ALA G 153 -37.61 24.19 4.98
CA ALA G 153 -36.91 25.17 4.15
C ALA G 153 -36.39 26.33 4.98
N THR G 154 -37.13 26.72 6.02
CA THR G 154 -36.68 27.82 6.87
C THR G 154 -35.45 27.41 7.68
N MET G 155 -35.46 26.21 8.25
CA MET G 155 -34.28 25.71 8.93
C MET G 155 -33.12 25.49 7.97
N LYS G 156 -33.43 24.99 6.77
CA LYS G 156 -32.40 24.81 5.73
C LYS G 156 -31.71 26.14 5.45
N ARG G 157 -32.51 27.20 5.28
CA ARG G 157 -31.99 28.54 5.02
C ARG G 157 -31.15 29.05 6.19
N LEU G 158 -31.63 28.87 7.42
CA LEU G 158 -30.88 29.34 8.58
C LEU G 158 -29.50 28.72 8.63
N ILE G 159 -29.39 27.43 8.31
CA ILE G 159 -28.09 26.75 8.39
C ILE G 159 -27.21 27.12 7.21
N GLU G 160 -27.76 27.05 5.99
CA GLU G 160 -26.94 27.33 4.81
C GLU G 160 -26.41 28.76 4.84
N ALA G 161 -27.17 29.70 5.40
CA ALA G 161 -26.75 31.10 5.38
C ALA G 161 -25.52 31.36 6.25
N THR G 162 -25.21 30.47 7.18
CA THR G 162 -24.12 30.70 8.14
C THR G 162 -23.11 29.58 8.24
N GLN G 163 -23.42 28.37 7.75
CA GLN G 163 -22.54 27.23 7.98
C GLN G 163 -21.10 27.50 7.60
N PHE G 164 -20.89 28.20 6.48
CA PHE G 164 -19.54 28.36 5.96
C PHE G 164 -18.64 29.18 6.86
N SER G 165 -19.21 29.96 7.78
CA SER G 165 -18.42 30.80 8.68
C SER G 165 -17.99 30.09 9.95
N MET G 166 -18.38 28.83 10.13
CA MET G 166 -17.92 28.06 11.29
C MET G 166 -16.42 27.82 11.21
N ALA G 167 -15.79 27.76 12.38
CA ALA G 167 -14.37 27.43 12.46
C ALA G 167 -14.14 25.94 12.21
N HIS G 168 -12.95 25.62 11.73
CA HIS G 168 -12.53 24.24 11.48
C HIS G 168 -11.41 23.87 12.45
N GLN G 169 -11.73 23.02 13.42
CA GLN G 169 -10.74 22.49 14.36
C GLN G 169 -9.96 23.61 15.05
N ASP G 170 -10.66 24.68 15.38
CA ASP G 170 -10.06 25.76 16.15
C ASP G 170 -9.84 25.29 17.59
N VAL G 171 -8.73 25.72 18.18
CA VAL G 171 -8.47 25.36 19.58
C VAL G 171 -9.60 25.88 20.46
N ARG G 172 -10.25 26.96 20.04
CA ARG G 172 -11.45 27.46 20.72
C ARG G 172 -12.61 26.59 20.23
N TYR G 173 -12.79 25.45 20.91
CA TYR G 173 -13.72 24.44 20.45
C TYR G 173 -15.13 24.97 20.25
N TYR G 174 -15.53 25.98 21.02
CA TYR G 174 -16.89 26.50 20.91
C TYR G 174 -17.14 27.23 19.59
N LEU G 175 -16.10 27.45 18.78
CA LEU G 175 -16.27 28.05 17.46
C LEU G 175 -16.41 27.01 16.36
N ASN G 176 -16.11 25.74 16.66
CA ASN G 176 -16.28 24.66 15.69
C ASN G 176 -17.72 24.19 15.76
N GLY G 177 -18.65 25.13 15.61
CA GLY G 177 -20.06 24.83 15.70
C GLY G 177 -20.87 26.03 15.34
N MET G 178 -22.18 25.92 15.54
CA MET G 178 -23.13 26.97 15.17
C MET G 178 -23.99 27.32 16.36
N LEU G 179 -24.07 28.60 16.69
CA LEU G 179 -24.97 29.06 17.73
C LEU G 179 -26.40 29.04 17.22
N PHE G 180 -27.29 28.42 18.00
CA PHE G 180 -28.73 28.47 17.77
C PHE G 180 -29.37 29.26 18.89
N GLU G 181 -30.05 30.36 18.54
CA GLU G 181 -30.60 31.29 19.51
C GLU G 181 -32.08 31.50 19.27
N THR G 182 -32.88 31.34 20.32
CA THR G 182 -34.29 31.69 20.29
C THR G 182 -34.46 33.00 21.05
N GLU G 183 -35.25 33.91 20.48
CA GLU G 183 -35.50 35.21 21.11
C GLU G 183 -36.82 35.75 20.58
N GLY G 184 -37.76 36.01 21.47
CA GLY G 184 -39.05 36.50 21.04
C GLY G 184 -39.68 35.52 20.06
N GLU G 185 -40.06 36.04 18.89
CA GLU G 185 -40.65 35.24 17.82
C GLU G 185 -39.63 34.95 16.71
N GLU G 186 -38.37 34.74 17.06
CA GLU G 186 -37.34 34.54 16.06
C GLU G 186 -36.39 33.42 16.45
N LEU G 187 -35.95 32.67 15.44
CA LEU G 187 -34.84 31.73 15.56
C LEU G 187 -33.66 32.30 14.78
N ARG G 188 -32.48 32.25 15.40
CA ARG G 188 -31.29 32.88 14.84
C ARG G 188 -30.12 31.90 14.90
N THR G 189 -29.32 31.89 13.84
CA THR G 189 -28.07 31.14 13.80
C THR G 189 -26.91 32.11 13.67
N VAL G 190 -25.79 31.77 14.30
CA VAL G 190 -24.57 32.56 14.24
C VAL G 190 -23.38 31.61 14.10
N ALA G 191 -22.43 31.98 13.25
CA ALA G 191 -21.20 31.21 13.09
C ALA G 191 -20.06 32.18 12.83
N THR G 192 -18.91 31.91 13.44
CA THR G 192 -17.73 32.75 13.25
C THR G 192 -16.49 31.93 13.52
N ASP G 193 -15.37 32.37 12.93
CA ASP G 193 -14.08 31.77 13.15
C ASP G 193 -13.05 32.79 13.65
N GLY G 194 -13.51 33.94 14.14
CA GLY G 194 -12.63 34.98 14.59
C GLY G 194 -12.22 35.98 13.54
N HIS G 195 -12.27 35.60 12.26
CA HIS G 195 -11.98 36.51 11.16
C HIS G 195 -13.24 37.02 10.47
N ARG G 196 -14.29 36.21 10.43
CA ARG G 196 -15.53 36.54 9.74
C ARG G 196 -16.69 35.97 10.53
N LEU G 197 -17.86 36.57 10.35
CA LEU G 197 -19.04 36.16 11.09
C LEU G 197 -20.26 36.18 10.17
N ALA G 198 -21.17 35.25 10.40
CA ALA G 198 -22.44 35.19 9.69
C ALA G 198 -23.56 35.02 10.71
N VAL G 199 -24.62 35.80 10.55
CA VAL G 199 -25.78 35.74 11.43
C VAL G 199 -27.03 35.83 10.57
N CYS G 200 -28.01 34.97 10.87
CA CYS G 200 -29.26 34.92 10.12
C CYS G 200 -30.41 34.70 11.08
N SER G 201 -31.48 35.47 10.90
CA SER G 201 -32.66 35.40 11.76
C SER G 201 -33.90 35.19 10.89
N MET G 202 -34.82 34.36 11.37
CA MET G 202 -36.07 34.08 10.66
C MET G 202 -37.18 34.07 11.69
N PRO G 203 -38.37 34.58 11.34
CA PRO G 203 -39.48 34.56 12.28
C PRO G 203 -40.16 33.20 12.37
N ILE G 204 -40.66 32.90 13.56
CA ILE G 204 -41.38 31.67 13.84
C ILE G 204 -42.76 32.08 14.37
N GLY G 205 -43.67 31.12 14.43
CA GLY G 205 -45.01 31.42 14.89
C GLY G 205 -45.28 31.37 16.37
N GLN G 206 -44.27 31.22 17.22
CA GLN G 206 -44.45 31.27 18.66
C GLN G 206 -43.43 32.17 19.31
N SER G 207 -43.84 32.93 20.32
CA SER G 207 -42.93 33.70 21.14
C SER G 207 -42.23 32.74 22.10
N LEU G 208 -40.91 32.66 22.02
CA LEU G 208 -40.17 31.68 22.80
C LEU G 208 -39.32 32.34 23.89
N PRO G 209 -39.04 31.63 24.98
CA PRO G 209 -38.06 32.14 25.95
C PRO G 209 -36.66 32.12 25.33
N SER G 210 -35.82 32.99 25.87
CA SER G 210 -34.47 33.12 25.34
C SER G 210 -33.62 31.90 25.66
N HIS G 211 -33.05 31.30 24.61
CA HIS G 211 -32.10 30.20 24.73
C HIS G 211 -30.97 30.44 23.74
N SER G 212 -29.75 30.10 24.14
CA SER G 212 -28.59 30.14 23.27
C SER G 212 -27.81 28.86 23.48
N VAL G 213 -27.59 28.10 22.40
CA VAL G 213 -26.87 26.84 22.48
C VAL G 213 -25.95 26.71 21.27
N ILE G 214 -24.90 25.91 21.44
CA ILE G 214 -23.91 25.67 20.41
C ILE G 214 -24.03 24.22 19.94
N VAL G 215 -24.29 24.03 18.66
CA VAL G 215 -24.40 22.70 18.05
C VAL G 215 -23.08 22.35 17.38
N PRO G 216 -22.52 21.16 17.63
CA PRO G 216 -21.25 20.80 17.00
C PRO G 216 -21.34 20.74 15.47
N ARG G 217 -20.19 21.00 14.82
CA ARG G 217 -20.09 20.94 13.38
CA ARG G 217 -20.09 20.95 13.38
C ARG G 217 -20.84 19.75 12.79
N LYS G 218 -20.46 18.55 13.21
CA LYS G 218 -21.07 17.34 12.69
C LYS G 218 -22.58 17.36 12.88
N GLY G 219 -23.05 17.86 14.03
CA GLY G 219 -24.48 17.96 14.25
C GLY G 219 -25.16 18.88 13.26
N VAL G 220 -24.55 20.02 12.96
CA VAL G 220 -25.11 20.93 11.97
C VAL G 220 -25.21 20.24 10.61
N ILE G 221 -24.14 19.57 10.19
CA ILE G 221 -24.13 18.89 8.91
C ILE G 221 -25.24 17.84 8.85
N GLU G 222 -25.35 17.03 9.91
CA GLU G 222 -26.37 15.99 9.93
C GLU G 222 -27.77 16.58 9.92
N LEU G 223 -27.99 17.65 10.69
CA LEU G 223 -29.28 18.30 10.70
C LEU G 223 -29.63 18.84 9.31
N MET G 224 -28.64 19.36 8.58
CA MET G 224 -28.90 19.89 7.25
C MET G 224 -29.34 18.78 6.30
N ARG G 225 -28.65 17.64 6.32
CA ARG G 225 -28.88 16.60 5.33
CA ARG G 225 -28.89 16.59 5.32
C ARG G 225 -30.17 15.82 5.56
N MET G 226 -30.80 15.97 6.72
CA MET G 226 -32.10 15.36 6.96
C MET G 226 -33.25 16.26 6.52
N LEU G 227 -32.96 17.52 6.17
CA LEU G 227 -33.97 18.47 5.73
C LEU G 227 -34.14 18.38 4.21
N ASP G 228 -35.37 18.16 3.76
CA ASP G 228 -35.64 18.07 2.34
C ASP G 228 -37.14 18.11 2.03
N GLY G 229 -37.95 18.52 3.01
CA GLY G 229 -39.38 18.54 2.83
C GLY G 229 -40.02 19.89 2.60
N GLY G 230 -39.22 20.86 2.14
CA GLY G 230 -39.73 22.17 1.79
C GLY G 230 -40.64 22.80 2.81
N ASP G 231 -41.95 22.72 2.58
CA ASP G 231 -42.92 23.35 3.48
C ASP G 231 -43.32 22.46 4.65
N ASN G 232 -43.00 21.16 4.60
CA ASN G 232 -43.30 20.30 5.73
C ASN G 232 -42.49 20.76 6.93
N PRO G 233 -43.09 20.87 8.12
CA PRO G 233 -42.33 21.31 9.29
C PRO G 233 -41.50 20.22 9.92
N LEU G 234 -40.50 20.66 10.66
CA LEU G 234 -39.77 19.86 11.64
C LEU G 234 -40.09 20.42 13.02
N ARG G 235 -39.93 19.59 14.04
CA ARG G 235 -40.11 20.03 15.42
C ARG G 235 -38.75 20.01 16.11
N VAL G 236 -38.39 21.14 16.72
CA VAL G 236 -37.11 21.32 17.38
C VAL G 236 -37.36 21.37 18.88
N GLN G 237 -36.56 20.64 19.64
CA GLN G 237 -36.61 20.65 21.09
C GLN G 237 -35.22 20.94 21.60
N ILE G 238 -35.08 21.97 22.42
CA ILE G 238 -33.79 22.39 22.96
C ILE G 238 -33.81 22.16 24.46
N GLY G 239 -32.85 21.36 24.95
CA GLY G 239 -32.62 21.20 26.36
C GLY G 239 -31.43 22.00 26.84
N SER G 240 -31.02 21.71 28.07
CA SER G 240 -29.83 22.35 28.62
C SER G 240 -28.55 21.80 28.01
N ASN G 241 -28.56 20.52 27.62
CA ASN G 241 -27.36 19.87 27.11
C ASN G 241 -27.57 19.16 25.78
N ASN G 242 -28.78 19.21 25.21
CA ASN G 242 -29.05 18.52 23.96
C ASN G 242 -30.04 19.32 23.11
N ILE G 243 -30.03 19.02 21.82
CA ILE G 243 -31.02 19.54 20.87
C ILE G 243 -31.51 18.36 20.05
N ARG G 244 -32.81 18.34 19.73
CA ARG G 244 -33.42 17.24 18.99
C ARG G 244 -34.28 17.81 17.87
N ALA G 245 -34.30 17.10 16.74
CA ALA G 245 -35.10 17.51 15.59
C ALA G 245 -35.96 16.34 15.12
N HIS G 246 -37.26 16.58 15.01
CA HIS G 246 -38.20 15.59 14.50
CA HIS G 246 -38.21 15.59 14.50
C HIS G 246 -38.55 15.94 13.06
N VAL G 247 -38.31 15.01 12.14
CA VAL G 247 -38.70 15.19 10.74
C VAL G 247 -39.30 13.88 10.26
N GLY G 248 -40.57 13.91 9.88
CA GLY G 248 -41.26 12.70 9.47
C GLY G 248 -41.16 11.64 10.54
N ASP G 249 -40.62 10.47 10.18
CA ASP G 249 -40.42 9.37 11.12
C ASP G 249 -38.96 9.25 11.55
N PHE G 250 -38.20 10.34 11.47
CA PHE G 250 -36.80 10.37 11.89
C PHE G 250 -36.66 11.32 13.07
N ILE G 251 -35.85 10.94 14.04
CA ILE G 251 -35.54 11.78 15.18
C ILE G 251 -34.03 11.87 15.29
N PHE G 252 -33.50 13.10 15.23
CA PHE G 252 -32.07 13.36 15.36
C PHE G 252 -31.82 14.09 16.66
N THR G 253 -30.84 13.61 17.42
CA THR G 253 -30.45 14.22 18.68
C THR G 253 -28.95 14.46 18.68
N SER G 254 -28.53 15.61 19.20
CA SER G 254 -27.11 15.93 19.30
C SER G 254 -26.83 16.57 20.65
N LYS G 255 -25.66 16.25 21.21
CA LYS G 255 -25.17 16.96 22.38
C LYS G 255 -24.75 18.38 21.98
N LEU G 256 -24.82 19.29 22.93
CA LEU G 256 -24.39 20.67 22.72
C LEU G 256 -22.94 20.87 23.15
N VAL G 257 -22.30 21.85 22.54
CA VAL G 257 -20.94 22.25 22.90
C VAL G 257 -20.99 23.12 24.14
N ASP G 258 -20.23 22.71 25.17
CA ASP G 258 -20.19 23.42 26.45
C ASP G 258 -19.16 24.55 26.39
N GLY G 259 -19.62 25.73 25.98
CA GLY G 259 -18.73 26.88 25.88
C GLY G 259 -19.52 28.16 25.81
N ARG G 260 -18.78 29.27 25.72
CA ARG G 260 -19.38 30.61 25.64
C ARG G 260 -19.13 31.14 24.24
N PHE G 261 -20.19 31.30 23.47
CA PHE G 261 -20.08 31.83 22.11
C PHE G 261 -19.94 33.34 22.13
N PRO G 262 -19.15 33.93 21.23
CA PRO G 262 -19.06 35.39 21.18
C PRO G 262 -20.42 36.03 20.88
N ASP G 263 -20.61 37.23 21.41
CA ASP G 263 -21.80 38.03 21.19
C ASP G 263 -21.72 38.77 19.86
N TYR G 264 -22.47 38.29 18.86
CA TYR G 264 -22.33 38.89 17.53
C TYR G 264 -22.72 40.37 17.56
N ARG G 265 -23.53 40.78 18.54
CA ARG G 265 -23.98 42.16 18.61
C ARG G 265 -22.82 43.14 18.78
N ARG G 266 -21.77 42.74 19.49
CA ARG G 266 -20.65 43.66 19.70
C ARG G 266 -19.79 43.81 18.45
N VAL G 267 -19.83 42.84 17.52
CA VAL G 267 -18.95 42.89 16.35
C VAL G 267 -19.61 43.56 15.15
N LEU G 268 -20.91 43.74 15.16
CA LEU G 268 -21.55 44.48 14.09
C LEU G 268 -20.98 45.90 14.07
N PRO G 269 -20.50 46.36 12.93
CA PRO G 269 -19.98 47.74 12.87
C PRO G 269 -21.01 48.71 13.42
N LYS G 270 -20.56 49.57 14.34
CA LYS G 270 -21.50 50.42 15.06
C LYS G 270 -22.06 51.51 14.14
N ASN G 271 -21.19 52.29 13.51
CA ASN G 271 -21.61 53.40 12.64
C ASN G 271 -20.84 53.38 11.33
N PRO G 272 -21.18 52.46 10.42
CA PRO G 272 -20.60 52.50 9.07
C PRO G 272 -21.22 53.65 8.28
N ASP G 273 -20.42 54.66 7.95
CA ASP G 273 -20.91 55.85 7.26
C ASP G 273 -20.85 55.72 5.75
N LYS G 274 -20.21 54.68 5.23
CA LYS G 274 -20.04 54.49 3.79
C LYS G 274 -20.87 53.30 3.33
N HIS G 275 -21.73 53.51 2.34
CA HIS G 275 -22.66 52.51 1.86
C HIS G 275 -22.45 52.28 0.37
N LEU G 276 -22.12 51.06 0.00
CA LEU G 276 -21.95 50.66 -1.39
C LEU G 276 -23.01 49.62 -1.75
N GLU G 277 -23.59 49.76 -2.93
CA GLU G 277 -24.54 48.80 -3.46
C GLU G 277 -24.13 48.40 -4.86
N ALA G 278 -24.20 47.10 -5.15
CA ALA G 278 -23.77 46.59 -6.43
C ALA G 278 -24.47 45.26 -6.70
N GLY G 279 -24.51 44.90 -7.98
CA GLY G 279 -25.07 43.62 -8.38
C GLY G 279 -24.30 42.46 -7.80
N CYS G 280 -25.01 41.50 -7.21
CA CYS G 280 -24.34 40.39 -6.53
C CYS G 280 -23.50 39.58 -7.52
N ASP G 281 -24.07 39.28 -8.68
CA ASP G 281 -23.37 38.42 -9.62
C ASP G 281 -22.15 39.13 -10.23
N LEU G 282 -22.34 40.36 -10.70
CA LEU G 282 -21.21 41.10 -11.26
C LEU G 282 -20.09 41.26 -10.23
N LEU G 283 -20.44 41.60 -8.99
CA LEU G 283 -19.45 41.71 -7.94
C LEU G 283 -18.78 40.36 -7.69
N LYS G 284 -19.58 39.30 -7.67
CA LYS G 284 -19.07 37.96 -7.37
C LYS G 284 -18.06 37.51 -8.43
N GLN G 285 -18.41 37.65 -9.70
CA GLN G 285 -17.55 37.16 -10.76
C GLN G 285 -16.31 38.03 -10.92
N ALA G 286 -16.40 39.30 -10.55
CA ALA G 286 -15.22 40.16 -10.57
C ALA G 286 -14.21 39.72 -9.51
N PHE G 287 -14.70 39.45 -8.29
CA PHE G 287 -13.81 38.95 -7.25
C PHE G 287 -13.25 37.58 -7.62
N ALA G 288 -14.08 36.75 -8.26
CA ALA G 288 -13.64 35.40 -8.62
C ALA G 288 -12.52 35.45 -9.65
N ARG G 289 -12.62 36.36 -10.63
CA ARG G 289 -11.55 36.50 -11.61
C ARG G 289 -10.29 37.09 -10.97
N ALA G 290 -10.44 38.14 -10.18
CA ALA G 290 -9.28 38.75 -9.53
C ALA G 290 -8.58 37.78 -8.61
N ALA G 291 -9.33 36.87 -7.96
CA ALA G 291 -8.71 35.92 -7.04
C ALA G 291 -7.69 35.04 -7.74
N ILE G 292 -7.81 34.87 -9.06
CA ILE G 292 -6.90 33.98 -9.78
C ILE G 292 -5.46 34.43 -9.63
N LEU G 293 -5.24 35.74 -9.59
CA LEU G 293 -3.90 36.31 -9.49
C LEU G 293 -3.60 36.84 -8.10
N SER G 294 -4.33 36.39 -7.08
CA SER G 294 -4.01 36.72 -5.71
C SER G 294 -3.04 35.70 -5.14
N ASN G 295 -2.38 36.08 -4.04
CA ASN G 295 -1.48 35.17 -3.35
C ASN G 295 -2.20 33.88 -3.00
N GLU G 296 -1.62 32.75 -3.41
CA GLU G 296 -2.30 31.46 -3.27
C GLU G 296 -2.47 31.07 -1.80
N LYS G 297 -1.64 31.56 -0.90
CA LYS G 297 -1.81 31.22 0.51
C LYS G 297 -2.62 32.26 1.26
N PHE G 298 -2.41 33.54 0.97
CA PHE G 298 -3.05 34.63 1.71
C PHE G 298 -4.23 35.24 0.98
N ARG G 299 -4.33 35.07 -0.34
CA ARG G 299 -5.56 35.33 -1.09
C ARG G 299 -6.00 36.79 -1.01
N GLY G 300 -5.04 37.71 -0.93
CA GLY G 300 -5.37 39.11 -0.75
C GLY G 300 -5.76 39.81 -2.05
N VAL G 301 -6.85 40.59 -1.96
CA VAL G 301 -7.27 41.50 -3.01
C VAL G 301 -7.49 42.86 -2.36
N ARG G 302 -7.46 43.90 -3.19
CA ARG G 302 -7.66 45.27 -2.73
C ARG G 302 -8.94 45.85 -3.32
N LEU G 303 -9.67 46.61 -2.49
CA LEU G 303 -10.85 47.33 -2.92
C LEU G 303 -10.54 48.82 -2.89
N TYR G 304 -10.72 49.49 -4.03
CA TYR G 304 -10.61 50.94 -4.14
C TYR G 304 -12.02 51.47 -4.40
N VAL G 305 -12.55 52.23 -3.44
CA VAL G 305 -13.90 52.77 -3.53
C VAL G 305 -13.82 54.26 -3.80
N SER G 306 -14.56 54.70 -4.81
CA SER G 306 -14.71 56.10 -5.14
C SER G 306 -16.15 56.31 -5.61
N GLU G 307 -16.45 57.53 -6.04
CA GLU G 307 -17.82 57.89 -6.38
C GLU G 307 -18.41 56.95 -7.44
N ASN G 308 -19.34 56.08 -7.03
CA ASN G 308 -20.07 55.17 -7.92
C ASN G 308 -19.15 54.29 -8.76
N GLN G 309 -17.96 53.96 -8.26
CA GLN G 309 -17.07 53.08 -9.00
C GLN G 309 -16.28 52.26 -7.99
N LEU G 310 -16.15 50.96 -8.26
CA LEU G 310 -15.34 50.05 -7.47
C LEU G 310 -14.23 49.46 -8.32
N LYS G 311 -13.01 49.52 -7.81
CA LYS G 311 -11.84 48.92 -8.44
C LYS G 311 -11.30 47.82 -7.53
N ILE G 312 -11.14 46.62 -8.09
CA ILE G 312 -10.62 45.46 -7.38
C ILE G 312 -9.30 45.08 -8.04
N THR G 313 -8.25 44.91 -7.24
CA THR G 313 -6.96 44.48 -7.76
C THR G 313 -6.42 43.30 -6.94
N ALA G 314 -5.55 42.54 -7.59
CA ALA G 314 -4.88 41.42 -6.95
C ALA G 314 -3.50 41.26 -7.57
N ASN G 315 -2.51 40.94 -6.75
CA ASN G 315 -1.17 40.61 -7.23
C ASN G 315 -0.61 39.50 -6.36
N ASN G 316 0.34 38.76 -6.92
CA ASN G 316 0.93 37.57 -6.31
C ASN G 316 2.45 37.68 -6.35
N PRO G 317 3.14 36.75 -5.69
CA PRO G 317 4.63 36.83 -5.67
C PRO G 317 5.25 36.85 -7.05
N GLU G 318 4.60 36.26 -8.05
CA GLU G 318 5.12 36.34 -9.41
C GLU G 318 4.93 37.71 -10.05
N GLN G 319 4.35 38.68 -9.32
CA GLN G 319 4.14 40.04 -9.80
C GLN G 319 3.11 40.11 -10.93
N GLU G 320 2.26 39.11 -11.07
CA GLU G 320 1.12 39.18 -11.96
C GLU G 320 0.02 40.02 -11.30
N GLU G 321 -0.84 40.59 -12.13
CA GLU G 321 -1.86 41.51 -11.61
C GLU G 321 -3.18 41.33 -12.33
N ALA G 322 -4.27 41.46 -11.56
CA ALA G 322 -5.62 41.51 -12.08
C ALA G 322 -6.24 42.84 -11.67
N GLU G 323 -7.10 43.37 -12.52
CA GLU G 323 -7.82 44.61 -12.21
C GLU G 323 -9.23 44.50 -12.74
N GLU G 324 -10.21 44.78 -11.89
CA GLU G 324 -11.62 44.79 -12.24
C GLU G 324 -12.19 46.15 -11.84
N ILE G 325 -12.92 46.77 -12.77
CA ILE G 325 -13.59 48.04 -12.51
C ILE G 325 -15.09 47.82 -12.69
N LEU G 326 -15.87 48.22 -11.69
CA LEU G 326 -17.31 48.02 -11.71
C LEU G 326 -18.02 49.34 -11.44
N ASP G 327 -19.17 49.51 -12.08
CA ASP G 327 -20.06 50.61 -11.73
C ASP G 327 -20.90 50.18 -10.53
N VAL G 328 -20.85 50.95 -9.45
CA VAL G 328 -21.59 50.69 -8.24
C VAL G 328 -22.30 51.97 -7.83
N THR G 329 -23.11 51.87 -6.77
CA THR G 329 -23.75 53.04 -6.17
C THR G 329 -22.99 53.38 -4.90
N TYR G 330 -22.19 54.44 -4.95
CA TYR G 330 -21.42 54.87 -3.80
C TYR G 330 -21.23 56.37 -3.87
N SER G 331 -21.61 57.07 -2.79
CA SER G 331 -21.45 58.52 -2.70
C SER G 331 -20.88 58.88 -1.33
N GLY G 332 -19.69 58.35 -1.03
CA GLY G 332 -19.03 58.59 0.23
C GLY G 332 -17.55 58.84 0.02
N ALA G 333 -16.83 59.00 1.11
CA ALA G 333 -15.42 59.33 1.02
C ALA G 333 -14.64 58.19 0.39
N GLU G 334 -13.65 58.55 -0.43
CA GLU G 334 -12.77 57.54 -1.01
C GLU G 334 -12.04 56.78 0.08
N MET G 335 -11.85 55.48 -0.15
CA MET G 335 -11.12 54.65 0.80
C MET G 335 -10.64 53.40 0.08
N GLU G 336 -9.62 52.78 0.65
CA GLU G 336 -9.05 51.53 0.18
C GLU G 336 -9.06 50.53 1.33
N ILE G 337 -9.35 49.27 1.02
CA ILE G 337 -9.45 48.24 2.05
C ILE G 337 -9.12 46.90 1.42
N GLY G 338 -8.38 46.07 2.18
CA GLY G 338 -7.95 44.77 1.72
C GLY G 338 -8.75 43.67 2.38
N PHE G 339 -8.98 42.58 1.64
CA PHE G 339 -9.76 41.46 2.14
C PHE G 339 -9.20 40.16 1.61
N ASN G 340 -9.40 39.10 2.40
CA ASN G 340 -9.24 37.73 1.92
C ASN G 340 -10.36 37.43 0.94
N VAL G 341 -10.01 37.25 -0.34
CA VAL G 341 -11.03 37.17 -1.38
C VAL G 341 -11.92 35.94 -1.18
N SER G 342 -11.40 34.90 -0.54
CA SER G 342 -12.23 33.73 -0.26
C SER G 342 -13.35 34.08 0.70
N TYR G 343 -13.05 34.86 1.74
CA TYR G 343 -14.08 35.29 2.67
C TYR G 343 -15.16 36.09 1.96
N VAL G 344 -14.76 36.96 1.03
CA VAL G 344 -15.73 37.77 0.29
C VAL G 344 -16.58 36.87 -0.61
N LEU G 345 -15.94 35.94 -1.32
CA LEU G 345 -16.68 35.07 -2.23
C LEU G 345 -17.66 34.18 -1.48
N ASP G 346 -17.27 33.72 -0.28
CA ASP G 346 -18.18 32.90 0.52
C ASP G 346 -19.47 33.65 0.82
N VAL G 347 -19.37 34.92 1.18
CA VAL G 347 -20.56 35.71 1.49
C VAL G 347 -21.43 35.87 0.25
N LEU G 348 -20.83 36.27 -0.87
CA LEU G 348 -21.61 36.50 -2.08
C LEU G 348 -22.24 35.22 -2.59
N ASN G 349 -21.58 34.08 -2.42
CA ASN G 349 -22.20 32.82 -2.79
C ASN G 349 -23.34 32.45 -1.85
N ALA G 350 -23.22 32.80 -0.57
CA ALA G 350 -24.29 32.51 0.38
C ALA G 350 -25.49 33.42 0.16
N LEU G 351 -25.27 34.63 -0.34
CA LEU G 351 -26.36 35.54 -0.66
C LEU G 351 -26.97 35.12 -2.00
N LYS G 352 -28.23 34.70 -1.96
CA LYS G 352 -28.94 34.21 -3.13
C LYS G 352 -29.85 35.30 -3.69
N CYS G 353 -29.24 36.43 -4.03
CA CYS G 353 -30.02 37.64 -4.32
C CYS G 353 -29.43 38.40 -5.50
N GLU G 354 -30.11 39.51 -5.85
CA GLU G 354 -29.80 40.35 -6.99
C GLU G 354 -28.76 41.42 -6.67
N ASN G 355 -28.97 42.18 -5.60
CA ASN G 355 -28.08 43.28 -5.23
C ASN G 355 -27.62 43.11 -3.80
N VAL G 356 -26.39 43.54 -3.53
CA VAL G 356 -25.77 43.45 -2.23
C VAL G 356 -25.42 44.86 -1.75
N ARG G 357 -25.41 45.02 -0.44
CA ARG G 357 -25.04 46.27 0.22
C ARG G 357 -23.85 46.02 1.14
N MET G 358 -22.81 46.83 0.98
CA MET G 358 -21.64 46.82 1.84
C MET G 358 -21.63 48.09 2.67
N MET G 359 -21.39 47.95 3.96
CA MET G 359 -21.34 49.07 4.90
C MET G 359 -19.93 49.13 5.47
N LEU G 360 -19.24 50.24 5.21
CA LEU G 360 -17.82 50.34 5.52
C LEU G 360 -17.57 51.49 6.50
N THR G 361 -16.41 51.43 7.15
CA THR G 361 -15.97 52.49 8.06
C THR G 361 -14.60 53.02 7.65
N ASP G 362 -13.55 52.20 7.75
CA ASP G 362 -12.22 52.59 7.29
C ASP G 362 -11.47 51.31 6.94
N SER G 363 -10.19 51.48 6.57
CA SER G 363 -9.41 50.37 6.03
C SER G 363 -9.04 49.34 7.09
N VAL G 364 -9.20 49.64 8.37
CA VAL G 364 -8.81 48.73 9.44
C VAL G 364 -10.01 48.23 10.24
N SER G 365 -11.22 48.52 9.78
CA SER G 365 -12.43 48.10 10.47
C SER G 365 -13.19 47.11 9.59
N SER G 366 -14.02 46.29 10.25
CA SER G 366 -14.77 45.28 9.53
C SER G 366 -15.77 45.92 8.56
N VAL G 367 -16.25 45.11 7.63
CA VAL G 367 -17.29 45.51 6.69
C VAL G 367 -18.50 44.63 6.96
N GLN G 368 -19.69 45.20 6.85
CA GLN G 368 -20.93 44.46 6.98
C GLN G 368 -21.53 44.31 5.58
N ILE G 369 -21.89 43.08 5.22
CA ILE G 369 -22.43 42.76 3.91
C ILE G 369 -23.77 42.07 4.11
N GLU G 370 -24.74 42.45 3.28
CA GLU G 370 -26.07 41.83 3.34
C GLU G 370 -26.77 42.04 2.01
N ASP G 371 -27.85 41.28 1.82
CA ASP G 371 -28.74 41.51 0.69
C ASP G 371 -29.30 42.92 0.75
N ALA G 372 -29.23 43.63 -0.39
CA ALA G 372 -29.72 45.00 -0.41
C ALA G 372 -31.20 45.07 -0.07
N ALA G 373 -31.95 44.01 -0.32
CA ALA G 373 -33.39 44.00 -0.12
C ALA G 373 -33.82 43.29 1.15
N SER G 374 -32.88 42.85 1.99
CA SER G 374 -33.25 42.11 3.19
C SER G 374 -32.18 42.24 4.26
N GLN G 375 -32.63 42.44 5.50
CA GLN G 375 -31.77 42.41 6.67
C GLN G 375 -31.80 41.07 7.38
N SER G 376 -32.44 40.06 6.78
CA SER G 376 -32.57 38.75 7.41
C SER G 376 -31.20 38.18 7.77
N ALA G 377 -30.23 38.29 6.86
CA ALA G 377 -28.89 37.78 7.08
C ALA G 377 -27.89 38.92 7.01
N ALA G 378 -26.87 38.85 7.85
CA ALA G 378 -25.81 39.86 7.88
C ALA G 378 -24.46 39.17 8.01
N TYR G 379 -23.46 39.71 7.35
CA TYR G 379 -22.13 39.13 7.32
C TYR G 379 -21.11 40.20 7.66
N VAL G 380 -20.20 39.88 8.58
CA VAL G 380 -19.15 40.80 9.03
C VAL G 380 -17.82 40.15 8.69
N VAL G 381 -17.00 40.84 7.90
CA VAL G 381 -15.71 40.33 7.46
C VAL G 381 -14.63 41.32 7.90
N MET G 382 -13.61 40.81 8.56
CA MET G 382 -12.51 41.66 9.02
C MET G 382 -11.49 41.82 7.92
N PRO G 383 -11.01 43.04 7.65
CA PRO G 383 -10.08 43.23 6.53
C PRO G 383 -8.68 42.70 6.83
N MET G 384 -7.80 42.83 5.83
CA MET G 384 -6.38 42.51 5.96
C MET G 384 -5.58 43.79 5.87
N ARG G 385 -4.34 43.72 6.32
CA ARG G 385 -3.46 44.88 6.26
C ARG G 385 -3.08 45.20 4.82
N LEU G 386 -2.97 46.48 4.51
CA LEU G 386 -2.58 46.95 3.19
C LEU G 386 -1.08 47.22 3.16
C ACE H 1 -3.58 40.44 7.80
O ACE H 1 -4.14 41.46 8.05
CH3 ACE H 1 -2.19 40.43 7.24
N GLN H 2 -4.14 39.25 8.01
CA GLN H 2 -5.50 39.13 8.55
C GLN H 2 -5.53 39.66 9.99
N ALC H 3 -6.60 40.59 10.14
CA ALC H 3 -7.07 41.26 11.38
C ALC H 3 -8.20 40.39 11.93
O ALC H 3 -8.86 39.63 11.26
CB ALC H 3 -7.57 42.69 11.13
CG ALC H 3 -6.50 43.67 10.65
CD2 ALC H 3 -7.11 44.85 9.92
CE2 ALC H 3 -6.05 45.86 9.47
CZ ALC H 3 -5.24 46.35 10.65
CE1 ALC H 3 -4.62 45.19 11.40
CD1 ALC H 3 -5.67 44.17 11.83
CA SOQ H 4 -9.12 39.69 14.03
CB SOQ H 4 -8.24 39.06 15.11
CG SOQ H 4 -7.64 37.76 14.67
N SOQ H 4 -8.34 40.72 13.32
C SOQ H 4 -10.38 40.30 14.63
O SOQ H 4 -10.33 41.60 14.70
OD1 SOQ H 4 -7.69 37.37 13.52
OD2 SOQ H 4 -7.09 37.07 15.63
C1 SOQ H 4 -7.50 41.46 14.25
N LEU H 5 -11.70 39.75 14.57
CA LEU H 5 -12.91 40.48 14.94
C LEU H 5 -12.88 40.86 16.41
N ZCL H 6 -12.03 40.09 17.25
O ZCL H 6 -9.98 39.17 19.11
CLZ ZCL H 6 -14.54 34.43 17.65
CE2 ZCL H 6 -13.07 36.17 19.08
CE1 ZCL H 6 -14.84 37.13 17.79
CLE1 ZCL H 6 -16.18 36.99 16.70
CD2 ZCL H 6 -12.71 37.43 19.52
CD1 ZCL H 6 -14.47 38.39 18.23
CB ZCL H 6 -12.96 39.92 19.55
C ZCL H 6 -10.51 40.27 19.17
CZ ZCL H 6 -14.14 36.02 18.22
CG ZCL H 6 -13.40 38.56 19.09
CA ZCL H 6 -11.93 40.58 18.63
OXT ZCL H 6 -9.94 41.32 19.71
C1 GOL I . 13.46 -3.87 -26.39
O1 GOL I . 14.62 -3.35 -25.80
C2 GOL I . 12.34 -3.82 -25.33
O2 GOL I . 12.04 -2.52 -24.93
C3 GOL I . 11.12 -4.51 -25.97
O3 GOL I . 10.94 -3.95 -27.24
K K J . 6.58 -12.23 -18.47
OH2 1PE K . 8.94 18.35 30.70
C12 1PE K . 10.36 18.36 30.46
C22 1PE K . 10.86 19.73 30.19
OH3 1PE K . 10.58 20.08 28.84
C13 1PE K . 11.07 21.54 27.02
C23 1PE K . 10.95 21.40 28.51
OH4 1PE K . 11.03 22.92 26.61
C14 1PE K . 9.08 22.93 25.22
C24 1PE K . 9.72 23.43 26.48
OH5 1PE K . 7.72 22.59 25.47
C15 1PE K . 6.24 20.73 25.84
C25 1PE K . 7.39 21.27 25.02
OH6 1PE K . 6.20 19.31 25.76
C16 1PE K . 5.40 17.44 27.08
C26 1PE K . 5.06 18.76 26.41
OH7 1PE K . 6.59 17.53 27.84
OH4 1PE L . 28.17 -26.81 -2.52
C14 1PE L . 30.16 -28.03 -2.11
C24 1PE L . 28.70 -28.12 -2.37
OH5 1PE L . 30.78 -27.34 -3.19
C15 1PE L . 31.67 -25.31 -2.33
C25 1PE L . 31.99 -26.68 -2.82
OH6 1PE L . 32.86 -24.50 -2.30
C16 1PE L . 33.89 -22.40 -2.89
C26 1PE L . 32.60 -23.13 -2.58
OH7 1PE L . 33.68 -21.35 -3.80
CL CL M . 40.14 -23.02 -16.50
C1 GOL N . 22.69 -37.77 -18.96
O1 GOL N . 23.45 -37.30 -20.05
C2 GOL N . 22.08 -39.14 -19.37
O2 GOL N . 21.64 -39.84 -18.25
C3 GOL N . 23.21 -39.87 -20.12
O3 GOL N . 23.08 -41.25 -19.86
C13 1PE O . 5.90 -11.24 17.65
OH4 1PE O . 5.82 -10.52 18.87
C14 1PE O . 7.05 -9.56 20.66
C24 1PE O . 6.97 -10.68 19.69
OH5 1PE O . 8.17 -9.73 21.52
C15 1PE O . 10.41 -10.37 21.02
C25 1PE O . 9.38 -9.29 20.93
OH6 1PE O . 11.60 -9.93 20.34
C16 1PE O . 12.75 -10.01 18.24
C26 1PE O . 11.98 -10.79 19.27
OH7 1PE O . 13.62 -9.09 18.86
OH3 1PE P . 17.57 2.09 20.58
C13 1PE P . 16.50 0.39 19.29
C23 1PE P . 17.03 1.78 19.30
OH4 1PE P . 15.29 0.34 20.04
C14 1PE P . 13.19 -0.54 19.38
C24 1PE P . 14.57 -0.86 19.86
OH5 1PE P . 13.04 -0.86 18.01
C15 1PE P . 11.55 -1.29 16.18
C25 1PE P . 11.69 -0.85 17.61
OH6 1PE P . 11.74 -2.70 16.10
C16 1PE P . 12.69 -4.58 15.01
C26 1PE P . 12.69 -3.07 15.12
OH7 1PE P . 13.21 -5.18 16.16
OH2 1PE Q . 21.71 -2.91 18.92
C12 1PE Q . 21.50 -1.67 18.27
C22 1PE Q . 20.32 -0.95 18.82
OH3 1PE Q . 20.34 -0.98 20.23
C13 1PE Q . 20.83 0.70 21.84
C23 1PE Q . 19.84 0.20 20.83
OH4 1PE Q . 20.78 -0.09 23.02
C14 1PE Q . 22.00 -2.04 22.40
C24 1PE Q . 21.99 -0.82 23.26
OH5 1PE Q . 23.06 -2.92 22.79
C15 1PE Q . 22.37 -5.05 23.64
C25 1PE Q . 22.76 -3.65 23.97
OH6 1PE Q . 22.01 -5.74 24.82
C16 1PE Q . 22.72 -7.18 26.62
C26 1PE Q . 22.92 -6.77 25.17
OH7 1PE Q . 21.37 -7.40 26.91
CL CL R . 18.11 -5.00 39.04
C1 PEG S . -21.49 -25.22 1.73
O1 PEG S . -22.53 -24.31 1.34
C2 PEG S . -21.61 -26.52 1.02
O2 PEG S . -21.66 -26.34 -0.38
C3 PEG S . -21.44 -27.54 -1.12
C4 PEG S . -22.15 -27.43 -2.45
O4 PEG S . -23.52 -27.58 -2.31
K K T . 8.73 18.41 -10.69
C15 1PE U . 1.06 -20.65 -27.02
OH6 1PE U . 0.92 -21.69 -26.04
C16 1PE U . 1.90 -22.87 -24.18
C26 1PE U . 1.89 -21.61 -25.02
OH7 1PE U . 2.89 -22.82 -23.19
C13 1PE V . -19.52 32.17 -13.66
OH4 1PE V . -18.51 31.86 -14.60
C14 1PE V . -20.15 31.58 -16.31
C24 1PE V . -18.85 32.22 -15.93
OH5 1PE V . -20.27 31.52 -17.72
C15 1PE V . -20.99 30.08 -19.50
C25 1PE V . -21.31 30.65 -18.15
OH6 1PE V . -19.86 29.24 -19.44
C16 1PE V . -19.93 28.54 -21.76
C26 1PE V . -19.93 28.11 -20.30
OH7 1PE V . -19.83 27.43 -22.62
C1 PEG W . -3.08 42.76 0.50
O1 PEG W . -4.34 42.93 1.18
C2 PEG W . -3.25 42.84 -0.97
O2 PEG W . -1.98 42.97 -1.60
C3 PEG W . -1.10 41.88 -1.34
C4 PEG W . -0.49 41.35 -2.62
O4 PEG W . 0.44 40.34 -2.35
OH4 1PE X . -28.46 -2.44 -6.67
C14 1PE X . -30.63 -3.26 -7.26
C24 1PE X . -29.23 -3.02 -7.72
OH5 1PE X . -31.18 -2.06 -6.73
C15 1PE X . -32.67 -0.29 -7.35
C25 1PE X . -32.46 -1.77 -7.27
OH6 1PE X . -32.78 0.27 -6.03
C16 1PE X . -32.47 2.11 -4.53
C26 1PE X . -32.11 1.50 -5.88
OH7 1PE X . -33.61 2.93 -4.63
CL CL Y . -43.58 -4.04 4.50
#